data_1BB7
# 
_entry.id   1BB7 
# 
_audit_conform.dict_name       mmcif_pdbx.dic 
_audit_conform.dict_version    5.399 
_audit_conform.dict_location   http://mmcif.pdb.org/dictionaries/ascii/mmcif_pdbx.dic 
# 
loop_
_database_2.database_id 
_database_2.database_code 
_database_2.pdbx_database_accession 
_database_2.pdbx_DOI 
PDB   1BB7         pdb_00001bb7 10.2210/pdb1bb7/pdb 
WWPDB D_1000171550 ?            ?                   
# 
loop_
_pdbx_audit_revision_history.ordinal 
_pdbx_audit_revision_history.data_content_type 
_pdbx_audit_revision_history.major_revision 
_pdbx_audit_revision_history.minor_revision 
_pdbx_audit_revision_history.revision_date 
1 'Structure model' 1 0 1999-05-04 
2 'Structure model' 1 1 2008-03-24 
3 'Structure model' 1 2 2011-07-13 
4 'Structure model' 1 3 2018-04-18 
5 'Structure model' 1 4 2024-11-20 
# 
_pdbx_audit_revision_details.ordinal             1 
_pdbx_audit_revision_details.revision_ordinal    1 
_pdbx_audit_revision_details.data_content_type   'Structure model' 
_pdbx_audit_revision_details.provider            repository 
_pdbx_audit_revision_details.type                'Initial release' 
_pdbx_audit_revision_details.description         ? 
_pdbx_audit_revision_details.details             ? 
# 
loop_
_pdbx_audit_revision_group.ordinal 
_pdbx_audit_revision_group.revision_ordinal 
_pdbx_audit_revision_group.data_content_type 
_pdbx_audit_revision_group.group 
1 2 'Structure model' 'Version format compliance' 
2 3 'Structure model' 'Version format compliance' 
3 4 'Structure model' 'Data collection'           
4 5 'Structure model' 'Data collection'           
5 5 'Structure model' 'Database references'       
6 5 'Structure model' 'Derived calculations'      
7 5 'Structure model' 'Structure summary'         
# 
loop_
_pdbx_audit_revision_category.ordinal 
_pdbx_audit_revision_category.revision_ordinal 
_pdbx_audit_revision_category.data_content_type 
_pdbx_audit_revision_category.category 
1 4 'Structure model' diffrn_detector           
2 5 'Structure model' chem_comp_atom            
3 5 'Structure model' chem_comp_bond            
4 5 'Structure model' database_2                
5 5 'Structure model' pdbx_entry_details        
6 5 'Structure model' pdbx_modification_feature 
7 5 'Structure model' struct_ref_seq_dif        
8 5 'Structure model' struct_site               
# 
loop_
_pdbx_audit_revision_item.ordinal 
_pdbx_audit_revision_item.revision_ordinal 
_pdbx_audit_revision_item.data_content_type 
_pdbx_audit_revision_item.item 
1 4 'Structure model' '_diffrn_detector.detector'           
2 5 'Structure model' '_database_2.pdbx_DOI'                
3 5 'Structure model' '_database_2.pdbx_database_accession' 
4 5 'Structure model' '_struct_ref_seq_dif.details'         
5 5 'Structure model' '_struct_site.pdbx_auth_asym_id'      
6 5 'Structure model' '_struct_site.pdbx_auth_comp_id'      
7 5 'Structure model' '_struct_site.pdbx_auth_seq_id'       
# 
_pdbx_database_status.status_code                     REL 
_pdbx_database_status.entry_id                        1BB7 
_pdbx_database_status.recvd_initial_deposition_date   1998-04-29 
_pdbx_database_status.deposit_site                    ? 
_pdbx_database_status.process_site                    BNL 
_pdbx_database_status.SG_entry                        . 
_pdbx_database_status.pdb_format_compatible           Y 
_pdbx_database_status.status_code_mr                  ? 
_pdbx_database_status.status_code_sf                  ? 
_pdbx_database_status.status_code_cs                  ? 
_pdbx_database_status.methods_development_category    ? 
_pdbx_database_status.status_code_nmr_data            ? 
# 
loop_
_audit_author.name 
_audit_author.pdbx_ordinal 
'Vollan, V.B.' 1 
'Hough, E.'    2 
'Karlsen, S.'  3 
# 
loop_
_citation.id 
_citation.title 
_citation.journal_abbrev 
_citation.journal_volume 
_citation.page_first 
_citation.page_last 
_citation.year 
_citation.journal_id_ASTM 
_citation.country 
_citation.journal_id_ISSN 
_citation.journal_id_CSD 
_citation.book_publisher 
_citation.pdbx_database_id_PubMed 
_citation.pdbx_database_id_DOI 
primary 'Structural studies on the binding of 4-methylumbelliferone glycosides of chitin to rainbow trout lysozyme.' 
'Acta Crystallogr.,Sect.D' 55 60  66 1999 ABCRE6 DK 0907-4449 0766 ? 10089395 10.1107/S0907444998006623 
1       
;Crystal Structures of Three Complexes between Chito-Oligosaccharides and Lysozyme from the Rainbow Trout. How Distorted is the Nag Sugar in Site D?
;
'Acta Crystallogr.,Sect.D' 51 962 ?  1995 ABCRE6 DK 0907-4449 0766 ? ?        ?                         
2       'Refined Crystal Structure of Lysozyme from the Rainbow Trout (Oncorhynchus Mykiss)' 'Acta Crystallogr.,Sect.D' 51 354 ?  
1995 ABCRE6 DK 0907-4449 0766 ? ?        ?                         
# 
loop_
_citation_author.citation_id 
_citation_author.name 
_citation_author.ordinal 
_citation_author.identifier_ORCID 
primary 'Vollan, V.B.'   1  ? 
primary 'Hough, E.'      2  ? 
primary 'Karlsen, S.'    3  ? 
1       'Karlsen, S.'    4  ? 
1       'Hough, E.'      5  ? 
2       'Karlsen, S.'    6  ? 
2       'Eliassen, B.E.' 7  ? 
2       'Hansen, L.K.'   8  ? 
2       'Larsen, R.L.'   9  ? 
2       'Riise, B.W.'    10 ? 
2       'Smalas, A.O.'   11 ? 
2       'Hough, E.'      12 ? 
2       'Grinde, B.'     13 ? 
# 
loop_
_entity.id 
_entity.type 
_entity.src_method 
_entity.pdbx_description 
_entity.formula_weight 
_entity.pdbx_number_of_molecules 
_entity.pdbx_ec 
_entity.pdbx_mutation 
_entity.pdbx_fragment 
_entity.details 
1 polymer     nat LYSOZYME                                  14303.068 1   3.2.1.17 ? ? ? 
2 non-polymer syn 4-METHYL-UMBELLIFERYL-N-ACETYL-CHITOBIOSE 582.554   1   ?        ? ? ? 
3 water       nat water                                     18.015    133 ?        ? ? ? 
# 
_entity_name_com.entity_id   1 
_entity_name_com.name        N-ACETYL-MURAMIDASE 
# 
_entity_poly.entity_id                      1 
_entity_poly.type                           'polypeptide(L)' 
_entity_poly.nstd_linkage                   no 
_entity_poly.nstd_monomer                   no 
_entity_poly.pdbx_seq_one_letter_code       
;KVYDRCELARALKASGMDGYAGNSLPNWVCLSKWESSYNTQATNRNTDGSTDYGIFQINSRYWCDDGRTPGAKNVCGIRC
SQLLTDDLTVAIRCAKRVVLDPNGIGAWVAWRLHCQNQDLRSYVAGCGV
;
_entity_poly.pdbx_seq_one_letter_code_can   
;KVYDRCELARALKASGMDGYAGNSLPNWVCLSKWESSYNTQATNRNTDGSTDYGIFQINSRYWCDDGRTPGAKNVCGIRC
SQLLTDDLTVAIRCAKRVVLDPNGIGAWVAWRLHCQNQDLRSYVAGCGV
;
_entity_poly.pdbx_strand_id                 A 
_entity_poly.pdbx_target_identifier         ? 
# 
loop_
_pdbx_entity_nonpoly.entity_id 
_pdbx_entity_nonpoly.name 
_pdbx_entity_nonpoly.comp_id 
2 4-METHYL-UMBELLIFERYL-N-ACETYL-CHITOBIOSE GUM 
3 water                                     HOH 
# 
loop_
_entity_poly_seq.entity_id 
_entity_poly_seq.num 
_entity_poly_seq.mon_id 
_entity_poly_seq.hetero 
1 1   LYS n 
1 2   VAL n 
1 3   TYR n 
1 4   ASP n 
1 5   ARG n 
1 6   CYS n 
1 7   GLU n 
1 8   LEU n 
1 9   ALA n 
1 10  ARG n 
1 11  ALA n 
1 12  LEU n 
1 13  LYS n 
1 14  ALA n 
1 15  SER n 
1 16  GLY n 
1 17  MET n 
1 18  ASP n 
1 19  GLY n 
1 20  TYR n 
1 21  ALA n 
1 22  GLY n 
1 23  ASN n 
1 24  SER n 
1 25  LEU n 
1 26  PRO n 
1 27  ASN n 
1 28  TRP n 
1 29  VAL n 
1 30  CYS n 
1 31  LEU n 
1 32  SER n 
1 33  LYS n 
1 34  TRP n 
1 35  GLU n 
1 36  SER n 
1 37  SER n 
1 38  TYR n 
1 39  ASN n 
1 40  THR n 
1 41  GLN n 
1 42  ALA n 
1 43  THR n 
1 44  ASN n 
1 45  ARG n 
1 46  ASN n 
1 47  THR n 
1 48  ASP n 
1 49  GLY n 
1 50  SER n 
1 51  THR n 
1 52  ASP n 
1 53  TYR n 
1 54  GLY n 
1 55  ILE n 
1 56  PHE n 
1 57  GLN n 
1 58  ILE n 
1 59  ASN n 
1 60  SER n 
1 61  ARG n 
1 62  TYR n 
1 63  TRP n 
1 64  CYS n 
1 65  ASP n 
1 66  ASP n 
1 67  GLY n 
1 68  ARG n 
1 69  THR n 
1 70  PRO n 
1 71  GLY n 
1 72  ALA n 
1 73  LYS n 
1 74  ASN n 
1 75  VAL n 
1 76  CYS n 
1 77  GLY n 
1 78  ILE n 
1 79  ARG n 
1 80  CYS n 
1 81  SER n 
1 82  GLN n 
1 83  LEU n 
1 84  LEU n 
1 85  THR n 
1 86  ASP n 
1 87  ASP n 
1 88  LEU n 
1 89  THR n 
1 90  VAL n 
1 91  ALA n 
1 92  ILE n 
1 93  ARG n 
1 94  CYS n 
1 95  ALA n 
1 96  LYS n 
1 97  ARG n 
1 98  VAL n 
1 99  VAL n 
1 100 LEU n 
1 101 ASP n 
1 102 PRO n 
1 103 ASN n 
1 104 GLY n 
1 105 ILE n 
1 106 GLY n 
1 107 ALA n 
1 108 TRP n 
1 109 VAL n 
1 110 ALA n 
1 111 TRP n 
1 112 ARG n 
1 113 LEU n 
1 114 HIS n 
1 115 CYS n 
1 116 GLN n 
1 117 ASN n 
1 118 GLN n 
1 119 ASP n 
1 120 LEU n 
1 121 ARG n 
1 122 SER n 
1 123 TYR n 
1 124 VAL n 
1 125 ALA n 
1 126 GLY n 
1 127 CYS n 
1 128 GLY n 
1 129 VAL n 
# 
_entity_src_nat.entity_id                  1 
_entity_src_nat.pdbx_src_id                1 
_entity_src_nat.pdbx_alt_source_flag       sample 
_entity_src_nat.pdbx_beg_seq_num           ? 
_entity_src_nat.pdbx_end_seq_num           ? 
_entity_src_nat.common_name                'rainbow trout' 
_entity_src_nat.pdbx_organism_scientific   'Oncorhynchus mykiss' 
_entity_src_nat.pdbx_ncbi_taxonomy_id      8022 
_entity_src_nat.genus                      Oncorhynchus 
_entity_src_nat.species                    ? 
_entity_src_nat.strain                     ? 
_entity_src_nat.tissue                     ? 
_entity_src_nat.tissue_fraction            ? 
_entity_src_nat.pdbx_secretion             ? 
_entity_src_nat.pdbx_fragment              ? 
_entity_src_nat.pdbx_variant               ? 
_entity_src_nat.pdbx_cell_line             ? 
_entity_src_nat.pdbx_atcc                  ? 
_entity_src_nat.pdbx_cellular_location     ? 
_entity_src_nat.pdbx_organ                 KIDNEY 
_entity_src_nat.pdbx_organelle             ? 
_entity_src_nat.pdbx_cell                  ? 
_entity_src_nat.pdbx_plasmid_name          ? 
_entity_src_nat.pdbx_plasmid_details       ? 
_entity_src_nat.details                    ? 
# 
loop_
_chem_comp.id 
_chem_comp.type 
_chem_comp.mon_nstd_flag 
_chem_comp.name 
_chem_comp.pdbx_synonyms 
_chem_comp.formula 
_chem_comp.formula_weight 
ALA 'L-peptide linking' y ALANINE                                   ?                                 'C3 H7 N O2'     89.093  
ARG 'L-peptide linking' y ARGININE                                  ?                                 'C6 H15 N4 O2 1' 175.209 
ASN 'L-peptide linking' y ASPARAGINE                                ?                                 'C4 H8 N2 O3'    132.118 
ASP 'L-peptide linking' y 'ASPARTIC ACID'                           ?                                 'C4 H7 N O4'     133.103 
CYS 'L-peptide linking' y CYSTEINE                                  ?                                 'C3 H7 N O2 S'   121.158 
GLN 'L-peptide linking' y GLUTAMINE                                 ?                                 'C5 H10 N2 O3'   146.144 
GLU 'L-peptide linking' y 'GLUTAMIC ACID'                           ?                                 'C5 H9 N O4'     147.129 
GLY 'peptide linking'   y GLYCINE                                   ?                                 'C2 H5 N O2'     75.067  
GUM non-polymer         . 4-METHYL-UMBELLIFERYL-N-ACETYL-CHITOBIOSE '4-METHYLUMBELLIFERYL CHITOBIOSE' 'C26 H34 N2 O13' 582.554 
HIS 'L-peptide linking' y HISTIDINE                                 ?                                 'C6 H10 N3 O2 1' 156.162 
HOH non-polymer         . WATER                                     ?                                 'H2 O'           18.015  
ILE 'L-peptide linking' y ISOLEUCINE                                ?                                 'C6 H13 N O2'    131.173 
LEU 'L-peptide linking' y LEUCINE                                   ?                                 'C6 H13 N O2'    131.173 
LYS 'L-peptide linking' y LYSINE                                    ?                                 'C6 H15 N2 O2 1' 147.195 
MET 'L-peptide linking' y METHIONINE                                ?                                 'C5 H11 N O2 S'  149.211 
PHE 'L-peptide linking' y PHENYLALANINE                             ?                                 'C9 H11 N O2'    165.189 
PRO 'L-peptide linking' y PROLINE                                   ?                                 'C5 H9 N O2'     115.130 
SER 'L-peptide linking' y SERINE                                    ?                                 'C3 H7 N O3'     105.093 
THR 'L-peptide linking' y THREONINE                                 ?                                 'C4 H9 N O3'     119.119 
TRP 'L-peptide linking' y TRYPTOPHAN                                ?                                 'C11 H12 N2 O2'  204.225 
TYR 'L-peptide linking' y TYROSINE                                  ?                                 'C9 H11 N O3'    181.189 
VAL 'L-peptide linking' y VALINE                                    ?                                 'C5 H11 N O2'    117.146 
# 
loop_
_pdbx_poly_seq_scheme.asym_id 
_pdbx_poly_seq_scheme.entity_id 
_pdbx_poly_seq_scheme.seq_id 
_pdbx_poly_seq_scheme.mon_id 
_pdbx_poly_seq_scheme.ndb_seq_num 
_pdbx_poly_seq_scheme.pdb_seq_num 
_pdbx_poly_seq_scheme.auth_seq_num 
_pdbx_poly_seq_scheme.pdb_mon_id 
_pdbx_poly_seq_scheme.auth_mon_id 
_pdbx_poly_seq_scheme.pdb_strand_id 
_pdbx_poly_seq_scheme.pdb_ins_code 
_pdbx_poly_seq_scheme.hetero 
A 1 1   LYS 1   1   1   LYS LYS A . n 
A 1 2   VAL 2   2   2   VAL VAL A . n 
A 1 3   TYR 3   3   3   TYR TYR A . n 
A 1 4   ASP 4   4   4   ASP ASP A . n 
A 1 5   ARG 5   5   5   ARG ARG A . n 
A 1 6   CYS 6   6   6   CYS CYS A . n 
A 1 7   GLU 7   7   7   GLU GLU A . n 
A 1 8   LEU 8   8   8   LEU LEU A . n 
A 1 9   ALA 9   9   9   ALA ALA A . n 
A 1 10  ARG 10  10  10  ARG ARG A . n 
A 1 11  ALA 11  11  11  ALA ALA A . n 
A 1 12  LEU 12  12  12  LEU LEU A . n 
A 1 13  LYS 13  13  13  LYS LYS A . n 
A 1 14  ALA 14  14  14  ALA ALA A . n 
A 1 15  SER 15  15  15  SER SER A . n 
A 1 16  GLY 16  16  16  GLY GLY A . n 
A 1 17  MET 17  17  17  MET MET A . n 
A 1 18  ASP 18  18  18  ASP ASP A . n 
A 1 19  GLY 19  19  19  GLY GLY A . n 
A 1 20  TYR 20  20  20  TYR TYR A . n 
A 1 21  ALA 21  21  21  ALA ALA A . n 
A 1 22  GLY 22  22  22  GLY GLY A . n 
A 1 23  ASN 23  23  23  ASN ASN A . n 
A 1 24  SER 24  24  24  SER SER A . n 
A 1 25  LEU 25  25  25  LEU LEU A . n 
A 1 26  PRO 26  26  26  PRO PRO A . n 
A 1 27  ASN 27  27  27  ASN ASN A . n 
A 1 28  TRP 28  28  28  TRP TRP A . n 
A 1 29  VAL 29  29  29  VAL VAL A . n 
A 1 30  CYS 30  30  30  CYS CYS A . n 
A 1 31  LEU 31  31  31  LEU LEU A . n 
A 1 32  SER 32  32  32  SER SER A . n 
A 1 33  LYS 33  33  33  LYS LYS A . n 
A 1 34  TRP 34  34  34  TRP TRP A . n 
A 1 35  GLU 35  35  35  GLU GLU A . n 
A 1 36  SER 36  36  36  SER SER A . n 
A 1 37  SER 37  37  37  SER SER A . n 
A 1 38  TYR 38  38  38  TYR TYR A . n 
A 1 39  ASN 39  39  39  ASN ASN A . n 
A 1 40  THR 40  40  40  THR THR A . n 
A 1 41  GLN 41  41  41  GLN GLN A . n 
A 1 42  ALA 42  42  42  ALA ALA A . n 
A 1 43  THR 43  43  43  THR THR A . n 
A 1 44  ASN 44  44  44  ASN ASN A . n 
A 1 45  ARG 45  45  45  ARG ARG A . n 
A 1 46  ASN 46  46  46  ASN ASN A . n 
A 1 47  THR 47  47  47  THR THR A . n 
A 1 48  ASP 48  48  48  ASP ASP A . n 
A 1 49  GLY 49  49  49  GLY GLY A . n 
A 1 50  SER 50  50  50  SER SER A . n 
A 1 51  THR 51  51  51  THR THR A . n 
A 1 52  ASP 52  52  52  ASP ASP A . n 
A 1 53  TYR 53  53  53  TYR TYR A . n 
A 1 54  GLY 54  54  54  GLY GLY A . n 
A 1 55  ILE 55  55  55  ILE ILE A . n 
A 1 56  PHE 56  56  56  PHE PHE A . n 
A 1 57  GLN 57  57  57  GLN GLN A . n 
A 1 58  ILE 58  58  58  ILE ILE A . n 
A 1 59  ASN 59  59  59  ASN ASN A . n 
A 1 60  SER 60  60  60  SER SER A . n 
A 1 61  ARG 61  61  61  ARG ARG A . n 
A 1 62  TYR 62  62  62  TYR TYR A . n 
A 1 63  TRP 63  63  63  TRP TRP A . n 
A 1 64  CYS 64  64  64  CYS CYS A . n 
A 1 65  ASP 65  65  65  ASP ASP A . n 
A 1 66  ASP 66  66  66  ASP ASP A . n 
A 1 67  GLY 67  67  67  GLY GLY A . n 
A 1 68  ARG 68  68  68  ARG ARG A . n 
A 1 69  THR 69  69  69  THR THR A . n 
A 1 70  PRO 70  70  70  PRO PRO A . n 
A 1 71  GLY 71  71  71  GLY GLY A . n 
A 1 72  ALA 72  72  72  ALA ALA A . n 
A 1 73  LYS 73  73  73  LYS LYS A . n 
A 1 74  ASN 74  74  74  ASN ASN A . n 
A 1 75  VAL 75  75  75  VAL VAL A . n 
A 1 76  CYS 76  76  76  CYS CYS A . n 
A 1 77  GLY 77  77  77  GLY GLY A . n 
A 1 78  ILE 78  78  78  ILE ILE A . n 
A 1 79  ARG 79  79  79  ARG ARG A . n 
A 1 80  CYS 80  80  80  CYS CYS A . n 
A 1 81  SER 81  81  81  SER SER A . n 
A 1 82  GLN 82  82  82  GLN GLN A . n 
A 1 83  LEU 83  83  83  LEU LEU A . n 
A 1 84  LEU 84  84  84  LEU LEU A . n 
A 1 85  THR 85  85  85  THR THR A . n 
A 1 86  ASP 86  86  86  ASP ASP A . n 
A 1 87  ASP 87  87  87  ASP ASP A . n 
A 1 88  LEU 88  88  88  LEU LEU A . n 
A 1 89  THR 89  89  89  THR THR A . n 
A 1 90  VAL 90  90  90  VAL VAL A . n 
A 1 91  ALA 91  91  91  ALA ALA A . n 
A 1 92  ILE 92  92  92  ILE ILE A . n 
A 1 93  ARG 93  93  93  ARG ARG A . n 
A 1 94  CYS 94  94  94  CYS CYS A . n 
A 1 95  ALA 95  95  95  ALA ALA A . n 
A 1 96  LYS 96  96  96  LYS LYS A . n 
A 1 97  ARG 97  97  97  ARG ARG A . n 
A 1 98  VAL 98  98  98  VAL VAL A . n 
A 1 99  VAL 99  99  99  VAL VAL A . n 
A 1 100 LEU 100 100 100 LEU LEU A . n 
A 1 101 ASP 101 101 101 ASP ASP A . n 
A 1 102 PRO 102 102 102 PRO PRO A . n 
A 1 103 ASN 103 103 103 ASN ASN A . n 
A 1 104 GLY 104 104 104 GLY GLY A . n 
A 1 105 ILE 105 105 105 ILE ILE A . n 
A 1 106 GLY 106 106 106 GLY GLY A . n 
A 1 107 ALA 107 107 107 ALA ALA A . n 
A 1 108 TRP 108 108 108 TRP TRP A . n 
A 1 109 VAL 109 109 109 VAL VAL A . n 
A 1 110 ALA 110 110 110 ALA ALA A . n 
A 1 111 TRP 111 111 111 TRP TRP A . n 
A 1 112 ARG 112 112 112 ARG ARG A . n 
A 1 113 LEU 113 113 113 LEU LEU A . n 
A 1 114 HIS 114 114 114 HIS HIS A . n 
A 1 115 CYS 115 115 115 CYS CYS A . n 
A 1 116 GLN 116 116 116 GLN GLN A . n 
A 1 117 ASN 117 117 117 ASN ASN A . n 
A 1 118 GLN 118 118 118 GLN GLN A . n 
A 1 119 ASP 119 119 119 ASP ASP A . n 
A 1 120 LEU 120 120 120 LEU LEU A . n 
A 1 121 ARG 121 121 121 ARG ARG A . n 
A 1 122 SER 122 122 122 SER SER A . n 
A 1 123 TYR 123 123 123 TYR TYR A . n 
A 1 124 VAL 124 124 124 VAL VAL A . n 
A 1 125 ALA 125 125 125 ALA ALA A . n 
A 1 126 GLY 126 126 126 GLY GLY A . n 
A 1 127 CYS 127 127 127 CYS CYS A . n 
A 1 128 GLY 128 128 128 GLY GLY A . n 
A 1 129 VAL 129 129 129 VAL VAL A . n 
# 
loop_
_pdbx_nonpoly_scheme.asym_id 
_pdbx_nonpoly_scheme.entity_id 
_pdbx_nonpoly_scheme.mon_id 
_pdbx_nonpoly_scheme.ndb_seq_num 
_pdbx_nonpoly_scheme.pdb_seq_num 
_pdbx_nonpoly_scheme.auth_seq_num 
_pdbx_nonpoly_scheme.pdb_mon_id 
_pdbx_nonpoly_scheme.auth_mon_id 
_pdbx_nonpoly_scheme.pdb_strand_id 
_pdbx_nonpoly_scheme.pdb_ins_code 
B 2 GUM 1   130 130 GUM GUM A . 
C 3 HOH 1   134 134 HOH HOH A . 
C 3 HOH 2   135 135 HOH HOH A . 
C 3 HOH 3   136 136 HOH HOH A . 
C 3 HOH 4   137 137 HOH HOH A . 
C 3 HOH 5   138 138 HOH HOH A . 
C 3 HOH 6   139 139 HOH HOH A . 
C 3 HOH 7   140 140 HOH HOH A . 
C 3 HOH 8   141 141 HOH HOH A . 
C 3 HOH 9   142 142 HOH HOH A . 
C 3 HOH 10  143 143 HOH HOH A . 
C 3 HOH 11  144 144 HOH HOH A . 
C 3 HOH 12  145 145 HOH HOH A . 
C 3 HOH 13  146 146 HOH HOH A . 
C 3 HOH 14  147 147 HOH HOH A . 
C 3 HOH 15  148 148 HOH HOH A . 
C 3 HOH 16  149 149 HOH HOH A . 
C 3 HOH 17  150 150 HOH HOH A . 
C 3 HOH 18  151 151 HOH HOH A . 
C 3 HOH 19  152 152 HOH HOH A . 
C 3 HOH 20  153 153 HOH HOH A . 
C 3 HOH 21  154 154 HOH HOH A . 
C 3 HOH 22  155 155 HOH HOH A . 
C 3 HOH 23  156 156 HOH HOH A . 
C 3 HOH 24  157 157 HOH HOH A . 
C 3 HOH 25  158 158 HOH HOH A . 
C 3 HOH 26  159 159 HOH HOH A . 
C 3 HOH 27  160 160 HOH HOH A . 
C 3 HOH 28  161 161 HOH HOH A . 
C 3 HOH 29  162 162 HOH HOH A . 
C 3 HOH 30  163 163 HOH HOH A . 
C 3 HOH 31  164 164 HOH HOH A . 
C 3 HOH 32  165 165 HOH HOH A . 
C 3 HOH 33  166 166 HOH HOH A . 
C 3 HOH 34  167 167 HOH HOH A . 
C 3 HOH 35  168 168 HOH HOH A . 
C 3 HOH 36  169 169 HOH HOH A . 
C 3 HOH 37  170 170 HOH HOH A . 
C 3 HOH 38  171 171 HOH HOH A . 
C 3 HOH 39  172 172 HOH HOH A . 
C 3 HOH 40  173 173 HOH HOH A . 
C 3 HOH 41  174 174 HOH HOH A . 
C 3 HOH 42  175 175 HOH HOH A . 
C 3 HOH 43  176 176 HOH HOH A . 
C 3 HOH 44  177 177 HOH HOH A . 
C 3 HOH 45  178 178 HOH HOH A . 
C 3 HOH 46  179 179 HOH HOH A . 
C 3 HOH 47  180 180 HOH HOH A . 
C 3 HOH 48  181 181 HOH HOH A . 
C 3 HOH 49  182 182 HOH HOH A . 
C 3 HOH 50  183 183 HOH HOH A . 
C 3 HOH 51  184 184 HOH HOH A . 
C 3 HOH 52  185 185 HOH HOH A . 
C 3 HOH 53  186 186 HOH HOH A . 
C 3 HOH 54  187 187 HOH HOH A . 
C 3 HOH 55  188 188 HOH HOH A . 
C 3 HOH 56  189 189 HOH HOH A . 
C 3 HOH 57  190 190 HOH HOH A . 
C 3 HOH 58  191 191 HOH HOH A . 
C 3 HOH 59  192 192 HOH HOH A . 
C 3 HOH 60  193 193 HOH HOH A . 
C 3 HOH 61  194 194 HOH HOH A . 
C 3 HOH 62  195 195 HOH HOH A . 
C 3 HOH 63  196 196 HOH HOH A . 
C 3 HOH 64  197 197 HOH HOH A . 
C 3 HOH 65  198 198 HOH HOH A . 
C 3 HOH 66  199 199 HOH HOH A . 
C 3 HOH 67  200 200 HOH HOH A . 
C 3 HOH 68  201 201 HOH HOH A . 
C 3 HOH 69  202 202 HOH HOH A . 
C 3 HOH 70  203 203 HOH HOH A . 
C 3 HOH 71  204 204 HOH HOH A . 
C 3 HOH 72  205 205 HOH HOH A . 
C 3 HOH 73  206 206 HOH HOH A . 
C 3 HOH 74  207 207 HOH HOH A . 
C 3 HOH 75  208 208 HOH HOH A . 
C 3 HOH 76  209 209 HOH HOH A . 
C 3 HOH 77  210 210 HOH HOH A . 
C 3 HOH 78  211 211 HOH HOH A . 
C 3 HOH 79  212 212 HOH HOH A . 
C 3 HOH 80  213 213 HOH HOH A . 
C 3 HOH 81  214 214 HOH HOH A . 
C 3 HOH 82  215 215 HOH HOH A . 
C 3 HOH 83  216 216 HOH HOH A . 
C 3 HOH 84  217 217 HOH HOH A . 
C 3 HOH 85  218 218 HOH HOH A . 
C 3 HOH 86  219 219 HOH HOH A . 
C 3 HOH 87  220 220 HOH HOH A . 
C 3 HOH 88  221 221 HOH HOH A . 
C 3 HOH 89  222 222 HOH HOH A . 
C 3 HOH 90  223 223 HOH HOH A . 
C 3 HOH 91  224 224 HOH HOH A . 
C 3 HOH 92  225 225 HOH HOH A . 
C 3 HOH 93  226 226 HOH HOH A . 
C 3 HOH 94  227 227 HOH HOH A . 
C 3 HOH 95  228 228 HOH HOH A . 
C 3 HOH 96  229 229 HOH HOH A . 
C 3 HOH 97  230 230 HOH HOH A . 
C 3 HOH 98  231 231 HOH HOH A . 
C 3 HOH 99  232 232 HOH HOH A . 
C 3 HOH 100 233 233 HOH HOH A . 
C 3 HOH 101 234 234 HOH HOH A . 
C 3 HOH 102 235 235 HOH HOH A . 
C 3 HOH 103 236 236 HOH HOH A . 
C 3 HOH 104 237 237 HOH HOH A . 
C 3 HOH 105 238 238 HOH HOH A . 
C 3 HOH 106 239 239 HOH HOH A . 
C 3 HOH 107 240 240 HOH HOH A . 
C 3 HOH 108 241 241 HOH HOH A . 
C 3 HOH 109 242 242 HOH HOH A . 
C 3 HOH 110 243 243 HOH HOH A . 
C 3 HOH 111 244 244 HOH HOH A . 
C 3 HOH 112 245 245 HOH HOH A . 
C 3 HOH 113 246 246 HOH HOH A . 
C 3 HOH 114 247 247 HOH HOH A . 
C 3 HOH 115 248 248 HOH HOH A . 
C 3 HOH 116 249 249 HOH HOH A . 
C 3 HOH 117 250 250 HOH HOH A . 
C 3 HOH 118 251 251 HOH HOH A . 
C 3 HOH 119 252 252 HOH HOH A . 
C 3 HOH 120 253 253 HOH HOH A . 
C 3 HOH 121 254 254 HOH HOH A . 
C 3 HOH 122 255 255 HOH HOH A . 
C 3 HOH 123 256 256 HOH HOH A . 
C 3 HOH 124 257 257 HOH HOH A . 
C 3 HOH 125 258 258 HOH HOH A . 
C 3 HOH 126 259 259 HOH HOH A . 
C 3 HOH 127 260 260 HOH HOH A . 
C 3 HOH 128 261 261 HOH HOH A . 
C 3 HOH 129 262 262 HOH HOH A . 
C 3 HOH 130 263 263 HOH HOH A . 
C 3 HOH 131 264 264 HOH HOH A . 
C 3 HOH 132 265 265 HOH HOH A . 
C 3 HOH 133 266 266 HOH HOH A . 
# 
loop_
_software.name 
_software.classification 
_software.version 
_software.citation_id 
_software.pdbx_ordinal 
MADNES 'data collection' .         ? 1 
SCALA  'data scaling'    .         ? 2 
CCP4   'model building'  .         ? 3 
PROLSQ refinement        .         ? 4 
MADNES 'data reduction'  .         ? 5 
CCP4   'data scaling'    '(SCALA)' ? 6 
CCP4   phasing           .         ? 7 
# 
_cell.entry_id           1BB7 
_cell.length_a           76.420 
_cell.length_b           76.420 
_cell.length_c           54.190 
_cell.angle_alpha        90.00 
_cell.angle_beta         90.00 
_cell.angle_gamma        120.00 
_cell.Z_PDB              6 
_cell.pdbx_unique_axis   ? 
# 
_symmetry.entry_id                         1BB7 
_symmetry.space_group_name_H-M             'P 31 2 1' 
_symmetry.pdbx_full_space_group_name_H-M   ? 
_symmetry.cell_setting                     ? 
_symmetry.Int_Tables_number                152 
# 
_exptl.entry_id          1BB7 
_exptl.method            'X-RAY DIFFRACTION' 
_exptl.crystals_number   1 
# 
_exptl_crystal.id                    1 
_exptl_crystal.density_meas          ? 
_exptl_crystal.density_Matthews      3.20 
_exptl_crystal.density_percent_sol   62.0 
_exptl_crystal.description           ? 
# 
_exptl_crystal_grow.crystal_id      1 
_exptl_crystal_grow.method          ? 
_exptl_crystal_grow.temp            ? 
_exptl_crystal_grow.temp_details    ? 
_exptl_crystal_grow.pH              10.0 
_exptl_crystal_grow.pdbx_pH_range   ? 
_exptl_crystal_grow.pdbx_details    'pH 10.0' 
# 
_diffrn.id                     1 
_diffrn.ambient_temp           298 
_diffrn.ambient_temp_details   ? 
_diffrn.crystal_id             1 
# 
_diffrn_detector.diffrn_id              1 
_diffrn_detector.detector               DIFFRACTOMETER 
_diffrn_detector.type                   'ENRAF-NONIUS FAST' 
_diffrn_detector.pdbx_collection_date   1996-03 
_diffrn_detector.details                ? 
# 
_diffrn_radiation.diffrn_id                        1 
_diffrn_radiation.wavelength_id                    1 
_diffrn_radiation.pdbx_monochromatic_or_laue_m_l   M 
_diffrn_radiation.monochromator                    'GRAPHITE(002)' 
_diffrn_radiation.pdbx_diffrn_protocol             ? 
_diffrn_radiation.pdbx_scattering_type             x-ray 
# 
_diffrn_radiation_wavelength.id           1 
_diffrn_radiation_wavelength.wavelength   1.5418 
_diffrn_radiation_wavelength.wt           1.0 
# 
_diffrn_source.diffrn_id                   1 
_diffrn_source.source                      'ROTATING ANODE' 
_diffrn_source.type                        'ENRAF-NONIUS FR571' 
_diffrn_source.pdbx_synchrotron_site       ? 
_diffrn_source.pdbx_synchrotron_beamline   ? 
_diffrn_source.pdbx_wavelength             1.5418 
_diffrn_source.pdbx_wavelength_list        ? 
# 
_reflns.entry_id                     1BB7 
_reflns.observed_criterion_sigma_I   1 
_reflns.observed_criterion_sigma_F   ? 
_reflns.d_resolution_low             22.0 
_reflns.d_resolution_high            2.0 
_reflns.number_obs                   11498 
_reflns.number_all                   ? 
_reflns.percent_possible_obs         91.8 
_reflns.pdbx_Rmerge_I_obs            0.034 
_reflns.pdbx_Rsym_value              ? 
_reflns.pdbx_netI_over_sigmaI        16.7 
_reflns.B_iso_Wilson_estimate        ? 
_reflns.pdbx_redundancy              2.4 
_reflns.pdbx_diffrn_id               1 
_reflns.pdbx_ordinal                 1 
# 
_reflns_shell.d_res_high             2.0 
_reflns_shell.d_res_low              2.1 
_reflns_shell.percent_possible_all   83.8 
_reflns_shell.Rmerge_I_obs           ? 
_reflns_shell.pdbx_Rsym_value        ? 
_reflns_shell.meanI_over_sigI_obs    7.8 
_reflns_shell.pdbx_redundancy        1.2 
_reflns_shell.pdbx_diffrn_id         ? 
_reflns_shell.pdbx_ordinal           1 
# 
_refine.entry_id                                 1BB7 
_refine.ls_number_reflns_obs                     11483 
_refine.ls_number_reflns_all                     ? 
_refine.pdbx_ls_sigma_I                          ? 
_refine.pdbx_ls_sigma_F                          1 
_refine.pdbx_data_cutoff_high_absF               ? 
_refine.pdbx_data_cutoff_low_absF                ? 
_refine.pdbx_data_cutoff_high_rms_absF           ? 
_refine.ls_d_res_low                             8.0 
_refine.ls_d_res_high                            2.0 
_refine.ls_percent_reflns_obs                    ? 
_refine.ls_R_factor_obs                          ? 
_refine.ls_R_factor_all                          ? 
_refine.ls_R_factor_R_work                       0.175 
_refine.ls_R_factor_R_free                       0.243 
_refine.ls_R_factor_R_free_error                 ? 
_refine.ls_R_factor_R_free_error_details         ? 
_refine.ls_percent_reflns_R_free                 5 
_refine.ls_number_reflns_R_free                  ? 
_refine.ls_number_parameters                     ? 
_refine.ls_number_restraints                     ? 
_refine.occupancy_min                            ? 
_refine.occupancy_max                            ? 
_refine.B_iso_mean                               20.97 
_refine.aniso_B[1][1]                            ? 
_refine.aniso_B[2][2]                            ? 
_refine.aniso_B[3][3]                            ? 
_refine.aniso_B[1][2]                            ? 
_refine.aniso_B[1][3]                            ? 
_refine.aniso_B[2][3]                            ? 
_refine.solvent_model_details                    ? 
_refine.solvent_model_param_ksol                 ? 
_refine.solvent_model_param_bsol                 ? 
_refine.pdbx_ls_cross_valid_method               THROUGHOUT 
_refine.details                                  ? 
_refine.pdbx_starting_model                      ? 
_refine.pdbx_method_to_determine_struct          'PHASES FOR NATIVE STRUCTURE' 
_refine.pdbx_isotropic_thermal_model             ? 
_refine.pdbx_stereochemistry_target_values       ? 
_refine.pdbx_stereochem_target_val_spec_case     ? 
_refine.pdbx_R_Free_selection_details            RANDOM 
_refine.pdbx_overall_ESU_R                       ? 
_refine.pdbx_overall_ESU_R_Free                  ? 
_refine.overall_SU_ML                            ? 
_refine.overall_SU_B                             ? 
_refine.pdbx_refine_id                           'X-RAY DIFFRACTION' 
_refine.pdbx_diffrn_id                           1 
_refine.pdbx_TLS_residual_ADP_flag               ? 
_refine.correlation_coeff_Fo_to_Fc               ? 
_refine.correlation_coeff_Fo_to_Fc_free          ? 
_refine.pdbx_solvent_vdw_probe_radii             ? 
_refine.pdbx_solvent_ion_probe_radii             ? 
_refine.pdbx_solvent_shrinkage_radii             ? 
_refine.pdbx_overall_phase_error                 ? 
_refine.overall_SU_R_Cruickshank_DPI             ? 
_refine.pdbx_overall_SU_R_free_Cruickshank_DPI   ? 
_refine.pdbx_overall_SU_R_Blow_DPI               ? 
_refine.pdbx_overall_SU_R_free_Blow_DPI          ? 
# 
_refine_analyze.entry_id                        1BB7 
_refine_analyze.Luzzati_coordinate_error_obs    0.20 
_refine_analyze.Luzzati_sigma_a_obs             ? 
_refine_analyze.Luzzati_d_res_low_obs           ? 
_refine_analyze.Luzzati_coordinate_error_free   ? 
_refine_analyze.Luzzati_sigma_a_free            ? 
_refine_analyze.Luzzati_d_res_low_free          ? 
_refine_analyze.number_disordered_residues      ? 
_refine_analyze.occupancy_sum_hydrogen          ? 
_refine_analyze.occupancy_sum_non_hydrogen      ? 
_refine_analyze.pdbx_refine_id                  'X-RAY DIFFRACTION' 
# 
_refine_hist.pdbx_refine_id                   'X-RAY DIFFRACTION' 
_refine_hist.cycle_id                         LAST 
_refine_hist.pdbx_number_atoms_protein        999 
_refine_hist.pdbx_number_atoms_nucleic_acid   0 
_refine_hist.pdbx_number_atoms_ligand         41 
_refine_hist.number_atoms_solvent             132 
_refine_hist.number_atoms_total               1172 
_refine_hist.d_res_high                       2.0 
_refine_hist.d_res_low                        8.0 
# 
loop_
_refine_ls_restr.type 
_refine_ls_restr.dev_ideal 
_refine_ls_restr.dev_ideal_target 
_refine_ls_restr.weight 
_refine_ls_restr.number 
_refine_ls_restr.pdbx_refine_id 
_refine_ls_restr.pdbx_restraint_function 
p_bond_d            0.014 0.020 ? ? 'X-RAY DIFFRACTION' ? 
p_angle_d           0.037 0.040 ? ? 'X-RAY DIFFRACTION' ? 
p_angle_deg         ?     ?     ? ? 'X-RAY DIFFRACTION' ? 
p_planar_d          0.042 0.050 ? ? 'X-RAY DIFFRACTION' ? 
p_hb_or_metal_coord ?     ?     ? ? 'X-RAY DIFFRACTION' ? 
p_mcbond_it         ?     ?     ? ? 'X-RAY DIFFRACTION' ? 
p_mcangle_it        ?     ?     ? ? 'X-RAY DIFFRACTION' ? 
p_scbond_it         ?     ?     ? ? 'X-RAY DIFFRACTION' ? 
p_scangle_it        ?     ?     ? ? 'X-RAY DIFFRACTION' ? 
p_plane_restr       0.009 ?     ? ? 'X-RAY DIFFRACTION' ? 
p_chiral_restr      0.029 0.060 ? ? 'X-RAY DIFFRACTION' ? 
p_singtor_nbd       0.16  0.30  ? ? 'X-RAY DIFFRACTION' ? 
p_multtor_nbd       0.18  0.30  ? ? 'X-RAY DIFFRACTION' ? 
p_xhyhbond_nbd      ?     ?     ? ? 'X-RAY DIFFRACTION' ? 
p_xyhbond_nbd       ?     ?     ? ? 'X-RAY DIFFRACTION' ? 
p_planar_tor        ?     ?     ? ? 'X-RAY DIFFRACTION' ? 
p_staggered_tor     ?     ?     ? ? 'X-RAY DIFFRACTION' ? 
p_orthonormal_tor   ?     ?     ? ? 'X-RAY DIFFRACTION' ? 
p_transverse_tor    ?     ?     ? ? 'X-RAY DIFFRACTION' ? 
p_special_tor       ?     ?     ? ? 'X-RAY DIFFRACTION' ? 
# 
_struct.entry_id                  1BB7 
_struct.title                     'LYSOZYME COMPLEX WITH 4-METHYL-UMBELLIFERYL CHITOBIOSE' 
_struct.pdbx_model_details        ? 
_struct.pdbx_CASP_flag            ? 
_struct.pdbx_model_type_details   ? 
# 
_struct_keywords.entry_id        1BB7 
_struct_keywords.pdbx_keywords   HYDROLASE 
_struct_keywords.text            'HYDROLASE, N-ACETYL-MURAMIDASE, UMBELLIFERONE GLYCOSIDES' 
# 
loop_
_struct_asym.id 
_struct_asym.pdbx_blank_PDB_chainid_flag 
_struct_asym.pdbx_modified 
_struct_asym.entity_id 
_struct_asym.details 
A N N 1 ? 
B N N 2 ? 
C N N 3 ? 
# 
_struct_ref.id                         1 
_struct_ref.db_name                    UNP 
_struct_ref.db_code                    LYSC2_ONCMY 
_struct_ref.entity_id                  1 
_struct_ref.pdbx_db_accession          P11941 
_struct_ref.pdbx_align_begin           1 
_struct_ref.pdbx_seq_one_letter_code   
;MRAVVVLLLVAVASAKVYDRCELARALKASGMDGYAGNSLPNWVCLSKWESSYNTQATNRNTDGSTDYGIFQINSRYWCD
DGRTPGAKNVCGIRCSQLLTADLTVAIRCAKRVVLDPNGIGAWVAWRLHCQNQDLRSYVAGCGV
;
_struct_ref.pdbx_db_isoform            ? 
# 
_struct_ref_seq.align_id                      1 
_struct_ref_seq.ref_id                        1 
_struct_ref_seq.pdbx_PDB_id_code              1BB7 
_struct_ref_seq.pdbx_strand_id                A 
_struct_ref_seq.seq_align_beg                 1 
_struct_ref_seq.pdbx_seq_align_beg_ins_code   ? 
_struct_ref_seq.seq_align_end                 129 
_struct_ref_seq.pdbx_seq_align_end_ins_code   ? 
_struct_ref_seq.pdbx_db_accession             P11941 
_struct_ref_seq.db_align_beg                  16 
_struct_ref_seq.pdbx_db_align_beg_ins_code    ? 
_struct_ref_seq.db_align_end                  144 
_struct_ref_seq.pdbx_db_align_end_ins_code    ? 
_struct_ref_seq.pdbx_auth_seq_align_beg       1 
_struct_ref_seq.pdbx_auth_seq_align_end       129 
# 
_struct_ref_seq_dif.align_id                     1 
_struct_ref_seq_dif.pdbx_pdb_id_code             1BB7 
_struct_ref_seq_dif.mon_id                       ASP 
_struct_ref_seq_dif.pdbx_pdb_strand_id           A 
_struct_ref_seq_dif.seq_num                      86 
_struct_ref_seq_dif.pdbx_pdb_ins_code            ? 
_struct_ref_seq_dif.pdbx_seq_db_name             UNP 
_struct_ref_seq_dif.pdbx_seq_db_accession_code   P11941 
_struct_ref_seq_dif.db_mon_id                    ALA 
_struct_ref_seq_dif.pdbx_seq_db_seq_num          101 
_struct_ref_seq_dif.details                      conflict 
_struct_ref_seq_dif.pdbx_auth_seq_num            86 
_struct_ref_seq_dif.pdbx_ordinal                 1 
# 
_pdbx_struct_assembly.id                   1 
_pdbx_struct_assembly.details              author_defined_assembly 
_pdbx_struct_assembly.method_details       ? 
_pdbx_struct_assembly.oligomeric_details   monomeric 
_pdbx_struct_assembly.oligomeric_count     1 
# 
_pdbx_struct_assembly_gen.assembly_id       1 
_pdbx_struct_assembly_gen.oper_expression   1 
_pdbx_struct_assembly_gen.asym_id_list      A,B,C 
# 
_pdbx_struct_oper_list.id                   1 
_pdbx_struct_oper_list.type                 'identity operation' 
_pdbx_struct_oper_list.name                 1_555 
_pdbx_struct_oper_list.symmetry_operation   x,y,z 
_pdbx_struct_oper_list.matrix[1][1]         1.0000000000 
_pdbx_struct_oper_list.matrix[1][2]         0.0000000000 
_pdbx_struct_oper_list.matrix[1][3]         0.0000000000 
_pdbx_struct_oper_list.vector[1]            0.0000000000 
_pdbx_struct_oper_list.matrix[2][1]         0.0000000000 
_pdbx_struct_oper_list.matrix[2][2]         1.0000000000 
_pdbx_struct_oper_list.matrix[2][3]         0.0000000000 
_pdbx_struct_oper_list.vector[2]            0.0000000000 
_pdbx_struct_oper_list.matrix[3][1]         0.0000000000 
_pdbx_struct_oper_list.matrix[3][2]         0.0000000000 
_pdbx_struct_oper_list.matrix[3][3]         1.0000000000 
_pdbx_struct_oper_list.vector[3]            0.0000000000 
# 
_struct_biol.id   1 
# 
loop_
_struct_conf.conf_type_id 
_struct_conf.id 
_struct_conf.pdbx_PDB_helix_id 
_struct_conf.beg_label_comp_id 
_struct_conf.beg_label_asym_id 
_struct_conf.beg_label_seq_id 
_struct_conf.pdbx_beg_PDB_ins_code 
_struct_conf.end_label_comp_id 
_struct_conf.end_label_asym_id 
_struct_conf.end_label_seq_id 
_struct_conf.pdbx_end_PDB_ins_code 
_struct_conf.beg_auth_comp_id 
_struct_conf.beg_auth_asym_id 
_struct_conf.beg_auth_seq_id 
_struct_conf.end_auth_comp_id 
_struct_conf.end_auth_asym_id 
_struct_conf.end_auth_seq_id 
_struct_conf.pdbx_PDB_helix_class 
_struct_conf.details 
_struct_conf.pdbx_PDB_helix_length 
HELX_P HELX_P1 1 ARG A 5   ? ALA A 14  ? ARG A 5   ALA A 14  1 ? 10 
HELX_P HELX_P2 2 TYR A 20  ? GLY A 22  ? TYR A 20  GLY A 22  5 ? 3  
HELX_P HELX_P3 3 LEU A 25  ? SER A 36  ? LEU A 25  SER A 36  1 ? 12 
HELX_P HELX_P4 4 CYS A 80  ? LEU A 83  ? CYS A 80  LEU A 83  5 ? 4  
HELX_P HELX_P5 5 THR A 89  ? LEU A 100 ? THR A 89  LEU A 100 1 ? 12 
HELX_P HELX_P6 6 GLY A 104 ? ALA A 107 ? GLY A 104 ALA A 107 5 ? 4  
HELX_P HELX_P7 7 VAL A 109 ? HIS A 114 ? VAL A 109 HIS A 114 1 ? 6  
HELX_P HELX_P8 8 ARG A 121 ? TYR A 123 ? ARG A 121 TYR A 123 5 ? 3  
# 
_struct_conf_type.id          HELX_P 
_struct_conf_type.criteria    ? 
_struct_conf_type.reference   ? 
# 
loop_
_struct_conn.id 
_struct_conn.conn_type_id 
_struct_conn.pdbx_leaving_atom_flag 
_struct_conn.pdbx_PDB_id 
_struct_conn.ptnr1_label_asym_id 
_struct_conn.ptnr1_label_comp_id 
_struct_conn.ptnr1_label_seq_id 
_struct_conn.ptnr1_label_atom_id 
_struct_conn.pdbx_ptnr1_label_alt_id 
_struct_conn.pdbx_ptnr1_PDB_ins_code 
_struct_conn.pdbx_ptnr1_standard_comp_id 
_struct_conn.ptnr1_symmetry 
_struct_conn.ptnr2_label_asym_id 
_struct_conn.ptnr2_label_comp_id 
_struct_conn.ptnr2_label_seq_id 
_struct_conn.ptnr2_label_atom_id 
_struct_conn.pdbx_ptnr2_label_alt_id 
_struct_conn.pdbx_ptnr2_PDB_ins_code 
_struct_conn.ptnr1_auth_asym_id 
_struct_conn.ptnr1_auth_comp_id 
_struct_conn.ptnr1_auth_seq_id 
_struct_conn.ptnr2_auth_asym_id 
_struct_conn.ptnr2_auth_comp_id 
_struct_conn.ptnr2_auth_seq_id 
_struct_conn.ptnr2_symmetry 
_struct_conn.pdbx_ptnr3_label_atom_id 
_struct_conn.pdbx_ptnr3_label_seq_id 
_struct_conn.pdbx_ptnr3_label_comp_id 
_struct_conn.pdbx_ptnr3_label_asym_id 
_struct_conn.pdbx_ptnr3_label_alt_id 
_struct_conn.pdbx_ptnr3_PDB_ins_code 
_struct_conn.details 
_struct_conn.pdbx_dist_value 
_struct_conn.pdbx_value_order 
_struct_conn.pdbx_role 
disulf1 disulf ? ? A CYS 6  SG ? ? ? 1_555 A CYS 127 SG ? ? A CYS 6  A CYS 127 1_555 ? ? ? ? ? ? ? 2.011 ? ? 
disulf2 disulf ? ? A CYS 30 SG ? ? ? 1_555 A CYS 115 SG ? ? A CYS 30 A CYS 115 1_555 ? ? ? ? ? ? ? 2.016 ? ? 
disulf3 disulf ? ? A CYS 64 SG ? ? ? 1_555 A CYS 80  SG ? ? A CYS 64 A CYS 80  1_555 ? ? ? ? ? ? ? 2.040 ? ? 
disulf4 disulf ? ? A CYS 76 SG ? ? ? 1_555 A CYS 94  SG ? ? A CYS 76 A CYS 94  1_555 ? ? ? ? ? ? ? 2.026 ? ? 
# 
_struct_conn_type.id          disulf 
_struct_conn_type.criteria    ? 
_struct_conn_type.reference   ? 
# 
loop_
_pdbx_modification_feature.ordinal 
_pdbx_modification_feature.label_comp_id 
_pdbx_modification_feature.label_asym_id 
_pdbx_modification_feature.label_seq_id 
_pdbx_modification_feature.label_alt_id 
_pdbx_modification_feature.modified_residue_label_comp_id 
_pdbx_modification_feature.modified_residue_label_asym_id 
_pdbx_modification_feature.modified_residue_label_seq_id 
_pdbx_modification_feature.modified_residue_label_alt_id 
_pdbx_modification_feature.auth_comp_id 
_pdbx_modification_feature.auth_asym_id 
_pdbx_modification_feature.auth_seq_id 
_pdbx_modification_feature.PDB_ins_code 
_pdbx_modification_feature.symmetry 
_pdbx_modification_feature.modified_residue_auth_comp_id 
_pdbx_modification_feature.modified_residue_auth_asym_id 
_pdbx_modification_feature.modified_residue_auth_seq_id 
_pdbx_modification_feature.modified_residue_PDB_ins_code 
_pdbx_modification_feature.modified_residue_symmetry 
_pdbx_modification_feature.comp_id_linking_atom 
_pdbx_modification_feature.modified_residue_id_linking_atom 
_pdbx_modification_feature.modified_residue_id 
_pdbx_modification_feature.ref_pcm_id 
_pdbx_modification_feature.ref_comp_id 
_pdbx_modification_feature.type 
_pdbx_modification_feature.category 
1 CYS A 6  ? CYS A 127 ? CYS A 6  ? 1_555 CYS A 127 ? 1_555 SG SG . . . None 'Disulfide bridge' 
2 CYS A 30 ? CYS A 115 ? CYS A 30 ? 1_555 CYS A 115 ? 1_555 SG SG . . . None 'Disulfide bridge' 
3 CYS A 64 ? CYS A 80  ? CYS A 64 ? 1_555 CYS A 80  ? 1_555 SG SG . . . None 'Disulfide bridge' 
4 CYS A 76 ? CYS A 94  ? CYS A 76 ? 1_555 CYS A 94  ? 1_555 SG SG . . . None 'Disulfide bridge' 
# 
_struct_sheet.id               A 
_struct_sheet.type             ? 
_struct_sheet.number_strands   2 
_struct_sheet.details          ? 
# 
_struct_sheet_order.sheet_id     A 
_struct_sheet_order.range_id_1   1 
_struct_sheet_order.range_id_2   2 
_struct_sheet_order.offset       ? 
_struct_sheet_order.sense        anti-parallel 
# 
loop_
_struct_sheet_range.sheet_id 
_struct_sheet_range.id 
_struct_sheet_range.beg_label_comp_id 
_struct_sheet_range.beg_label_asym_id 
_struct_sheet_range.beg_label_seq_id 
_struct_sheet_range.pdbx_beg_PDB_ins_code 
_struct_sheet_range.end_label_comp_id 
_struct_sheet_range.end_label_asym_id 
_struct_sheet_range.end_label_seq_id 
_struct_sheet_range.pdbx_end_PDB_ins_code 
_struct_sheet_range.beg_auth_comp_id 
_struct_sheet_range.beg_auth_asym_id 
_struct_sheet_range.beg_auth_seq_id 
_struct_sheet_range.end_auth_comp_id 
_struct_sheet_range.end_auth_asym_id 
_struct_sheet_range.end_auth_seq_id 
A 1 THR A 43 ? ARG A 45 ? THR A 43 ARG A 45 
A 2 THR A 51 ? TYR A 53 ? THR A 51 TYR A 53 
# 
_pdbx_struct_sheet_hbond.sheet_id                A 
_pdbx_struct_sheet_hbond.range_id_1              1 
_pdbx_struct_sheet_hbond.range_id_2              2 
_pdbx_struct_sheet_hbond.range_1_label_atom_id   O 
_pdbx_struct_sheet_hbond.range_1_label_comp_id   ASN 
_pdbx_struct_sheet_hbond.range_1_label_asym_id   A 
_pdbx_struct_sheet_hbond.range_1_label_seq_id    44 
_pdbx_struct_sheet_hbond.range_1_PDB_ins_code    ? 
_pdbx_struct_sheet_hbond.range_1_auth_atom_id    O 
_pdbx_struct_sheet_hbond.range_1_auth_comp_id    ASN 
_pdbx_struct_sheet_hbond.range_1_auth_asym_id    A 
_pdbx_struct_sheet_hbond.range_1_auth_seq_id     44 
_pdbx_struct_sheet_hbond.range_2_label_atom_id   N 
_pdbx_struct_sheet_hbond.range_2_label_comp_id   ASP 
_pdbx_struct_sheet_hbond.range_2_label_asym_id   A 
_pdbx_struct_sheet_hbond.range_2_label_seq_id    52 
_pdbx_struct_sheet_hbond.range_2_PDB_ins_code    ? 
_pdbx_struct_sheet_hbond.range_2_auth_atom_id    N 
_pdbx_struct_sheet_hbond.range_2_auth_comp_id    ASP 
_pdbx_struct_sheet_hbond.range_2_auth_asym_id    A 
_pdbx_struct_sheet_hbond.range_2_auth_seq_id     52 
# 
loop_
_struct_site.id 
_struct_site.pdbx_evidence_code 
_struct_site.pdbx_auth_asym_id 
_struct_site.pdbx_auth_comp_id 
_struct_site.pdbx_auth_seq_id 
_struct_site.pdbx_auth_ins_code 
_struct_site.pdbx_num_residues 
_struct_site.details 
NUL Unknown  ? ?   ?   ? 2  'CATALYTICALLY ACTIVE RESIDUES.'     
AC1 Software A GUM 130 ? 14 'BINDING SITE FOR RESIDUE GUM A 130' 
# 
loop_
_struct_site_gen.id 
_struct_site_gen.site_id 
_struct_site_gen.pdbx_num_res 
_struct_site_gen.label_comp_id 
_struct_site_gen.label_asym_id 
_struct_site_gen.label_seq_id 
_struct_site_gen.pdbx_auth_ins_code 
_struct_site_gen.auth_comp_id 
_struct_site_gen.auth_asym_id 
_struct_site_gen.auth_seq_id 
_struct_site_gen.label_atom_id 
_struct_site_gen.label_alt_id 
_struct_site_gen.symmetry 
_struct_site_gen.details 
1  NUL 2  GLU A 35  ? GLU A 35  . ? 1_555 ? 
2  NUL 2  ASP A 52  ? ASP A 52  . ? 1_555 ? 
3  AC1 14 ASN A 46  ? ASN A 46  . ? 1_555 ? 
4  AC1 14 ASP A 52  ? ASP A 52  . ? 1_555 ? 
5  AC1 14 ASN A 59  ? ASN A 59  . ? 1_555 ? 
6  AC1 14 TYR A 62  ? TYR A 62  . ? 1_555 ? 
7  AC1 14 TRP A 63  ? TRP A 63  . ? 1_555 ? 
8  AC1 14 ASP A 101 ? ASP A 101 . ? 1_555 ? 
9  AC1 14 ASN A 103 ? ASN A 103 . ? 1_555 ? 
10 AC1 14 ALA A 107 ? ALA A 107 . ? 1_555 ? 
11 AC1 14 TRP A 108 ? TRP A 108 . ? 1_555 ? 
12 AC1 14 VAL A 109 ? VAL A 109 . ? 1_555 ? 
13 AC1 14 HOH C .   ? HOH A 147 . ? 1_555 ? 
14 AC1 14 HOH C .   ? HOH A 149 . ? 1_555 ? 
15 AC1 14 HOH C .   ? HOH A 246 . ? 1_555 ? 
16 AC1 14 HOH C .   ? HOH A 266 . ? 1_555 ? 
# 
_pdbx_entry_details.entry_id                   1BB7 
_pdbx_entry_details.compound_details           ? 
_pdbx_entry_details.source_details             ? 
_pdbx_entry_details.nonpolymer_details         ? 
_pdbx_entry_details.sequence_details           ? 
_pdbx_entry_details.has_ligand_of_interest     ? 
_pdbx_entry_details.has_protein_modification   Y 
# 
loop_
_pdbx_validate_symm_contact.id 
_pdbx_validate_symm_contact.PDB_model_num 
_pdbx_validate_symm_contact.auth_atom_id_1 
_pdbx_validate_symm_contact.auth_asym_id_1 
_pdbx_validate_symm_contact.auth_comp_id_1 
_pdbx_validate_symm_contact.auth_seq_id_1 
_pdbx_validate_symm_contact.PDB_ins_code_1 
_pdbx_validate_symm_contact.label_alt_id_1 
_pdbx_validate_symm_contact.site_symmetry_1 
_pdbx_validate_symm_contact.auth_atom_id_2 
_pdbx_validate_symm_contact.auth_asym_id_2 
_pdbx_validate_symm_contact.auth_comp_id_2 
_pdbx_validate_symm_contact.auth_seq_id_2 
_pdbx_validate_symm_contact.PDB_ins_code_2 
_pdbx_validate_symm_contact.label_alt_id_2 
_pdbx_validate_symm_contact.site_symmetry_2 
_pdbx_validate_symm_contact.dist 
1  1 CB  A SER 81  ? ? 1_555 O   A HOH 192 ? ? 2_655 0.63 
2  1 NE  A ARG 10  ? ? 1_555 O   A HOH 220 ? ? 2_654 0.67 
3  1 O   A HOH 212 ? ? 1_555 O   A HOH 218 ? ? 4_556 0.87 
4  1 OG  A SER 81  ? ? 1_555 O   A HOH 192 ? ? 2_655 1.06 
5  1 O   A HOH 256 ? ? 1_555 O   A HOH 261 ? ? 2_655 1.14 
6  1 CZ  A ARG 10  ? ? 1_555 O   A HOH 220 ? ? 2_654 1.19 
7  1 O   A HOH 217 ? ? 1_555 O   A HOH 217 ? ? 4_556 1.28 
8  1 CG2 A VAL 2   ? ? 1_555 CD  A GLN 82  ? ? 3_664 1.31 
9  1 O   A VAL 2   ? ? 1_555 O   A HOH 182 ? ? 3_664 1.34 
10 1 O   A HOH 206 ? ? 1_555 O   A HOH 226 ? ? 3_664 1.39 
11 1 CA  A SER 81  ? ? 1_555 O   A HOH 192 ? ? 2_655 1.44 
12 1 CA  A GLY 128 ? ? 1_555 O   A HOH 151 ? ? 2_654 1.48 
13 1 NE2 A GLN 41  ? ? 1_555 O   A HOH 234 ? ? 3_664 1.50 
14 1 CG2 A VAL 2   ? ? 1_555 OE1 A GLN 82  ? ? 3_664 1.52 
15 1 CG2 A VAL 2   ? ? 1_555 NE2 A GLN 82  ? ? 3_664 1.54 
16 1 O   A HOH 219 ? ? 1_555 O   A HOH 219 ? ? 4_556 1.57 
17 1 O   A HOH 167 ? ? 1_555 O   A HOH 236 ? ? 4_556 1.69 
18 1 O   A HOH 236 ? ? 1_555 O   A HOH 236 ? ? 4_556 1.70 
19 1 O   A HOH 175 ? ? 1_555 O   A HOH 196 ? ? 3_664 1.72 
20 1 O   A ASP 48  ? ? 1_555 O   A HOH 154 ? ? 6_766 1.74 
21 1 O   A ASP 48  ? ? 1_555 O   A HOH 179 ? ? 6_766 1.74 
22 1 O   A HOH 196 ? ? 1_555 O   A HOH 200 ? ? 2_655 1.76 
23 1 CB  A VAL 2   ? ? 1_555 NE2 A GLN 82  ? ? 3_664 1.82 
24 1 OE1 A GLN 41  ? ? 1_555 NE  A ARG 79  ? ? 3_664 1.84 
25 1 CD  A ARG 10  ? ? 1_555 O   A HOH 220 ? ? 2_654 1.86 
26 1 CB  A VAL 2   ? ? 1_555 CD  A GLN 82  ? ? 3_664 1.90 
27 1 O   A HOH 180 ? ? 1_555 O   A HOH 214 ? ? 4_556 1.93 
28 1 O   A ASP 101 ? ? 1_555 O   A HOH 167 ? ? 4_556 1.94 
29 1 CD  A GLN 41  ? ? 1_555 CZ  A ARG 79  ? ? 3_664 2.01 
30 1 OE1 A GLN 41  ? ? 1_555 CZ  A ARG 79  ? ? 3_664 2.02 
31 1 NH2 A ARG 10  ? ? 1_555 O   A HOH 220 ? ? 2_654 2.03 
32 1 CG1 A VAL 2   ? ? 1_555 NE2 A GLN 82  ? ? 3_664 2.04 
33 1 O   A HOH 182 ? ? 1_555 O   A HOH 200 ? ? 2_655 2.08 
34 1 CG1 A VAL 90  ? ? 1_555 O   A HOH 176 ? ? 2_655 2.11 
35 1 O   A HOH 167 ? ? 1_555 O   A HOH 168 ? ? 4_556 2.16 
36 1 N   A SER 81  ? ? 1_555 O   A HOH 192 ? ? 2_655 2.17 
37 1 OE1 A GLN 41  ? ? 1_555 CD  A ARG 79  ? ? 3_664 2.19 
# 
loop_
_pdbx_validate_rmsd_angle.id 
_pdbx_validate_rmsd_angle.PDB_model_num 
_pdbx_validate_rmsd_angle.auth_atom_id_1 
_pdbx_validate_rmsd_angle.auth_asym_id_1 
_pdbx_validate_rmsd_angle.auth_comp_id_1 
_pdbx_validate_rmsd_angle.auth_seq_id_1 
_pdbx_validate_rmsd_angle.PDB_ins_code_1 
_pdbx_validate_rmsd_angle.label_alt_id_1 
_pdbx_validate_rmsd_angle.auth_atom_id_2 
_pdbx_validate_rmsd_angle.auth_asym_id_2 
_pdbx_validate_rmsd_angle.auth_comp_id_2 
_pdbx_validate_rmsd_angle.auth_seq_id_2 
_pdbx_validate_rmsd_angle.PDB_ins_code_2 
_pdbx_validate_rmsd_angle.label_alt_id_2 
_pdbx_validate_rmsd_angle.auth_atom_id_3 
_pdbx_validate_rmsd_angle.auth_asym_id_3 
_pdbx_validate_rmsd_angle.auth_comp_id_3 
_pdbx_validate_rmsd_angle.auth_seq_id_3 
_pdbx_validate_rmsd_angle.PDB_ins_code_3 
_pdbx_validate_rmsd_angle.label_alt_id_3 
_pdbx_validate_rmsd_angle.angle_value 
_pdbx_validate_rmsd_angle.angle_target_value 
_pdbx_validate_rmsd_angle.angle_deviation 
_pdbx_validate_rmsd_angle.angle_standard_deviation 
_pdbx_validate_rmsd_angle.linker_flag 
1 1 CB A ASP 4   ? ? CG A ASP 4   ? ? OD2 A ASP 4   ? ? 124.80 118.30 6.50  0.90 N 
2 1 CA A LEU 31  ? ? CB A LEU 31  ? ? CG  A LEU 31  ? ? 131.68 115.30 16.38 2.30 N 
3 1 CB A ASP 48  ? ? CG A ASP 48  ? ? OD1 A ASP 48  ? ? 124.30 118.30 6.00  0.90 N 
4 1 NE A ARG 97  ? ? CZ A ARG 97  ? ? NH1 A ARG 97  ? ? 125.97 120.30 5.67  0.50 N 
5 1 NE A ARG 97  ? ? CZ A ARG 97  ? ? NH2 A ARG 97  ? ? 113.21 120.30 -7.09 0.50 N 
6 1 NE A ARG 121 ? ? CZ A ARG 121 ? ? NH1 A ARG 121 ? ? 123.51 120.30 3.21  0.50 N 
# 
_pdbx_validate_chiral.id              1 
_pdbx_validate_chiral.PDB_model_num   1 
_pdbx_validate_chiral.auth_atom_id    C11 
_pdbx_validate_chiral.label_alt_id    ? 
_pdbx_validate_chiral.auth_asym_id    A 
_pdbx_validate_chiral.auth_comp_id    GUM 
_pdbx_validate_chiral.auth_seq_id     130 
_pdbx_validate_chiral.PDB_ins_code    ? 
_pdbx_validate_chiral.details         PLANAR 
_pdbx_validate_chiral.omega           . 
# 
loop_
_chem_comp_atom.comp_id 
_chem_comp_atom.atom_id 
_chem_comp_atom.type_symbol 
_chem_comp_atom.pdbx_aromatic_flag 
_chem_comp_atom.pdbx_stereo_config 
_chem_comp_atom.pdbx_ordinal 
ALA N    N N N 1   
ALA CA   C N S 2   
ALA C    C N N 3   
ALA O    O N N 4   
ALA CB   C N N 5   
ALA OXT  O N N 6   
ALA H    H N N 7   
ALA H2   H N N 8   
ALA HA   H N N 9   
ALA HB1  H N N 10  
ALA HB2  H N N 11  
ALA HB3  H N N 12  
ALA HXT  H N N 13  
ARG N    N N N 14  
ARG CA   C N S 15  
ARG C    C N N 16  
ARG O    O N N 17  
ARG CB   C N N 18  
ARG CG   C N N 19  
ARG CD   C N N 20  
ARG NE   N N N 21  
ARG CZ   C N N 22  
ARG NH1  N N N 23  
ARG NH2  N N N 24  
ARG OXT  O N N 25  
ARG H    H N N 26  
ARG H2   H N N 27  
ARG HA   H N N 28  
ARG HB2  H N N 29  
ARG HB3  H N N 30  
ARG HG2  H N N 31  
ARG HG3  H N N 32  
ARG HD2  H N N 33  
ARG HD3  H N N 34  
ARG HE   H N N 35  
ARG HH11 H N N 36  
ARG HH12 H N N 37  
ARG HH21 H N N 38  
ARG HH22 H N N 39  
ARG HXT  H N N 40  
ASN N    N N N 41  
ASN CA   C N S 42  
ASN C    C N N 43  
ASN O    O N N 44  
ASN CB   C N N 45  
ASN CG   C N N 46  
ASN OD1  O N N 47  
ASN ND2  N N N 48  
ASN OXT  O N N 49  
ASN H    H N N 50  
ASN H2   H N N 51  
ASN HA   H N N 52  
ASN HB2  H N N 53  
ASN HB3  H N N 54  
ASN HD21 H N N 55  
ASN HD22 H N N 56  
ASN HXT  H N N 57  
ASP N    N N N 58  
ASP CA   C N S 59  
ASP C    C N N 60  
ASP O    O N N 61  
ASP CB   C N N 62  
ASP CG   C N N 63  
ASP OD1  O N N 64  
ASP OD2  O N N 65  
ASP OXT  O N N 66  
ASP H    H N N 67  
ASP H2   H N N 68  
ASP HA   H N N 69  
ASP HB2  H N N 70  
ASP HB3  H N N 71  
ASP HD2  H N N 72  
ASP HXT  H N N 73  
CYS N    N N N 74  
CYS CA   C N R 75  
CYS C    C N N 76  
CYS O    O N N 77  
CYS CB   C N N 78  
CYS SG   S N N 79  
CYS OXT  O N N 80  
CYS H    H N N 81  
CYS H2   H N N 82  
CYS HA   H N N 83  
CYS HB2  H N N 84  
CYS HB3  H N N 85  
CYS HG   H N N 86  
CYS HXT  H N N 87  
GLN N    N N N 88  
GLN CA   C N S 89  
GLN C    C N N 90  
GLN O    O N N 91  
GLN CB   C N N 92  
GLN CG   C N N 93  
GLN CD   C N N 94  
GLN OE1  O N N 95  
GLN NE2  N N N 96  
GLN OXT  O N N 97  
GLN H    H N N 98  
GLN H2   H N N 99  
GLN HA   H N N 100 
GLN HB2  H N N 101 
GLN HB3  H N N 102 
GLN HG2  H N N 103 
GLN HG3  H N N 104 
GLN HE21 H N N 105 
GLN HE22 H N N 106 
GLN HXT  H N N 107 
GLU N    N N N 108 
GLU CA   C N S 109 
GLU C    C N N 110 
GLU O    O N N 111 
GLU CB   C N N 112 
GLU CG   C N N 113 
GLU CD   C N N 114 
GLU OE1  O N N 115 
GLU OE2  O N N 116 
GLU OXT  O N N 117 
GLU H    H N N 118 
GLU H2   H N N 119 
GLU HA   H N N 120 
GLU HB2  H N N 121 
GLU HB3  H N N 122 
GLU HG2  H N N 123 
GLU HG3  H N N 124 
GLU HE2  H N N 125 
GLU HXT  H N N 126 
GLY N    N N N 127 
GLY CA   C N N 128 
GLY C    C N N 129 
GLY O    O N N 130 
GLY OXT  O N N 131 
GLY H    H N N 132 
GLY H2   H N N 133 
GLY HA2  H N N 134 
GLY HA3  H N N 135 
GLY HXT  H N N 136 
GUM O1   O Y N 137 
GUM C2   C Y N 138 
GUM O2   O N N 139 
GUM C3   C Y N 140 
GUM C4   C Y N 141 
GUM C5   C Y N 142 
GUM C6   C Y N 143 
GUM C7   C Y N 144 
GUM C8   C Y N 145 
GUM C1   C Y N 146 
GUM C9   C Y N 147 
GUM C10  C N N 148 
GUM O3   O N N 149 
GUM C11  C N S 150 
GUM C12  C N R 151 
GUM C13  C N R 152 
GUM C14  C N S 153 
GUM C15  C N R 154 
GUM O4   O N N 155 
GUM N1   N N N 156 
GUM C16  C N N 157 
GUM O5   O N N 158 
GUM C17  C N N 159 
GUM O6   O N N 160 
GUM C18  C N N 161 
GUM O7   O N N 162 
GUM O8   O N N 163 
GUM C19  C N S 164 
GUM C20  C N R 165 
GUM C21  C N R 166 
GUM C22  C N S 167 
GUM C23  C N R 168 
GUM O9   O N N 169 
GUM N2   N N N 170 
GUM O10  O N N 171 
GUM C24  C N N 172 
GUM O11  O N N 173 
GUM C25  C N N 174 
GUM O12  O N N 175 
GUM C26  C N N 176 
GUM O13  O N N 177 
GUM H2   H N N 178 
GUM H3   H N N 179 
GUM H5   H N N 180 
GUM H7   H N N 181 
GUM H101 H N N 182 
GUM H102 H N N 183 
GUM H103 H N N 184 
GUM H11  H N N 185 
GUM H12  H N N 186 
GUM H13  H N N 187 
GUM H14  H N N 188 
GUM H15  H N N 189 
GUM HN1  H N N 190 
GUM H161 H N N 191 
GUM H162 H N N 192 
GUM HO5  H N N 193 
GUM H181 H N N 194 
GUM H182 H N N 195 
GUM H183 H N N 196 
GUM HO8  H N N 197 
GUM H19  H N N 198 
GUM H20  H N N 199 
GUM H21  H N N 200 
GUM H22  H N N 201 
GUM H23  H N N 202 
GUM HN2  H N N 203 
GUM HOA  H N N 204 
GUM H241 H N N 205 
GUM H242 H N N 206 
GUM HOB  H N N 207 
GUM H261 H N N 208 
GUM H262 H N N 209 
GUM H263 H N N 210 
GUM HOD  H N N 211 
HIS N    N N N 212 
HIS CA   C N S 213 
HIS C    C N N 214 
HIS O    O N N 215 
HIS CB   C N N 216 
HIS CG   C Y N 217 
HIS ND1  N Y N 218 
HIS CD2  C Y N 219 
HIS CE1  C Y N 220 
HIS NE2  N Y N 221 
HIS OXT  O N N 222 
HIS H    H N N 223 
HIS H2   H N N 224 
HIS HA   H N N 225 
HIS HB2  H N N 226 
HIS HB3  H N N 227 
HIS HD1  H N N 228 
HIS HD2  H N N 229 
HIS HE1  H N N 230 
HIS HE2  H N N 231 
HIS HXT  H N N 232 
HOH O    O N N 233 
HOH H1   H N N 234 
HOH H2   H N N 235 
ILE N    N N N 236 
ILE CA   C N S 237 
ILE C    C N N 238 
ILE O    O N N 239 
ILE CB   C N S 240 
ILE CG1  C N N 241 
ILE CG2  C N N 242 
ILE CD1  C N N 243 
ILE OXT  O N N 244 
ILE H    H N N 245 
ILE H2   H N N 246 
ILE HA   H N N 247 
ILE HB   H N N 248 
ILE HG12 H N N 249 
ILE HG13 H N N 250 
ILE HG21 H N N 251 
ILE HG22 H N N 252 
ILE HG23 H N N 253 
ILE HD11 H N N 254 
ILE HD12 H N N 255 
ILE HD13 H N N 256 
ILE HXT  H N N 257 
LEU N    N N N 258 
LEU CA   C N S 259 
LEU C    C N N 260 
LEU O    O N N 261 
LEU CB   C N N 262 
LEU CG   C N N 263 
LEU CD1  C N N 264 
LEU CD2  C N N 265 
LEU OXT  O N N 266 
LEU H    H N N 267 
LEU H2   H N N 268 
LEU HA   H N N 269 
LEU HB2  H N N 270 
LEU HB3  H N N 271 
LEU HG   H N N 272 
LEU HD11 H N N 273 
LEU HD12 H N N 274 
LEU HD13 H N N 275 
LEU HD21 H N N 276 
LEU HD22 H N N 277 
LEU HD23 H N N 278 
LEU HXT  H N N 279 
LYS N    N N N 280 
LYS CA   C N S 281 
LYS C    C N N 282 
LYS O    O N N 283 
LYS CB   C N N 284 
LYS CG   C N N 285 
LYS CD   C N N 286 
LYS CE   C N N 287 
LYS NZ   N N N 288 
LYS OXT  O N N 289 
LYS H    H N N 290 
LYS H2   H N N 291 
LYS HA   H N N 292 
LYS HB2  H N N 293 
LYS HB3  H N N 294 
LYS HG2  H N N 295 
LYS HG3  H N N 296 
LYS HD2  H N N 297 
LYS HD3  H N N 298 
LYS HE2  H N N 299 
LYS HE3  H N N 300 
LYS HZ1  H N N 301 
LYS HZ2  H N N 302 
LYS HZ3  H N N 303 
LYS HXT  H N N 304 
MET N    N N N 305 
MET CA   C N S 306 
MET C    C N N 307 
MET O    O N N 308 
MET CB   C N N 309 
MET CG   C N N 310 
MET SD   S N N 311 
MET CE   C N N 312 
MET OXT  O N N 313 
MET H    H N N 314 
MET H2   H N N 315 
MET HA   H N N 316 
MET HB2  H N N 317 
MET HB3  H N N 318 
MET HG2  H N N 319 
MET HG3  H N N 320 
MET HE1  H N N 321 
MET HE2  H N N 322 
MET HE3  H N N 323 
MET HXT  H N N 324 
PHE N    N N N 325 
PHE CA   C N S 326 
PHE C    C N N 327 
PHE O    O N N 328 
PHE CB   C N N 329 
PHE CG   C Y N 330 
PHE CD1  C Y N 331 
PHE CD2  C Y N 332 
PHE CE1  C Y N 333 
PHE CE2  C Y N 334 
PHE CZ   C Y N 335 
PHE OXT  O N N 336 
PHE H    H N N 337 
PHE H2   H N N 338 
PHE HA   H N N 339 
PHE HB2  H N N 340 
PHE HB3  H N N 341 
PHE HD1  H N N 342 
PHE HD2  H N N 343 
PHE HE1  H N N 344 
PHE HE2  H N N 345 
PHE HZ   H N N 346 
PHE HXT  H N N 347 
PRO N    N N N 348 
PRO CA   C N S 349 
PRO C    C N N 350 
PRO O    O N N 351 
PRO CB   C N N 352 
PRO CG   C N N 353 
PRO CD   C N N 354 
PRO OXT  O N N 355 
PRO H    H N N 356 
PRO HA   H N N 357 
PRO HB2  H N N 358 
PRO HB3  H N N 359 
PRO HG2  H N N 360 
PRO HG3  H N N 361 
PRO HD2  H N N 362 
PRO HD3  H N N 363 
PRO HXT  H N N 364 
SER N    N N N 365 
SER CA   C N S 366 
SER C    C N N 367 
SER O    O N N 368 
SER CB   C N N 369 
SER OG   O N N 370 
SER OXT  O N N 371 
SER H    H N N 372 
SER H2   H N N 373 
SER HA   H N N 374 
SER HB2  H N N 375 
SER HB3  H N N 376 
SER HG   H N N 377 
SER HXT  H N N 378 
THR N    N N N 379 
THR CA   C N S 380 
THR C    C N N 381 
THR O    O N N 382 
THR CB   C N R 383 
THR OG1  O N N 384 
THR CG2  C N N 385 
THR OXT  O N N 386 
THR H    H N N 387 
THR H2   H N N 388 
THR HA   H N N 389 
THR HB   H N N 390 
THR HG1  H N N 391 
THR HG21 H N N 392 
THR HG22 H N N 393 
THR HG23 H N N 394 
THR HXT  H N N 395 
TRP N    N N N 396 
TRP CA   C N S 397 
TRP C    C N N 398 
TRP O    O N N 399 
TRP CB   C N N 400 
TRP CG   C Y N 401 
TRP CD1  C Y N 402 
TRP CD2  C Y N 403 
TRP NE1  N Y N 404 
TRP CE2  C Y N 405 
TRP CE3  C Y N 406 
TRP CZ2  C Y N 407 
TRP CZ3  C Y N 408 
TRP CH2  C Y N 409 
TRP OXT  O N N 410 
TRP H    H N N 411 
TRP H2   H N N 412 
TRP HA   H N N 413 
TRP HB2  H N N 414 
TRP HB3  H N N 415 
TRP HD1  H N N 416 
TRP HE1  H N N 417 
TRP HE3  H N N 418 
TRP HZ2  H N N 419 
TRP HZ3  H N N 420 
TRP HH2  H N N 421 
TRP HXT  H N N 422 
TYR N    N N N 423 
TYR CA   C N S 424 
TYR C    C N N 425 
TYR O    O N N 426 
TYR CB   C N N 427 
TYR CG   C Y N 428 
TYR CD1  C Y N 429 
TYR CD2  C Y N 430 
TYR CE1  C Y N 431 
TYR CE2  C Y N 432 
TYR CZ   C Y N 433 
TYR OH   O N N 434 
TYR OXT  O N N 435 
TYR H    H N N 436 
TYR H2   H N N 437 
TYR HA   H N N 438 
TYR HB2  H N N 439 
TYR HB3  H N N 440 
TYR HD1  H N N 441 
TYR HD2  H N N 442 
TYR HE1  H N N 443 
TYR HE2  H N N 444 
TYR HH   H N N 445 
TYR HXT  H N N 446 
VAL N    N N N 447 
VAL CA   C N S 448 
VAL C    C N N 449 
VAL O    O N N 450 
VAL CB   C N N 451 
VAL CG1  C N N 452 
VAL CG2  C N N 453 
VAL OXT  O N N 454 
VAL H    H N N 455 
VAL H2   H N N 456 
VAL HA   H N N 457 
VAL HB   H N N 458 
VAL HG11 H N N 459 
VAL HG12 H N N 460 
VAL HG13 H N N 461 
VAL HG21 H N N 462 
VAL HG22 H N N 463 
VAL HG23 H N N 464 
VAL HXT  H N N 465 
# 
loop_
_chem_comp_bond.comp_id 
_chem_comp_bond.atom_id_1 
_chem_comp_bond.atom_id_2 
_chem_comp_bond.value_order 
_chem_comp_bond.pdbx_aromatic_flag 
_chem_comp_bond.pdbx_stereo_config 
_chem_comp_bond.pdbx_ordinal 
ALA N   CA   sing N N 1   
ALA N   H    sing N N 2   
ALA N   H2   sing N N 3   
ALA CA  C    sing N N 4   
ALA CA  CB   sing N N 5   
ALA CA  HA   sing N N 6   
ALA C   O    doub N N 7   
ALA C   OXT  sing N N 8   
ALA CB  HB1  sing N N 9   
ALA CB  HB2  sing N N 10  
ALA CB  HB3  sing N N 11  
ALA OXT HXT  sing N N 12  
ARG N   CA   sing N N 13  
ARG N   H    sing N N 14  
ARG N   H2   sing N N 15  
ARG CA  C    sing N N 16  
ARG CA  CB   sing N N 17  
ARG CA  HA   sing N N 18  
ARG C   O    doub N N 19  
ARG C   OXT  sing N N 20  
ARG CB  CG   sing N N 21  
ARG CB  HB2  sing N N 22  
ARG CB  HB3  sing N N 23  
ARG CG  CD   sing N N 24  
ARG CG  HG2  sing N N 25  
ARG CG  HG3  sing N N 26  
ARG CD  NE   sing N N 27  
ARG CD  HD2  sing N N 28  
ARG CD  HD3  sing N N 29  
ARG NE  CZ   sing N N 30  
ARG NE  HE   sing N N 31  
ARG CZ  NH1  sing N N 32  
ARG CZ  NH2  doub N N 33  
ARG NH1 HH11 sing N N 34  
ARG NH1 HH12 sing N N 35  
ARG NH2 HH21 sing N N 36  
ARG NH2 HH22 sing N N 37  
ARG OXT HXT  sing N N 38  
ASN N   CA   sing N N 39  
ASN N   H    sing N N 40  
ASN N   H2   sing N N 41  
ASN CA  C    sing N N 42  
ASN CA  CB   sing N N 43  
ASN CA  HA   sing N N 44  
ASN C   O    doub N N 45  
ASN C   OXT  sing N N 46  
ASN CB  CG   sing N N 47  
ASN CB  HB2  sing N N 48  
ASN CB  HB3  sing N N 49  
ASN CG  OD1  doub N N 50  
ASN CG  ND2  sing N N 51  
ASN ND2 HD21 sing N N 52  
ASN ND2 HD22 sing N N 53  
ASN OXT HXT  sing N N 54  
ASP N   CA   sing N N 55  
ASP N   H    sing N N 56  
ASP N   H2   sing N N 57  
ASP CA  C    sing N N 58  
ASP CA  CB   sing N N 59  
ASP CA  HA   sing N N 60  
ASP C   O    doub N N 61  
ASP C   OXT  sing N N 62  
ASP CB  CG   sing N N 63  
ASP CB  HB2  sing N N 64  
ASP CB  HB3  sing N N 65  
ASP CG  OD1  doub N N 66  
ASP CG  OD2  sing N N 67  
ASP OD2 HD2  sing N N 68  
ASP OXT HXT  sing N N 69  
CYS N   CA   sing N N 70  
CYS N   H    sing N N 71  
CYS N   H2   sing N N 72  
CYS CA  C    sing N N 73  
CYS CA  CB   sing N N 74  
CYS CA  HA   sing N N 75  
CYS C   O    doub N N 76  
CYS C   OXT  sing N N 77  
CYS CB  SG   sing N N 78  
CYS CB  HB2  sing N N 79  
CYS CB  HB3  sing N N 80  
CYS SG  HG   sing N N 81  
CYS OXT HXT  sing N N 82  
GLN N   CA   sing N N 83  
GLN N   H    sing N N 84  
GLN N   H2   sing N N 85  
GLN CA  C    sing N N 86  
GLN CA  CB   sing N N 87  
GLN CA  HA   sing N N 88  
GLN C   O    doub N N 89  
GLN C   OXT  sing N N 90  
GLN CB  CG   sing N N 91  
GLN CB  HB2  sing N N 92  
GLN CB  HB3  sing N N 93  
GLN CG  CD   sing N N 94  
GLN CG  HG2  sing N N 95  
GLN CG  HG3  sing N N 96  
GLN CD  OE1  doub N N 97  
GLN CD  NE2  sing N N 98  
GLN NE2 HE21 sing N N 99  
GLN NE2 HE22 sing N N 100 
GLN OXT HXT  sing N N 101 
GLU N   CA   sing N N 102 
GLU N   H    sing N N 103 
GLU N   H2   sing N N 104 
GLU CA  C    sing N N 105 
GLU CA  CB   sing N N 106 
GLU CA  HA   sing N N 107 
GLU C   O    doub N N 108 
GLU C   OXT  sing N N 109 
GLU CB  CG   sing N N 110 
GLU CB  HB2  sing N N 111 
GLU CB  HB3  sing N N 112 
GLU CG  CD   sing N N 113 
GLU CG  HG2  sing N N 114 
GLU CG  HG3  sing N N 115 
GLU CD  OE1  doub N N 116 
GLU CD  OE2  sing N N 117 
GLU OE2 HE2  sing N N 118 
GLU OXT HXT  sing N N 119 
GLY N   CA   sing N N 120 
GLY N   H    sing N N 121 
GLY N   H2   sing N N 122 
GLY CA  C    sing N N 123 
GLY CA  HA2  sing N N 124 
GLY CA  HA3  sing N N 125 
GLY C   O    doub N N 126 
GLY C   OXT  sing N N 127 
GLY OXT HXT  sing N N 128 
GUM O1  C6   sing Y N 129 
GUM O1  C9   sing Y N 130 
GUM C2  C3   doub Y N 131 
GUM C2  C1   sing Y N 132 
GUM C2  H2   sing N N 133 
GUM O2  C9   doub N N 134 
GUM C3  C4   sing Y N 135 
GUM C3  H3   sing N N 136 
GUM C4  C5   doub Y N 137 
GUM C4  O3   sing N N 138 
GUM C5  C6   sing Y N 139 
GUM C5  H5   sing N N 140 
GUM C6  C1   doub Y N 141 
GUM C7  C8   doub Y N 142 
GUM C7  C9   sing Y N 143 
GUM C7  H7   sing N N 144 
GUM C8  C1   sing Y N 145 
GUM C8  C10  sing N N 146 
GUM C10 H101 sing N N 147 
GUM C10 H102 sing N N 148 
GUM C10 H103 sing N N 149 
GUM O3  C11  sing N N 150 
GUM C11 C12  sing N N 151 
GUM C11 O4   sing N N 152 
GUM C11 H11  sing N N 153 
GUM C12 C13  sing N N 154 
GUM C12 N1   sing N N 155 
GUM C12 H12  sing N N 156 
GUM C13 C14  sing N N 157 
GUM C13 O8   sing N N 158 
GUM C13 H13  sing N N 159 
GUM C14 C15  sing N N 160 
GUM C14 O7   sing N N 161 
GUM C14 H14  sing N N 162 
GUM C15 O4   sing N N 163 
GUM C15 C16  sing N N 164 
GUM C15 H15  sing N N 165 
GUM N1  C17  sing N N 166 
GUM N1  HN1  sing N N 167 
GUM C16 O5   sing N N 168 
GUM C16 H161 sing N N 169 
GUM C16 H162 sing N N 170 
GUM O5  HO5  sing N N 171 
GUM C17 O6   doub N N 172 
GUM C17 C18  sing N N 173 
GUM C18 H181 sing N N 174 
GUM C18 H182 sing N N 175 
GUM C18 H183 sing N N 176 
GUM O7  C19  sing N N 177 
GUM O8  HO8  sing N N 178 
GUM C19 C20  sing N N 179 
GUM C19 O9   sing N N 180 
GUM C19 H19  sing N N 181 
GUM C20 C21  sing N N 182 
GUM C20 N2   sing N N 183 
GUM C20 H20  sing N N 184 
GUM C21 C22  sing N N 185 
GUM C21 O13  sing N N 186 
GUM C21 H21  sing N N 187 
GUM C22 C23  sing N N 188 
GUM C22 O10  sing N N 189 
GUM C22 H22  sing N N 190 
GUM C23 O9   sing N N 191 
GUM C23 C24  sing N N 192 
GUM C23 H23  sing N N 193 
GUM N2  C25  sing N N 194 
GUM N2  HN2  sing N N 195 
GUM O10 HOA  sing N N 196 
GUM C24 O11  sing N N 197 
GUM C24 H241 sing N N 198 
GUM C24 H242 sing N N 199 
GUM O11 HOB  sing N N 200 
GUM C25 O12  doub N N 201 
GUM C25 C26  sing N N 202 
GUM C26 H261 sing N N 203 
GUM C26 H262 sing N N 204 
GUM C26 H263 sing N N 205 
GUM O13 HOD  sing N N 206 
HIS N   CA   sing N N 207 
HIS N   H    sing N N 208 
HIS N   H2   sing N N 209 
HIS CA  C    sing N N 210 
HIS CA  CB   sing N N 211 
HIS CA  HA   sing N N 212 
HIS C   O    doub N N 213 
HIS C   OXT  sing N N 214 
HIS CB  CG   sing N N 215 
HIS CB  HB2  sing N N 216 
HIS CB  HB3  sing N N 217 
HIS CG  ND1  sing Y N 218 
HIS CG  CD2  doub Y N 219 
HIS ND1 CE1  doub Y N 220 
HIS ND1 HD1  sing N N 221 
HIS CD2 NE2  sing Y N 222 
HIS CD2 HD2  sing N N 223 
HIS CE1 NE2  sing Y N 224 
HIS CE1 HE1  sing N N 225 
HIS NE2 HE2  sing N N 226 
HIS OXT HXT  sing N N 227 
HOH O   H1   sing N N 228 
HOH O   H2   sing N N 229 
ILE N   CA   sing N N 230 
ILE N   H    sing N N 231 
ILE N   H2   sing N N 232 
ILE CA  C    sing N N 233 
ILE CA  CB   sing N N 234 
ILE CA  HA   sing N N 235 
ILE C   O    doub N N 236 
ILE C   OXT  sing N N 237 
ILE CB  CG1  sing N N 238 
ILE CB  CG2  sing N N 239 
ILE CB  HB   sing N N 240 
ILE CG1 CD1  sing N N 241 
ILE CG1 HG12 sing N N 242 
ILE CG1 HG13 sing N N 243 
ILE CG2 HG21 sing N N 244 
ILE CG2 HG22 sing N N 245 
ILE CG2 HG23 sing N N 246 
ILE CD1 HD11 sing N N 247 
ILE CD1 HD12 sing N N 248 
ILE CD1 HD13 sing N N 249 
ILE OXT HXT  sing N N 250 
LEU N   CA   sing N N 251 
LEU N   H    sing N N 252 
LEU N   H2   sing N N 253 
LEU CA  C    sing N N 254 
LEU CA  CB   sing N N 255 
LEU CA  HA   sing N N 256 
LEU C   O    doub N N 257 
LEU C   OXT  sing N N 258 
LEU CB  CG   sing N N 259 
LEU CB  HB2  sing N N 260 
LEU CB  HB3  sing N N 261 
LEU CG  CD1  sing N N 262 
LEU CG  CD2  sing N N 263 
LEU CG  HG   sing N N 264 
LEU CD1 HD11 sing N N 265 
LEU CD1 HD12 sing N N 266 
LEU CD1 HD13 sing N N 267 
LEU CD2 HD21 sing N N 268 
LEU CD2 HD22 sing N N 269 
LEU CD2 HD23 sing N N 270 
LEU OXT HXT  sing N N 271 
LYS N   CA   sing N N 272 
LYS N   H    sing N N 273 
LYS N   H2   sing N N 274 
LYS CA  C    sing N N 275 
LYS CA  CB   sing N N 276 
LYS CA  HA   sing N N 277 
LYS C   O    doub N N 278 
LYS C   OXT  sing N N 279 
LYS CB  CG   sing N N 280 
LYS CB  HB2  sing N N 281 
LYS CB  HB3  sing N N 282 
LYS CG  CD   sing N N 283 
LYS CG  HG2  sing N N 284 
LYS CG  HG3  sing N N 285 
LYS CD  CE   sing N N 286 
LYS CD  HD2  sing N N 287 
LYS CD  HD3  sing N N 288 
LYS CE  NZ   sing N N 289 
LYS CE  HE2  sing N N 290 
LYS CE  HE3  sing N N 291 
LYS NZ  HZ1  sing N N 292 
LYS NZ  HZ2  sing N N 293 
LYS NZ  HZ3  sing N N 294 
LYS OXT HXT  sing N N 295 
MET N   CA   sing N N 296 
MET N   H    sing N N 297 
MET N   H2   sing N N 298 
MET CA  C    sing N N 299 
MET CA  CB   sing N N 300 
MET CA  HA   sing N N 301 
MET C   O    doub N N 302 
MET C   OXT  sing N N 303 
MET CB  CG   sing N N 304 
MET CB  HB2  sing N N 305 
MET CB  HB3  sing N N 306 
MET CG  SD   sing N N 307 
MET CG  HG2  sing N N 308 
MET CG  HG3  sing N N 309 
MET SD  CE   sing N N 310 
MET CE  HE1  sing N N 311 
MET CE  HE2  sing N N 312 
MET CE  HE3  sing N N 313 
MET OXT HXT  sing N N 314 
PHE N   CA   sing N N 315 
PHE N   H    sing N N 316 
PHE N   H2   sing N N 317 
PHE CA  C    sing N N 318 
PHE CA  CB   sing N N 319 
PHE CA  HA   sing N N 320 
PHE C   O    doub N N 321 
PHE C   OXT  sing N N 322 
PHE CB  CG   sing N N 323 
PHE CB  HB2  sing N N 324 
PHE CB  HB3  sing N N 325 
PHE CG  CD1  doub Y N 326 
PHE CG  CD2  sing Y N 327 
PHE CD1 CE1  sing Y N 328 
PHE CD1 HD1  sing N N 329 
PHE CD2 CE2  doub Y N 330 
PHE CD2 HD2  sing N N 331 
PHE CE1 CZ   doub Y N 332 
PHE CE1 HE1  sing N N 333 
PHE CE2 CZ   sing Y N 334 
PHE CE2 HE2  sing N N 335 
PHE CZ  HZ   sing N N 336 
PHE OXT HXT  sing N N 337 
PRO N   CA   sing N N 338 
PRO N   CD   sing N N 339 
PRO N   H    sing N N 340 
PRO CA  C    sing N N 341 
PRO CA  CB   sing N N 342 
PRO CA  HA   sing N N 343 
PRO C   O    doub N N 344 
PRO C   OXT  sing N N 345 
PRO CB  CG   sing N N 346 
PRO CB  HB2  sing N N 347 
PRO CB  HB3  sing N N 348 
PRO CG  CD   sing N N 349 
PRO CG  HG2  sing N N 350 
PRO CG  HG3  sing N N 351 
PRO CD  HD2  sing N N 352 
PRO CD  HD3  sing N N 353 
PRO OXT HXT  sing N N 354 
SER N   CA   sing N N 355 
SER N   H    sing N N 356 
SER N   H2   sing N N 357 
SER CA  C    sing N N 358 
SER CA  CB   sing N N 359 
SER CA  HA   sing N N 360 
SER C   O    doub N N 361 
SER C   OXT  sing N N 362 
SER CB  OG   sing N N 363 
SER CB  HB2  sing N N 364 
SER CB  HB3  sing N N 365 
SER OG  HG   sing N N 366 
SER OXT HXT  sing N N 367 
THR N   CA   sing N N 368 
THR N   H    sing N N 369 
THR N   H2   sing N N 370 
THR CA  C    sing N N 371 
THR CA  CB   sing N N 372 
THR CA  HA   sing N N 373 
THR C   O    doub N N 374 
THR C   OXT  sing N N 375 
THR CB  OG1  sing N N 376 
THR CB  CG2  sing N N 377 
THR CB  HB   sing N N 378 
THR OG1 HG1  sing N N 379 
THR CG2 HG21 sing N N 380 
THR CG2 HG22 sing N N 381 
THR CG2 HG23 sing N N 382 
THR OXT HXT  sing N N 383 
TRP N   CA   sing N N 384 
TRP N   H    sing N N 385 
TRP N   H2   sing N N 386 
TRP CA  C    sing N N 387 
TRP CA  CB   sing N N 388 
TRP CA  HA   sing N N 389 
TRP C   O    doub N N 390 
TRP C   OXT  sing N N 391 
TRP CB  CG   sing N N 392 
TRP CB  HB2  sing N N 393 
TRP CB  HB3  sing N N 394 
TRP CG  CD1  doub Y N 395 
TRP CG  CD2  sing Y N 396 
TRP CD1 NE1  sing Y N 397 
TRP CD1 HD1  sing N N 398 
TRP CD2 CE2  doub Y N 399 
TRP CD2 CE3  sing Y N 400 
TRP NE1 CE2  sing Y N 401 
TRP NE1 HE1  sing N N 402 
TRP CE2 CZ2  sing Y N 403 
TRP CE3 CZ3  doub Y N 404 
TRP CE3 HE3  sing N N 405 
TRP CZ2 CH2  doub Y N 406 
TRP CZ2 HZ2  sing N N 407 
TRP CZ3 CH2  sing Y N 408 
TRP CZ3 HZ3  sing N N 409 
TRP CH2 HH2  sing N N 410 
TRP OXT HXT  sing N N 411 
TYR N   CA   sing N N 412 
TYR N   H    sing N N 413 
TYR N   H2   sing N N 414 
TYR CA  C    sing N N 415 
TYR CA  CB   sing N N 416 
TYR CA  HA   sing N N 417 
TYR C   O    doub N N 418 
TYR C   OXT  sing N N 419 
TYR CB  CG   sing N N 420 
TYR CB  HB2  sing N N 421 
TYR CB  HB3  sing N N 422 
TYR CG  CD1  doub Y N 423 
TYR CG  CD2  sing Y N 424 
TYR CD1 CE1  sing Y N 425 
TYR CD1 HD1  sing N N 426 
TYR CD2 CE2  doub Y N 427 
TYR CD2 HD2  sing N N 428 
TYR CE1 CZ   doub Y N 429 
TYR CE1 HE1  sing N N 430 
TYR CE2 CZ   sing Y N 431 
TYR CE2 HE2  sing N N 432 
TYR CZ  OH   sing N N 433 
TYR OH  HH   sing N N 434 
TYR OXT HXT  sing N N 435 
VAL N   CA   sing N N 436 
VAL N   H    sing N N 437 
VAL N   H2   sing N N 438 
VAL CA  C    sing N N 439 
VAL CA  CB   sing N N 440 
VAL CA  HA   sing N N 441 
VAL C   O    doub N N 442 
VAL C   OXT  sing N N 443 
VAL CB  CG1  sing N N 444 
VAL CB  CG2  sing N N 445 
VAL CB  HB   sing N N 446 
VAL CG1 HG11 sing N N 447 
VAL CG1 HG12 sing N N 448 
VAL CG1 HG13 sing N N 449 
VAL CG2 HG21 sing N N 450 
VAL CG2 HG22 sing N N 451 
VAL CG2 HG23 sing N N 452 
VAL OXT HXT  sing N N 453 
# 
_atom_sites.entry_id                    1BB7 
_atom_sites.fract_transf_matrix[1][1]   -0.01344485 
_atom_sites.fract_transf_matrix[1][2]   0.00635817 
_atom_sites.fract_transf_matrix[1][3]   0.00267041 
_atom_sites.fract_transf_matrix[2][1]   -0.00075027 
_atom_sites.fract_transf_matrix[2][2]   0.01396493 
_atom_sites.fract_transf_matrix[2][3]   0.00572102 
_atom_sites.fract_transf_matrix[3][1]   -0.00008557 
_atom_sites.fract_transf_matrix[3][2]   0.00699175 
_atom_sites.fract_transf_matrix[3][3]   -0.01707800 
_atom_sites.fract_transf_vector[1]      0.767670 
_atom_sites.fract_transf_vector[2]      0.554794 
_atom_sites.fract_transf_vector[3]      0.375576 
# 
loop_
_atom_type.symbol 
C 
N 
O 
S 
# 
loop_
_atom_site.group_PDB 
_atom_site.id 
_atom_site.type_symbol 
_atom_site.label_atom_id 
_atom_site.label_alt_id 
_atom_site.label_comp_id 
_atom_site.label_asym_id 
_atom_site.label_entity_id 
_atom_site.label_seq_id 
_atom_site.pdbx_PDB_ins_code 
_atom_site.Cartn_x 
_atom_site.Cartn_y 
_atom_site.Cartn_z 
_atom_site.occupancy 
_atom_site.B_iso_or_equiv 
_atom_site.pdbx_formal_charge 
_atom_site.auth_seq_id 
_atom_site.auth_comp_id 
_atom_site.auth_asym_id 
_atom_site.auth_atom_id 
_atom_site.pdbx_PDB_model_num 
ATOM   1    N N   . LYS A 1 1   ? -2.258  -13.662 -2.225  1.00 15.53 ? 1   LYS A N   1 
ATOM   2    C CA  . LYS A 1 1   ? -1.948  -14.152 -0.869  1.00 14.85 ? 1   LYS A CA  1 
ATOM   3    C C   . LYS A 1 1   ? -2.495  -13.248 0.217   1.00 14.48 ? 1   LYS A C   1 
ATOM   4    O O   . LYS A 1 1   ? -2.464  -12.010 0.143   1.00 14.11 ? 1   LYS A O   1 
ATOM   5    C CB  . LYS A 1 1   ? -0.433  -14.293 -0.771  1.00 15.17 ? 1   LYS A CB  1 
ATOM   6    C CG  . LYS A 1 1   ? 0.156   -14.557 0.611   1.00 16.97 ? 1   LYS A CG  1 
ATOM   7    C CD  . LYS A 1 1   ? 1.661   -14.752 0.456   1.00 18.12 ? 1   LYS A CD  1 
ATOM   8    C CE  . LYS A 1 1   ? 2.373   -14.878 1.776   1.00 19.96 ? 1   LYS A CE  1 
ATOM   9    N NZ  . LYS A 1 1   ? 1.952   -16.053 2.559   1.00 20.98 ? 1   LYS A NZ  1 
ATOM   10   N N   . VAL A 1 2   ? -3.012  -13.881 1.256   1.00 14.36 ? 2   VAL A N   1 
ATOM   11   C CA  . VAL A 1 2   ? -3.552  -13.140 2.417   1.00 14.82 ? 2   VAL A CA  1 
ATOM   12   C C   . VAL A 1 2   ? -2.458  -13.282 3.499   1.00 15.45 ? 2   VAL A C   1 
ATOM   13   O O   . VAL A 1 2   ? -2.282  -14.359 4.081   1.00 15.56 ? 2   VAL A O   1 
ATOM   14   C CB  . VAL A 1 2   ? -4.952  -13.579 2.853   1.00 14.63 ? 2   VAL A CB  1 
ATOM   15   C CG1 . VAL A 1 2   ? -5.457  -12.697 3.996   1.00 14.81 ? 2   VAL A CG1 1 
ATOM   16   C CG2 . VAL A 1 2   ? -5.976  -13.625 1.732   1.00 13.19 ? 2   VAL A CG2 1 
ATOM   17   N N   . TYR A 1 3   ? -1.720  -12.196 3.715   1.00 15.09 ? 3   TYR A N   1 
ATOM   18   C CA  . TYR A 1 3   ? -0.651  -12.163 4.709   1.00 14.64 ? 3   TYR A CA  1 
ATOM   19   C C   . TYR A 1 3   ? -1.195  -12.112 6.131   1.00 14.95 ? 3   TYR A C   1 
ATOM   20   O O   . TYR A 1 3   ? -2.267  -11.577 6.442   1.00 15.19 ? 3   TYR A O   1 
ATOM   21   C CB  . TYR A 1 3   ? 0.279   -10.949 4.508   1.00 13.12 ? 3   TYR A CB  1 
ATOM   22   C CG  . TYR A 1 3   ? 1.304   -11.132 3.427   1.00 12.83 ? 3   TYR A CG  1 
ATOM   23   C CD1 . TYR A 1 3   ? 0.976   -11.105 2.071   1.00 12.76 ? 3   TYR A CD1 1 
ATOM   24   C CD2 . TYR A 1 3   ? 2.642   -11.359 3.793   1.00 13.12 ? 3   TYR A CD2 1 
ATOM   25   C CE1 . TYR A 1 3   ? 1.947   -11.294 1.088   1.00 12.90 ? 3   TYR A CE1 1 
ATOM   26   C CE2 . TYR A 1 3   ? 3.637   -11.550 2.835   1.00 13.26 ? 3   TYR A CE2 1 
ATOM   27   C CZ  . TYR A 1 3   ? 3.271   -11.520 1.489   1.00 13.60 ? 3   TYR A CZ  1 
ATOM   28   O OH  . TYR A 1 3   ? 4.213   -11.694 0.518   1.00 14.39 ? 3   TYR A OH  1 
ATOM   29   N N   . ASP A 1 4   ? -0.406  -12.687 6.992   1.00 15.46 ? 4   ASP A N   1 
ATOM   30   C CA  . ASP A 1 4   ? -0.615  -12.722 8.451   1.00 15.87 ? 4   ASP A CA  1 
ATOM   31   C C   . ASP A 1 4   ? -0.084  -11.353 8.863   1.00 14.92 ? 4   ASP A C   1 
ATOM   32   O O   . ASP A 1 4   ? 0.812   -10.894 8.104   1.00 14.42 ? 4   ASP A O   1 
ATOM   33   C CB  . ASP A 1 4   ? 0.075   -13.954 8.993   1.00 20.17 ? 4   ASP A CB  1 
ATOM   34   C CG  . ASP A 1 4   ? 0.484   -13.787 10.433  1.00 24.42 ? 4   ASP A CG  1 
ATOM   35   O OD1 . ASP A 1 4   ? -0.480  -13.806 11.231  1.00 27.92 ? 4   ASP A OD1 1 
ATOM   36   O OD2 . ASP A 1 4   ? 1.650   -13.606 10.822  1.00 27.46 ? 4   ASP A OD2 1 
ATOM   37   N N   . ARG A 1 5   ? -0.481  -10.711 9.916   1.00 14.38 ? 5   ARG A N   1 
ATOM   38   C CA  . ARG A 1 5   ? 0.020   -9.399  10.325  1.00 14.85 ? 5   ARG A CA  1 
ATOM   39   C C   . ARG A 1 5   ? 1.526   -9.295  10.577  1.00 14.68 ? 5   ARG A C   1 
ATOM   40   O O   . ARG A 1 5   ? 2.167   -8.334  10.130  1.00 14.35 ? 5   ARG A O   1 
ATOM   41   C CB  . ARG A 1 5   ? -0.685  -8.968  11.617  1.00 16.23 ? 5   ARG A CB  1 
ATOM   42   C CG  . ARG A 1 5   ? -0.231  -7.622  12.185  1.00 17.69 ? 5   ARG A CG  1 
ATOM   43   C CD  . ARG A 1 5   ? -1.082  -7.239  13.347  1.00 18.37 ? 5   ARG A CD  1 
ATOM   44   N NE  . ARG A 1 5   ? -1.021  -8.192  14.442  1.00 19.27 ? 5   ARG A NE  1 
ATOM   45   C CZ  . ARG A 1 5   ? -0.079  -8.233  15.380  1.00 20.09 ? 5   ARG A CZ  1 
ATOM   46   N NH1 . ARG A 1 5   ? 0.909   -7.353  15.388  1.00 20.07 ? 5   ARG A NH1 1 
ATOM   47   N NH2 . ARG A 1 5   ? -0.132  -9.158  16.346  1.00 20.31 ? 5   ARG A NH2 1 
ATOM   48   N N   . CYS A 1 6   ? 2.075   -10.235 11.326  1.00 14.59 ? 6   CYS A N   1 
ATOM   49   C CA  . CYS A 1 6   ? 3.503   -10.261 11.664  1.00 14.27 ? 6   CYS A CA  1 
ATOM   50   C C   . CYS A 1 6   ? 4.302   -10.685 10.447  1.00 13.62 ? 6   CYS A C   1 
ATOM   51   O O   . CYS A 1 6   ? 5.437   -10.215 10.248  1.00 14.39 ? 6   CYS A O   1 
ATOM   52   C CB  . CYS A 1 6   ? 3.738   -11.144 12.883  1.00 14.96 ? 6   CYS A CB  1 
ATOM   53   S SG  . CYS A 1 6   ? 3.215   -10.341 14.414  1.00 15.95 ? 6   CYS A SG  1 
ATOM   54   N N   . GLU A 1 7   ? 3.734   -11.544 9.637   1.00 12.91 ? 7   GLU A N   1 
ATOM   55   C CA  . GLU A 1 7   ? 4.392   -12.000 8.404   1.00 12.32 ? 7   GLU A CA  1 
ATOM   56   C C   . GLU A 1 7   ? 4.602   -10.795 7.503   1.00 11.93 ? 7   GLU A C   1 
ATOM   57   O O   . GLU A 1 7   ? 5.674   -10.650 6.913   1.00 11.47 ? 7   GLU A O   1 
ATOM   58   C CB  . GLU A 1 7   ? 3.602   -13.086 7.710   1.00 13.08 ? 7   GLU A CB  1 
ATOM   59   C CG  . GLU A 1 7   ? 4.070   -13.588 6.367   1.00 14.84 ? 7   GLU A CG  1 
ATOM   60   C CD  . GLU A 1 7   ? 3.062   -14.504 5.731   1.00 16.66 ? 7   GLU A CD  1 
ATOM   61   O OE1 . GLU A 1 7   ? 1.871   -14.476 5.979   1.00 18.07 ? 7   GLU A OE1 1 
ATOM   62   O OE2 . GLU A 1 7   ? 3.596   -15.293 4.941   1.00 17.54 ? 7   GLU A OE2 1 
ATOM   63   N N   . LEU A 1 8   ? 3.598   -9.938  7.399   1.00 11.74 ? 8   LEU A N   1 
ATOM   64   C CA  . LEU A 1 8   ? 3.619   -8.698  6.628   1.00 11.67 ? 8   LEU A CA  1 
ATOM   65   C C   . LEU A 1 8   ? 4.651   -7.736  7.231   1.00 11.87 ? 8   LEU A C   1 
ATOM   66   O O   . LEU A 1 8   ? 5.497   -7.159  6.529   1.00 12.03 ? 8   LEU A O   1 
ATOM   67   C CB  . LEU A 1 8   ? 2.208   -8.077  6.555   1.00 11.00 ? 8   LEU A CB  1 
ATOM   68   C CG  . LEU A 1 8   ? 2.145   -6.750  5.795   1.00 12.22 ? 8   LEU A CG  1 
ATOM   69   C CD1 . LEU A 1 8   ? 2.549   -6.983  4.327   1.00 12.08 ? 8   LEU A CD1 1 
ATOM   70   C CD2 . LEU A 1 8   ? 0.752   -6.111  5.859   1.00 10.98 ? 8   LEU A CD2 1 
ATOM   71   N N   . ALA A 1 9   ? 4.639   -7.560  8.541   1.00 12.11 ? 9   ALA A N   1 
ATOM   72   C CA  . ALA A 1 9   ? 5.563   -6.660  9.258   1.00 12.92 ? 9   ALA A CA  1 
ATOM   73   C C   . ALA A 1 9   ? 7.013   -7.041  8.978   1.00 13.29 ? 9   ALA A C   1 
ATOM   74   O O   . ALA A 1 9   ? 7.859   -6.154  8.718   1.00 14.07 ? 9   ALA A O   1 
ATOM   75   C CB  . ALA A 1 9   ? 5.251   -6.651  10.745  1.00 13.14 ? 9   ALA A CB  1 
ATOM   76   N N   . ARG A 1 10  ? 7.341   -8.322  9.030   1.00 13.10 ? 10  ARG A N   1 
ATOM   77   C CA  . ARG A 1 10  ? 8.676   -8.837  8.750   1.00 12.34 ? 10  ARG A CA  1 
ATOM   78   C C   . ARG A 1 10  ? 9.057   -8.533  7.319   1.00 11.78 ? 10  ARG A C   1 
ATOM   79   O O   . ARG A 1 10  ? 10.171  -8.038  7.105   1.00 11.28 ? 10  ARG A O   1 
ATOM   80   C CB  . ARG A 1 10  ? 8.696   -10.334 9.074   1.00 15.20 ? 10  ARG A CB  1 
ATOM   81   C CG  . ARG A 1 10  ? 8.363   -10.547 10.568  1.00 18.83 ? 10  ARG A CG  1 
ATOM   82   C CD  . ARG A 1 10  ? 8.845   -11.884 11.029  1.00 21.65 ? 10  ARG A CD  1 
ATOM   83   N NE  . ARG A 1 10  ? 8.468   -12.943 10.087  1.00 24.62 ? 10  ARG A NE  1 
ATOM   84   C CZ  . ARG A 1 10  ? 7.339   -13.667 10.199  1.00 24.71 ? 10  ARG A CZ  1 
ATOM   85   N NH1 . ARG A 1 10  ? 6.537   -13.490 11.247  1.00 24.49 ? 10  ARG A NH1 1 
ATOM   86   N NH2 . ARG A 1 10  ? 7.015   -14.542 9.240   1.00 24.54 ? 10  ARG A NH2 1 
ATOM   87   N N   . ALA A 1 11  ? 8.190   -8.782  6.347   1.00 11.78 ? 11  ALA A N   1 
ATOM   88   C CA  . ALA A 1 11  ? 8.468   -8.510  4.918   1.00 11.87 ? 11  ALA A CA  1 
ATOM   89   C C   . ALA A 1 11  ? 8.646   -6.998  4.713   1.00 12.45 ? 11  ALA A C   1 
ATOM   90   O O   . ALA A 1 11  ? 9.591   -6.629  3.967   1.00 12.90 ? 11  ALA A O   1 
ATOM   91   C CB  . ALA A 1 11  ? 7.411   -9.132  4.007   1.00 9.60  ? 11  ALA A CB  1 
ATOM   92   N N   . LEU A 1 12  ? 7.865   -6.126  5.313   1.00 12.34 ? 12  LEU A N   1 
ATOM   93   C CA  . LEU A 1 12  ? 8.026   -4.674  5.178   1.00 12.79 ? 12  LEU A CA  1 
ATOM   94   C C   . LEU A 1 12  ? 9.352   -4.178  5.771   1.00 13.08 ? 12  LEU A C   1 
ATOM   95   O O   . LEU A 1 12  ? 10.065  -3.349  5.159   1.00 12.72 ? 12  LEU A O   1 
ATOM   96   C CB  . LEU A 1 12  ? 6.795   -3.997  5.816   1.00 11.11 ? 12  LEU A CB  1 
ATOM   97   C CG  . LEU A 1 12  ? 5.454   -4.264  5.152   1.00 12.59 ? 12  LEU A CG  1 
ATOM   98   C CD1 . LEU A 1 12  ? 4.355   -3.475  5.868   1.00 12.42 ? 12  LEU A CD1 1 
ATOM   99   C CD2 . LEU A 1 12  ? 5.547   -3.885  3.669   1.00 11.95 ? 12  LEU A CD2 1 
ATOM   100  N N   . LYS A 1 13  ? 9.621   -4.677  6.963   1.00 13.09 ? 13  LYS A N   1 
ATOM   101  C CA  . LYS A 1 13  ? 10.869  -4.336  7.689   1.00 15.01 ? 13  LYS A CA  1 
ATOM   102  C C   . LYS A 1 13  ? 12.049  -4.766  6.830   1.00 15.47 ? 13  LYS A C   1 
ATOM   103  O O   . LYS A 1 13  ? 12.973  -3.975  6.557   1.00 15.70 ? 13  LYS A O   1 
ATOM   104  C CB  . LYS A 1 13  ? 10.850  -4.960  9.054   1.00 18.22 ? 13  LYS A CB  1 
ATOM   105  C CG  . LYS A 1 13  ? 11.921  -4.783  10.095  1.00 20.82 ? 13  LYS A CG  1 
ATOM   106  C CD  . LYS A 1 13  ? 12.573  -3.435  10.155  1.00 23.86 ? 13  LYS A CD  1 
ATOM   107  C CE  . LYS A 1 13  ? 12.981  -2.935  11.520  1.00 26.25 ? 13  LYS A CE  1 
ATOM   108  N NZ  . LYS A 1 13  ? 13.551  -3.992  12.377  1.00 29.20 ? 13  LYS A NZ  1 
ATOM   109  N N   . ALA A 1 14  ? 12.060  -5.987  6.322   1.00 16.08 ? 14  ALA A N   1 
ATOM   110  C CA  . ALA A 1 14  ? 13.119  -6.525  5.445   1.00 16.21 ? 14  ALA A CA  1 
ATOM   111  C C   . ALA A 1 14  ? 13.270  -5.715  4.167   1.00 16.31 ? 14  ALA A C   1 
ATOM   112  O O   . ALA A 1 14  ? 14.399  -5.650  3.640   1.00 16.71 ? 14  ALA A O   1 
ATOM   113  C CB  . ALA A 1 14  ? 12.847  -7.990  5.090   1.00 15.14 ? 14  ALA A CB  1 
ATOM   114  N N   . SER A 1 15  ? 12.214  -5.110  3.648   1.00 16.49 ? 15  SER A N   1 
ATOM   115  C CA  . SER A 1 15  ? 12.265  -4.325  2.418   1.00 17.24 ? 15  SER A CA  1 
ATOM   116  C C   . SER A 1 15  ? 12.560  -2.854  2.633   1.00 16.96 ? 15  SER A C   1 
ATOM   117  O O   . SER A 1 15  ? 12.365  -2.093  1.666   1.00 18.31 ? 15  SER A O   1 
ATOM   118  C CB  . SER A 1 15  ? 10.939  -4.457  1.659   1.00 19.74 ? 15  SER A CB  1 
ATOM   119  O OG  . SER A 1 15  ? 10.824  -5.833  1.289   1.00 23.34 ? 15  SER A OG  1 
ATOM   120  N N   . GLY A 1 16  ? 12.985  -2.450  3.792   1.00 16.56 ? 16  GLY A N   1 
ATOM   121  C CA  . GLY A 1 16  ? 13.335  -1.081  4.110   1.00 17.08 ? 16  GLY A CA  1 
ATOM   122  C C   . GLY A 1 16  ? 12.226  -0.077  4.281   1.00 17.72 ? 16  GLY A C   1 
ATOM   123  O O   . GLY A 1 16  ? 12.511  1.141   4.196   1.00 17.71 ? 16  GLY A O   1 
ATOM   124  N N   . MET A 1 17  ? 11.014  -0.550  4.568   1.00 17.70 ? 17  MET A N   1 
ATOM   125  C CA  . MET A 1 17  ? 9.853   0.350   4.778   1.00 17.72 ? 17  MET A CA  1 
ATOM   126  C C   . MET A 1 17  ? 9.853   1.014   6.161   1.00 18.12 ? 17  MET A C   1 
ATOM   127  O O   . MET A 1 17  ? 9.163   2.051   6.291   1.00 18.06 ? 17  MET A O   1 
ATOM   128  C CB  . MET A 1 17  ? 8.515   -0.361  4.579   1.00 17.26 ? 17  MET A CB  1 
ATOM   129  C CG  . MET A 1 17  ? 8.394   -0.908  3.181   1.00 18.48 ? 17  MET A CG  1 
ATOM   130  S SD  . MET A 1 17  ? 8.227   0.481   2.047   1.00 22.50 ? 17  MET A SD  1 
ATOM   131  C CE  . MET A 1 17  ? 6.471   0.772   1.990   1.00 21.20 ? 17  MET A CE  1 
ATOM   132  N N   . ASP A 1 18  ? 10.560  0.493   7.160   1.00 18.17 ? 18  ASP A N   1 
ATOM   133  C CA  . ASP A 1 18  ? 10.546  1.116   8.499   1.00 18.26 ? 18  ASP A CA  1 
ATOM   134  C C   . ASP A 1 18  ? 11.355  2.423   8.502   1.00 18.61 ? 18  ASP A C   1 
ATOM   135  O O   . ASP A 1 18  ? 12.584  2.423   8.646   1.00 18.58 ? 18  ASP A O   1 
ATOM   136  C CB  . ASP A 1 18  ? 11.011  0.128   9.564   1.00 19.56 ? 18  ASP A CB  1 
ATOM   137  C CG  . ASP A 1 18  ? 10.843  0.690   10.967  1.00 21.46 ? 18  ASP A CG  1 
ATOM   138  O OD1 . ASP A 1 18  ? 10.043  1.606   11.214  1.00 21.38 ? 18  ASP A OD1 1 
ATOM   139  O OD2 . ASP A 1 18  ? 11.573  0.153   11.834  1.00 23.22 ? 18  ASP A OD2 1 
ATOM   140  N N   . GLY A 1 19  ? 10.614  3.512   8.350   1.00 18.12 ? 19  GLY A N   1 
ATOM   141  C CA  . GLY A 1 19  ? 11.166  4.865   8.322   1.00 17.95 ? 19  GLY A CA  1 
ATOM   142  C C   . GLY A 1 19  ? 11.261  5.431   6.906   1.00 17.44 ? 19  GLY A C   1 
ATOM   143  O O   . GLY A 1 19  ? 11.789  6.550   6.756   1.00 17.78 ? 19  GLY A O   1 
ATOM   144  N N   . TYR A 1 20  ? 10.791  4.666   5.940   1.00 16.54 ? 20  TYR A N   1 
ATOM   145  C CA  . TYR A 1 20  ? 10.878  5.119   4.541   1.00 16.33 ? 20  TYR A CA  1 
ATOM   146  C C   . TYR A 1 20  ? 10.135  6.440   4.468   1.00 16.92 ? 20  TYR A C   1 
ATOM   147  O O   . TYR A 1 20  ? 8.942   6.489   4.807   1.00 17.08 ? 20  TYR A O   1 
ATOM   148  C CB  . TYR A 1 20  ? 10.337  4.087   3.544   1.00 14.10 ? 20  TYR A CB  1 
ATOM   149  C CG  . TYR A 1 20  ? 10.836  4.510   2.174   1.00 14.06 ? 20  TYR A CG  1 
ATOM   150  C CD1 . TYR A 1 20  ? 12.081  4.088   1.715   1.00 14.29 ? 20  TYR A CD1 1 
ATOM   151  C CD2 . TYR A 1 20  ? 10.077  5.355   1.371   1.00 14.18 ? 20  TYR A CD2 1 
ATOM   152  C CE1 . TYR A 1 20  ? 12.561  4.491   0.472   1.00 15.16 ? 20  TYR A CE1 1 
ATOM   153  C CE2 . TYR A 1 20  ? 10.542  5.767   0.133   1.00 14.73 ? 20  TYR A CE2 1 
ATOM   154  C CZ  . TYR A 1 20  ? 11.789  5.331   -0.309  1.00 15.49 ? 20  TYR A CZ  1 
ATOM   155  O OH  . TYR A 1 20  ? 12.193  5.768   -1.536  1.00 17.74 ? 20  TYR A OH  1 
ATOM   156  N N   . ALA A 1 21  ? 10.820  7.498   4.084   1.00 17.72 ? 21  ALA A N   1 
ATOM   157  C CA  . ALA A 1 21  ? 10.337  8.885   3.967   1.00 17.24 ? 21  ALA A CA  1 
ATOM   158  C C   . ALA A 1 21  ? 9.756   9.346   5.312   1.00 17.46 ? 21  ALA A C   1 
ATOM   159  O O   . ALA A 1 21  ? 8.773   10.123  5.310   1.00 17.99 ? 21  ALA A O   1 
ATOM   160  C CB  . ALA A 1 21  ? 9.352   9.038   2.821   1.00 16.56 ? 21  ALA A CB  1 
ATOM   161  N N   . GLY A 1 22  ? 10.338  8.888   6.410   1.00 17.03 ? 22  GLY A N   1 
ATOM   162  C CA  . GLY A 1 22  ? 9.917   9.209   7.764   1.00 17.04 ? 22  GLY A CA  1 
ATOM   163  C C   . GLY A 1 22  ? 8.665   8.523   8.288   1.00 17.21 ? 22  GLY A C   1 
ATOM   164  O O   . GLY A 1 22  ? 8.067   8.989   9.301   1.00 17.84 ? 22  GLY A O   1 
ATOM   165  N N   . ASN A 1 23  ? 8.242   7.435   7.658   1.00 16.13 ? 23  ASN A N   1 
ATOM   166  C CA  . ASN A 1 23  ? 7.044   6.656   8.027   1.00 15.48 ? 23  ASN A CA  1 
ATOM   167  C C   . ASN A 1 23  ? 7.447   5.339   8.688   1.00 15.29 ? 23  ASN A C   1 
ATOM   168  O O   . ASN A 1 23  ? 7.931   4.417   7.980   1.00 15.53 ? 23  ASN A O   1 
ATOM   169  C CB  . ASN A 1 23  ? 6.158   6.394   6.809   1.00 15.41 ? 23  ASN A CB  1 
ATOM   170  C CG  . ASN A 1 23  ? 5.675   7.703   6.193   1.00 16.37 ? 23  ASN A CG  1 
ATOM   171  O OD1 . ASN A 1 23  ? 6.030   8.058   5.053   1.00 17.05 ? 23  ASN A OD1 1 
ATOM   172  N ND2 . ASN A 1 23  ? 4.893   8.391   7.010   1.00 15.62 ? 23  ASN A ND2 1 
ATOM   173  N N   . SER A 1 24  ? 7.293   5.255   9.986   1.00 14.26 ? 24  SER A N   1 
ATOM   174  C CA  . SER A 1 24  ? 7.675   4.037   10.716  1.00 14.65 ? 24  SER A CA  1 
ATOM   175  C C   . SER A 1 24  ? 6.795   2.871   10.264  1.00 14.32 ? 24  SER A C   1 
ATOM   176  O O   . SER A 1 24  ? 5.701   3.083   9.735   1.00 13.80 ? 24  SER A O   1 
ATOM   177  C CB  . SER A 1 24  ? 7.628   4.305   12.216  1.00 14.70 ? 24  SER A CB  1 
ATOM   178  O OG  . SER A 1 24  ? 6.291   4.593   12.607  1.00 16.75 ? 24  SER A OG  1 
ATOM   179  N N   . LEU A 1 25  ? 7.283   1.668   10.539  1.00 13.74 ? 25  LEU A N   1 
ATOM   180  C CA  . LEU A 1 25  ? 6.614   0.404   10.217  1.00 13.04 ? 25  LEU A CA  1 
ATOM   181  C C   . LEU A 1 25  ? 5.142   0.281   10.587  1.00 12.83 ? 25  LEU A C   1 
ATOM   182  O O   . LEU A 1 25  ? 4.365   -0.113  9.680   1.00 12.85 ? 25  LEU A O   1 
ATOM   183  C CB  . LEU A 1 25  ? 7.430   -0.739  10.877  1.00 12.90 ? 25  LEU A CB  1 
ATOM   184  C CG  . LEU A 1 25  ? 7.072   -2.146  10.408  1.00 12.84 ? 25  LEU A CG  1 
ATOM   185  C CD1 . LEU A 1 25  ? 7.196   -2.288  8.893   1.00 13.33 ? 25  LEU A CD1 1 
ATOM   186  C CD2 . LEU A 1 25  ? 8.008   -3.146  11.075  1.00 13.20 ? 25  LEU A CD2 1 
ATOM   187  N N   . PRO A 1 26  ? 4.719   0.592   11.797  1.00 12.81 ? 26  PRO A N   1 
ATOM   188  C CA  . PRO A 1 26  ? 3.321   0.503   12.224  1.00 13.01 ? 26  PRO A CA  1 
ATOM   189  C C   . PRO A 1 26  ? 2.336   1.265   11.337  1.00 12.73 ? 26  PRO A C   1 
ATOM   190  O O   . PRO A 1 26  ? 1.168   0.860   11.256  1.00 13.04 ? 26  PRO A O   1 
ATOM   191  C CB  . PRO A 1 26  ? 3.268   1.001   13.677  1.00 13.04 ? 26  PRO A CB  1 
ATOM   192  C CG  . PRO A 1 26  ? 4.679   0.768   14.152  1.00 13.05 ? 26  PRO A CG  1 
ATOM   193  C CD  . PRO A 1 26  ? 5.552   1.030   12.925  1.00 12.81 ? 26  PRO A CD  1 
ATOM   194  N N   . ASN A 1 27  ? 2.763   2.330   10.702  1.00 12.03 ? 27  ASN A N   1 
ATOM   195  C CA  . ASN A 1 27  ? 2.019   3.162   9.774   1.00 11.93 ? 27  ASN A CA  1 
ATOM   196  C C   . ASN A 1 27  ? 1.651   2.330   8.548   1.00 11.65 ? 27  ASN A C   1 
ATOM   197  O O   . ASN A 1 27  ? 0.504   2.381   8.117   1.00 11.32 ? 27  ASN A O   1 
ATOM   198  C CB  . ASN A 1 27  ? 2.793   4.416   9.348   1.00 12.84 ? 27  ASN A CB  1 
ATOM   199  C CG  . ASN A 1 27  ? 2.662   5.457   10.458  1.00 14.28 ? 27  ASN A CG  1 
ATOM   200  O OD1 . ASN A 1 27  ? 1.581   6.037   10.614  1.00 15.25 ? 27  ASN A OD1 1 
ATOM   201  N ND2 . ASN A 1 27  ? 3.720   5.661   11.216  1.00 14.89 ? 27  ASN A ND2 1 
ATOM   202  N N   . TRP A 1 28  ? 2.675   1.619   8.059   1.00 11.78 ? 28  TRP A N   1 
ATOM   203  C CA  . TRP A 1 28  ? 2.507   0.750   6.878   1.00 11.41 ? 28  TRP A CA  1 
ATOM   204  C C   . TRP A 1 28  ? 1.649   -0.483  7.167   1.00 11.61 ? 28  TRP A C   1 
ATOM   205  O O   . TRP A 1 28  ? 0.902   -0.863  6.247   1.00 12.01 ? 28  TRP A O   1 
ATOM   206  C CB  . TRP A 1 28  ? 3.835   0.279   6.325   1.00 12.08 ? 28  TRP A CB  1 
ATOM   207  C CG  . TRP A 1 28  ? 4.716   1.406   5.919   1.00 12.57 ? 28  TRP A CG  1 
ATOM   208  C CD1 . TRP A 1 28  ? 5.809   1.900   6.568   1.00 13.05 ? 28  TRP A CD1 1 
ATOM   209  C CD2 . TRP A 1 28  ? 4.545   2.199   4.739   1.00 12.70 ? 28  TRP A CD2 1 
ATOM   210  N NE1 . TRP A 1 28  ? 6.344   2.947   5.848   1.00 13.55 ? 28  TRP A NE1 1 
ATOM   211  C CE2 . TRP A 1 28  ? 5.589   3.155   4.735   1.00 13.56 ? 28  TRP A CE2 1 
ATOM   212  C CE3 . TRP A 1 28  ? 3.586   2.202   3.719   1.00 12.88 ? 28  TRP A CE3 1 
ATOM   213  C CZ2 . TRP A 1 28  ? 5.713   4.091   3.718   1.00 14.55 ? 28  TRP A CZ2 1 
ATOM   214  C CZ3 . TRP A 1 28  ? 3.719   3.131   2.695   1.00 13.47 ? 28  TRP A CZ3 1 
ATOM   215  C CH2 . TRP A 1 28  ? 4.765   4.046   2.696   1.00 13.82 ? 28  TRP A CH2 1 
ATOM   216  N N   . VAL A 1 29  ? 1.753   -1.076  8.343   1.00 11.41 ? 29  VAL A N   1 
ATOM   217  C CA  . VAL A 1 29  ? 0.933   -2.256  8.683   1.00 11.57 ? 29  VAL A CA  1 
ATOM   218  C C   . VAL A 1 29  ? -0.524  -1.817  8.844   1.00 11.57 ? 29  VAL A C   1 
ATOM   219  O O   . VAL A 1 29  ? -1.448  -2.486  8.377   1.00 11.92 ? 29  VAL A O   1 
ATOM   220  C CB  . VAL A 1 29  ? 1.440   -3.011  9.932   1.00 10.43 ? 29  VAL A CB  1 
ATOM   221  C CG1 . VAL A 1 29  ? 0.607   -4.240  10.264  1.00 9.56  ? 29  VAL A CG1 1 
ATOM   222  C CG2 . VAL A 1 29  ? 2.905   -3.377  9.801   1.00 11.60 ? 29  VAL A CG2 1 
ATOM   223  N N   . CYS A 1 30  ? -0.737  -0.692  9.511   1.00 11.93 ? 30  CYS A N   1 
ATOM   224  C CA  . CYS A 1 30  ? -2.095  -0.151  9.745   1.00 12.03 ? 30  CYS A CA  1 
ATOM   225  C C   . CYS A 1 30  ? -2.786  0.123   8.416   1.00 12.03 ? 30  CYS A C   1 
ATOM   226  O O   . CYS A 1 30  ? -3.959  -0.284  8.266   1.00 11.80 ? 30  CYS A O   1 
ATOM   227  C CB  . CYS A 1 30  ? -2.028  1.072   10.676  1.00 12.19 ? 30  CYS A CB  1 
ATOM   228  S SG  . CYS A 1 30  ? -3.635  1.876   10.983  1.00 14.05 ? 30  CYS A SG  1 
ATOM   229  N N   . LEU A 1 31  ? -2.146  0.786   7.479   1.00 12.57 ? 31  LEU A N   1 
ATOM   230  C CA  . LEU A 1 31  ? -2.748  1.112   6.175   1.00 14.20 ? 31  LEU A CA  1 
ATOM   231  C C   . LEU A 1 31  ? -3.048  -0.160  5.372   1.00 14.06 ? 31  LEU A C   1 
ATOM   232  O O   . LEU A 1 31  ? -4.069  -0.169  4.672   1.00 14.31 ? 31  LEU A O   1 
ATOM   233  C CB  . LEU A 1 31  ? -1.855  2.101   5.439   1.00 15.28 ? 31  LEU A CB  1 
ATOM   234  C CG  . LEU A 1 31  ? -0.906  1.924   4.310   1.00 16.14 ? 31  LEU A CG  1 
ATOM   235  C CD1 . LEU A 1 31  ? -1.488  1.371   3.015   1.00 15.99 ? 31  LEU A CD1 1 
ATOM   236  C CD2 . LEU A 1 31  ? -0.369  3.337   3.955   1.00 16.76 ? 31  LEU A CD2 1 
ATOM   237  N N   . SER A 1 32  ? -2.202  -1.164  5.420   1.00 14.07 ? 32  SER A N   1 
ATOM   238  C CA  . SER A 1 32  ? -2.416  -2.432  4.704   1.00 14.17 ? 32  SER A CA  1 
ATOM   239  C C   . SER A 1 32  ? -3.676  -3.129  5.237   1.00 13.81 ? 32  SER A C   1 
ATOM   240  O O   . SER A 1 32  ? -4.500  -3.651  4.486   1.00 14.00 ? 32  SER A O   1 
ATOM   241  C CB  . SER A 1 32  ? -1.199  -3.353  4.811   1.00 13.84 ? 32  SER A CB  1 
ATOM   242  O OG  . SER A 1 32  ? -0.071  -2.820  4.145   1.00 15.32 ? 32  SER A OG  1 
ATOM   243  N N   . LYS A 1 33  ? -3.833  -3.169  6.548   1.00 14.06 ? 33  LYS A N   1 
ATOM   244  C CA  . LYS A 1 33  ? -4.963  -3.763  7.228   1.00 15.36 ? 33  LYS A CA  1 
ATOM   245  C C   . LYS A 1 33  ? -6.309  -3.100  6.846   1.00 15.30 ? 33  LYS A C   1 
ATOM   246  O O   . LYS A 1 33  ? -7.255  -3.840  6.520   1.00 15.36 ? 33  LYS A O   1 
ATOM   247  C CB  . LYS A 1 33  ? -4.908  -3.711  8.772   1.00 17.81 ? 33  LYS A CB  1 
ATOM   248  C CG  . LYS A 1 33  ? -6.199  -4.374  9.294   1.00 21.29 ? 33  LYS A CG  1 
ATOM   249  C CD  . LYS A 1 33  ? -6.301  -4.407  10.798  1.00 24.93 ? 33  LYS A CD  1 
ATOM   250  C CE  . LYS A 1 33  ? -7.598  -5.094  11.229  1.00 27.03 ? 33  LYS A CE  1 
ATOM   251  N NZ  . LYS A 1 33  ? -8.760  -4.357  10.643  1.00 27.82 ? 33  LYS A NZ  1 
ATOM   252  N N   . TRP A 1 34  ? -6.396  -1.782  6.911   1.00 14.80 ? 34  TRP A N   1 
ATOM   253  C CA  . TRP A 1 34  ? -7.609  -1.038  6.589   1.00 14.90 ? 34  TRP A CA  1 
ATOM   254  C C   . TRP A 1 34  ? -7.803  -0.913  5.089   1.00 14.67 ? 34  TRP A C   1 
ATOM   255  O O   . TRP A 1 34  ? -8.981  -0.800  4.702   1.00 15.70 ? 34  TRP A O   1 
ATOM   256  C CB  . TRP A 1 34  ? -7.597  0.346   7.265   1.00 15.53 ? 34  TRP A CB  1 
ATOM   257  C CG  . TRP A 1 34  ? -7.614  0.136   8.740   1.00 16.21 ? 34  TRP A CG  1 
ATOM   258  C CD1 . TRP A 1 34  ? -6.578  0.164   9.621   1.00 16.90 ? 34  TRP A CD1 1 
ATOM   259  C CD2 . TRP A 1 34  ? -8.774  -0.196  9.514   1.00 17.78 ? 34  TRP A CD2 1 
ATOM   260  N NE1 . TRP A 1 34  ? -7.004  -0.114  10.894  1.00 17.71 ? 34  TRP A NE1 1 
ATOM   261  C CE2 . TRP A 1 34  ? -8.352  -0.337  10.854  1.00 18.52 ? 34  TRP A CE2 1 
ATOM   262  C CE3 . TRP A 1 34  ? -10.119 -0.372  9.195   1.00 19.16 ? 34  TRP A CE3 1 
ATOM   263  C CZ2 . TRP A 1 34  ? -9.248  -0.642  11.872  1.00 19.90 ? 34  TRP A CZ2 1 
ATOM   264  C CZ3 . TRP A 1 34  ? -11.000 -0.689  10.215  1.00 20.50 ? 34  TRP A CZ3 1 
ATOM   265  C CH2 . TRP A 1 34  ? -10.581 -0.821  11.534  1.00 19.82 ? 34  TRP A CH2 1 
ATOM   266  N N   . GLU A 1 35  ? -6.754  -0.928  4.293   1.00 14.29 ? 35  GLU A N   1 
ATOM   267  C CA  . GLU A 1 35  ? -6.933  -0.812  2.843   1.00 13.86 ? 35  GLU A CA  1 
ATOM   268  C C   . GLU A 1 35  ? -7.359  -2.125  2.201   1.00 13.80 ? 35  GLU A C   1 
ATOM   269  O O   . GLU A 1 35  ? -8.324  -2.131  1.397   1.00 13.42 ? 35  GLU A O   1 
ATOM   270  C CB  . GLU A 1 35  ? -5.662  -0.335  2.145   1.00 14.09 ? 35  GLU A CB  1 
ATOM   271  C CG  . GLU A 1 35  ? -5.336  1.160   2.222   1.00 14.74 ? 35  GLU A CG  1 
ATOM   272  C CD  . GLU A 1 35  ? -6.285  2.045   1.453   1.00 16.71 ? 35  GLU A CD  1 
ATOM   273  O OE1 . GLU A 1 35  ? -7.260  1.703   0.796   1.00 16.54 ? 35  GLU A OE1 1 
ATOM   274  O OE2 . GLU A 1 35  ? -5.969  3.255   1.548   1.00 17.07 ? 35  GLU A OE2 1 
ATOM   275  N N   . SER A 1 36  ? -6.700  -3.216  2.524   1.00 13.41 ? 36  SER A N   1 
ATOM   276  C CA  . SER A 1 36  ? -7.045  -4.490  1.891   1.00 13.47 ? 36  SER A CA  1 
ATOM   277  C C   . SER A 1 36  ? -7.266  -5.686  2.764   1.00 13.86 ? 36  SER A C   1 
ATOM   278  O O   . SER A 1 36  ? -7.531  -6.763  2.202   1.00 14.38 ? 36  SER A O   1 
ATOM   279  C CB  . SER A 1 36  ? -5.847  -4.832  0.981   1.00 13.38 ? 36  SER A CB  1 
ATOM   280  O OG  . SER A 1 36  ? -4.731  -5.049  1.854   1.00 13.26 ? 36  SER A OG  1 
ATOM   281  N N   . SER A 1 37  ? -7.097  -5.571  4.058   1.00 14.67 ? 37  SER A N   1 
ATOM   282  C CA  . SER A 1 37  ? -7.206  -6.695  5.001   1.00 15.00 ? 37  SER A CA  1 
ATOM   283  C C   . SER A 1 37  ? -6.050  -7.657  4.742   1.00 14.80 ? 37  SER A C   1 
ATOM   284  O O   . SER A 1 37  ? -6.174  -8.897  4.836   1.00 15.19 ? 37  SER A O   1 
ATOM   285  C CB  . SER A 1 37  ? -8.512  -7.467  4.921   1.00 18.23 ? 37  SER A CB  1 
ATOM   286  O OG  . SER A 1 37  ? -9.676  -6.690  5.144   1.00 21.14 ? 37  SER A OG  1 
ATOM   287  N N   . TYR A 1 38  ? -4.880  -7.155  4.376   1.00 13.77 ? 38  TYR A N   1 
ATOM   288  C CA  . TYR A 1 38  ? -3.663  -7.896  4.088   1.00 13.08 ? 38  TYR A CA  1 
ATOM   289  C C   . TYR A 1 38  ? -3.725  -8.819  2.869   1.00 12.47 ? 38  TYR A C   1 
ATOM   290  O O   . TYR A 1 38  ? -2.931  -9.759  2.750   1.00 11.91 ? 38  TYR A O   1 
ATOM   291  C CB  . TYR A 1 38  ? -3.279  -8.764  5.305   1.00 13.44 ? 38  TYR A CB  1 
ATOM   292  C CG  . TYR A 1 38  ? -3.153  -8.006  6.596   1.00 14.63 ? 38  TYR A CG  1 
ATOM   293  C CD1 . TYR A 1 38  ? -2.362  -6.865  6.708   1.00 16.06 ? 38  TYR A CD1 1 
ATOM   294  C CD2 . TYR A 1 38  ? -3.856  -8.421  7.726   1.00 15.53 ? 38  TYR A CD2 1 
ATOM   295  C CE1 . TYR A 1 38  ? -2.259  -6.153  7.903   1.00 15.15 ? 38  TYR A CE1 1 
ATOM   296  C CE2 . TYR A 1 38  ? -3.745  -7.739  8.936   1.00 16.08 ? 38  TYR A CE2 1 
ATOM   297  C CZ  . TYR A 1 38  ? -2.942  -6.613  9.016   1.00 15.26 ? 38  TYR A CZ  1 
ATOM   298  O OH  . TYR A 1 38  ? -2.855  -5.963  10.212  1.00 16.20 ? 38  TYR A OH  1 
ATOM   299  N N   . ASN A 1 39  ? -4.635  -8.552  1.962   1.00 11.77 ? 39  ASN A N   1 
ATOM   300  C CA  . ASN A 1 39  ? -4.822  -9.399  0.783   1.00 11.79 ? 39  ASN A CA  1 
ATOM   301  C C   . ASN A 1 39  ? -4.209  -8.745  -0.443  1.00 11.56 ? 39  ASN A C   1 
ATOM   302  O O   . ASN A 1 39  ? -4.719  -7.713  -0.906  1.00 11.72 ? 39  ASN A O   1 
ATOM   303  C CB  . ASN A 1 39  ? -6.321  -9.710  0.655   1.00 12.54 ? 39  ASN A CB  1 
ATOM   304  C CG  . ASN A 1 39  ? -6.652  -10.624 -0.507  1.00 11.64 ? 39  ASN A CG  1 
ATOM   305  O OD1 . ASN A 1 39  ? -5.854  -11.293 -1.143  1.00 11.28 ? 39  ASN A OD1 1 
ATOM   306  N ND2 . ASN A 1 39  ? -7.929  -10.705 -0.833  1.00 12.61 ? 39  ASN A ND2 1 
ATOM   307  N N   . THR A 1 40  ? -3.174  -9.374  -0.987  1.00 11.50 ? 40  THR A N   1 
ATOM   308  C CA  . THR A 1 40  ? -2.502  -8.864  -2.184  1.00 12.58 ? 40  THR A CA  1 
ATOM   309  C C   . THR A 1 40  ? -3.402  -8.846  -3.427  1.00 12.92 ? 40  THR A C   1 
ATOM   310  O O   . THR A 1 40  ? -3.097  -8.069  -4.361  1.00 13.10 ? 40  THR A O   1 
ATOM   311  C CB  . THR A 1 40  ? -1.154  -9.647  -2.502  1.00 12.74 ? 40  THR A CB  1 
ATOM   312  O OG1 . THR A 1 40  ? -1.519  -10.951 -3.051  1.00 11.54 ? 40  THR A OG1 1 
ATOM   313  C CG2 . THR A 1 40  ? -0.256  -9.759  -1.275  1.00 11.77 ? 40  THR A CG2 1 
ATOM   314  N N   . GLN A 1 41  ? -4.453  -9.656  -3.478  1.00 13.17 ? 41  GLN A N   1 
ATOM   315  C CA  . GLN A 1 41  ? -5.355  -9.706  -4.631  1.00 13.75 ? 41  GLN A CA  1 
ATOM   316  C C   . GLN A 1 41  ? -6.555  -8.773  -4.493  1.00 14.33 ? 41  GLN A C   1 
ATOM   317  O O   . GLN A 1 41  ? -7.449  -8.895  -5.368  1.00 15.22 ? 41  GLN A O   1 
ATOM   318  C CB  . GLN A 1 41  ? -5.834  -11.151 -4.877  1.00 12.38 ? 41  GLN A CB  1 
ATOM   319  C CG  . GLN A 1 41  ? -4.667  -12.116 -5.020  1.00 13.01 ? 41  GLN A CG  1 
ATOM   320  C CD  . GLN A 1 41  ? -5.130  -13.454 -5.568  1.00 12.32 ? 41  GLN A CD  1 
ATOM   321  O OE1 . GLN A 1 41  ? -5.236  -14.412 -4.805  1.00 13.27 ? 41  GLN A OE1 1 
ATOM   322  N NE2 . GLN A 1 41  ? -5.445  -13.456 -6.853  1.00 11.06 ? 41  GLN A NE2 1 
ATOM   323  N N   . ALA A 1 42  ? -6.598  -7.904  -3.499  1.00 13.85 ? 42  ALA A N   1 
ATOM   324  C CA  . ALA A 1 42  ? -7.751  -6.999  -3.390  1.00 14.25 ? 42  ALA A CA  1 
ATOM   325  C C   . ALA A 1 42  ? -7.814  -6.005  -4.551  1.00 14.20 ? 42  ALA A C   1 
ATOM   326  O O   . ALA A 1 42  ? -6.815  -5.459  -5.028  1.00 13.52 ? 42  ALA A O   1 
ATOM   327  C CB  . ALA A 1 42  ? -7.730  -6.246  -2.056  1.00 13.81 ? 42  ALA A CB  1 
ATOM   328  N N   . THR A 1 43  ? -9.031  -5.754  -5.025  1.00 14.53 ? 43  THR A N   1 
ATOM   329  C CA  . THR A 1 43  ? -9.328  -4.794  -6.096  1.00 15.92 ? 43  THR A CA  1 
ATOM   330  C C   . THR A 1 43  ? -10.628 -4.058  -5.716  1.00 16.75 ? 43  THR A C   1 
ATOM   331  O O   . THR A 1 43  ? -11.517 -4.627  -5.096  1.00 17.43 ? 43  THR A O   1 
ATOM   332  C CB  . THR A 1 43  ? -9.421  -5.350  -7.562  1.00 14.81 ? 43  THR A CB  1 
ATOM   333  O OG1 . THR A 1 43  ? -10.440 -6.393  -7.591  1.00 15.13 ? 43  THR A OG1 1 
ATOM   334  C CG2 . THR A 1 43  ? -8.083  -5.876  -8.072  1.00 13.51 ? 43  THR A CG2 1 
ATOM   335  N N   . ASN A 1 44  ? -10.720 -2.800  -6.069  1.00 17.57 ? 44  ASN A N   1 
ATOM   336  C CA  . ASN A 1 44  ? -11.869 -1.946  -5.793  1.00 18.99 ? 44  ASN A CA  1 
ATOM   337  C C   . ASN A 1 44  ? -12.060 -0.967  -6.953  1.00 19.30 ? 44  ASN A C   1 
ATOM   338  O O   . ASN A 1 44  ? -11.162 -0.167  -7.231  1.00 18.58 ? 44  ASN A O   1 
ATOM   339  C CB  . ASN A 1 44  ? -11.734 -1.203  -4.460  1.00 22.58 ? 44  ASN A CB  1 
ATOM   340  C CG  . ASN A 1 44  ? -12.937 -0.308  -4.178  1.00 25.94 ? 44  ASN A CG  1 
ATOM   341  O OD1 . ASN A 1 44  ? -13.996 -0.841  -3.784  1.00 28.19 ? 44  ASN A OD1 1 
ATOM   342  N ND2 . ASN A 1 44  ? -12.832 1.012   -4.371  1.00 26.32 ? 44  ASN A ND2 1 
ATOM   343  N N   . ARG A 1 45  ? -13.217 -1.052  -7.567  1.00 19.97 ? 45  ARG A N   1 
ATOM   344  C CA  . ARG A 1 45  ? -13.590 -0.196  -8.697  1.00 21.42 ? 45  ARG A CA  1 
ATOM   345  C C   . ARG A 1 45  ? -14.109 1.133   -8.165  1.00 21.74 ? 45  ARG A C   1 
ATOM   346  O O   . ARG A 1 45  ? -14.923 1.105   -7.221  1.00 21.23 ? 45  ARG A O   1 
ATOM   347  C CB  . ARG A 1 45  ? -14.637 -0.865  -9.579  1.00 24.01 ? 45  ARG A CB  1 
ATOM   348  C CG  . ARG A 1 45  ? -14.880 -0.208  -10.932 1.00 27.42 ? 45  ARG A CG  1 
ATOM   349  C CD  . ARG A 1 45  ? -13.698 -0.343  -11.784 1.00 31.68 ? 45  ARG A CD  1 
ATOM   350  N NE  . ARG A 1 45  ? -13.630 0.313   -13.063 1.00 35.57 ? 45  ARG A NE  1 
ATOM   351  C CZ  . ARG A 1 45  ? -14.078 -0.165  -14.240 1.00 37.81 ? 45  ARG A CZ  1 
ATOM   352  N NH1 . ARG A 1 45  ? -14.776 -1.311  -14.268 1.00 38.37 ? 45  ARG A NH1 1 
ATOM   353  N NH2 . ARG A 1 45  ? -13.675 0.433   -15.383 1.00 37.11 ? 45  ARG A NH2 1 
ATOM   354  N N   . ASN A 1 46  ? -13.640 2.230   -8.737  1.00 22.39 ? 46  ASN A N   1 
ATOM   355  C CA  . ASN A 1 46  ? -14.135 3.546   -8.251  1.00 23.53 ? 46  ASN A CA  1 
ATOM   356  C C   . ASN A 1 46  ? -15.109 4.124   -9.276  1.00 24.45 ? 46  ASN A C   1 
ATOM   357  O O   . ASN A 1 46  ? -15.102 3.725   -10.447 1.00 24.27 ? 46  ASN A O   1 
ATOM   358  C CB  . ASN A 1 46  ? -12.979 4.482   -7.922  1.00 22.69 ? 46  ASN A CB  1 
ATOM   359  C CG  . ASN A 1 46  ? -12.243 3.955   -6.704  1.00 22.16 ? 46  ASN A CG  1 
ATOM   360  O OD1 . ASN A 1 46  ? -11.061 3.620   -6.829  1.00 24.12 ? 46  ASN A OD1 1 
ATOM   361  N ND2 . ASN A 1 46  ? -12.885 3.843   -5.563  1.00 21.67 ? 46  ASN A ND2 1 
ATOM   362  N N   . THR A 1 47  ? -15.875 5.097   -8.811  1.00 25.47 ? 47  THR A N   1 
ATOM   363  C CA  . THR A 1 47  ? -16.889 5.779   -9.632  1.00 27.04 ? 47  THR A CA  1 
ATOM   364  C C   . THR A 1 47  ? -16.295 6.527   -10.813 1.00 26.92 ? 47  THR A C   1 
ATOM   365  O O   . THR A 1 47  ? -17.015 6.753   -11.803 1.00 27.74 ? 47  THR A O   1 
ATOM   366  C CB  . THR A 1 47  ? -17.803 6.777   -8.805  1.00 29.31 ? 47  THR A CB  1 
ATOM   367  O OG1 . THR A 1 47  ? -17.029 8.020   -8.689  1.00 31.74 ? 47  THR A OG1 1 
ATOM   368  C CG2 . THR A 1 47  ? -18.251 6.296   -7.417  1.00 30.71 ? 47  THR A CG2 1 
ATOM   369  N N   . ASP A 1 48  ? -15.037 6.906   -10.768 1.00 26.72 ? 48  ASP A N   1 
ATOM   370  C CA  . ASP A 1 48  ? -14.364 7.625   -11.862 1.00 25.79 ? 48  ASP A CA  1 
ATOM   371  C C   . ASP A 1 48  ? -13.758 6.691   -12.911 1.00 24.50 ? 48  ASP A C   1 
ATOM   372  O O   . ASP A 1 48  ? -13.063 7.171   -13.836 1.00 25.39 ? 48  ASP A O   1 
ATOM   373  C CB  . ASP A 1 48  ? -13.299 8.551   -11.267 1.00 28.27 ? 48  ASP A CB  1 
ATOM   374  C CG  . ASP A 1 48  ? -12.133 7.806   -10.632 1.00 30.14 ? 48  ASP A CG  1 
ATOM   375  O OD1 . ASP A 1 48  ? -12.083 6.569   -10.491 1.00 29.99 ? 48  ASP A OD1 1 
ATOM   376  O OD2 . ASP A 1 48  ? -11.188 8.544   -10.257 1.00 31.73 ? 48  ASP A OD2 1 
ATOM   377  N N   . GLY A 1 49  ? -13.958 5.398   -12.759 1.00 22.75 ? 49  GLY A N   1 
ATOM   378  C CA  . GLY A 1 49  ? -13.434 4.412   -13.707 1.00 21.35 ? 49  GLY A CA  1 
ATOM   379  C C   . GLY A 1 49  ? -12.084 3.818   -13.305 1.00 19.73 ? 49  GLY A C   1 
ATOM   380  O O   . GLY A 1 49  ? -11.633 2.900   -14.001 1.00 19.97 ? 49  GLY A O   1 
ATOM   381  N N   . SER A 1 50  ? -11.513 4.316   -12.232 1.00 18.47 ? 50  SER A N   1 
ATOM   382  C CA  . SER A 1 50  ? -10.220 3.823   -11.752 1.00 16.70 ? 50  SER A CA  1 
ATOM   383  C C   . SER A 1 50  ? -10.519 2.674   -10.775 1.00 15.87 ? 50  SER A C   1 
ATOM   384  O O   . SER A 1 50  ? -11.640 2.521   -10.277 1.00 15.27 ? 50  SER A O   1 
ATOM   385  C CB  . SER A 1 50  ? -9.373  4.890   -11.100 1.00 15.19 ? 50  SER A CB  1 
ATOM   386  O OG  . SER A 1 50  ? -9.964  5.210   -9.841  1.00 15.12 ? 50  SER A OG  1 
ATOM   387  N N   . THR A 1 51  ? -9.447  1.913   -10.589 1.00 15.01 ? 51  THR A N   1 
ATOM   388  C CA  . THR A 1 51  ? -9.434  0.744   -9.711  1.00 13.99 ? 51  THR A CA  1 
ATOM   389  C C   . THR A 1 51  ? -8.217  0.813   -8.797  1.00 13.48 ? 51  THR A C   1 
ATOM   390  O O   . THR A 1 51  ? -7.162  1.281   -9.265  1.00 13.24 ? 51  THR A O   1 
ATOM   391  C CB  . THR A 1 51  ? -9.480  -0.606  -10.524 1.00 14.06 ? 51  THR A CB  1 
ATOM   392  O OG1 . THR A 1 51  ? -10.680 -0.540  -11.369 1.00 14.86 ? 51  THR A OG1 1 
ATOM   393  C CG2 . THR A 1 51  ? -9.482  -1.880  -9.666  1.00 13.17 ? 51  THR A CG2 1 
ATOM   394  N N   . ASP A 1 52  ? -8.386  0.347   -7.588  1.00 13.27 ? 52  ASP A N   1 
ATOM   395  C CA  . ASP A 1 52  ? -7.374  0.274   -6.535  1.00 13.47 ? 52  ASP A CA  1 
ATOM   396  C C   . ASP A 1 52  ? -6.878  -1.179  -6.564  1.00 13.20 ? 52  ASP A C   1 
ATOM   397  O O   . ASP A 1 52  ? -7.712  -2.079  -6.713  1.00 13.14 ? 52  ASP A O   1 
ATOM   398  C CB  . ASP A 1 52  ? -7.901  0.717   -5.178  1.00 14.98 ? 52  ASP A CB  1 
ATOM   399  C CG  . ASP A 1 52  ? -8.502  2.122   -5.201  1.00 15.83 ? 52  ASP A CG  1 
ATOM   400  O OD1 . ASP A 1 52  ? -7.930  3.030   -5.807  1.00 15.81 ? 52  ASP A OD1 1 
ATOM   401  O OD2 . ASP A 1 52  ? -9.562  2.295   -4.573  1.00 16.98 ? 52  ASP A OD2 1 
ATOM   402  N N   . TYR A 1 53  ? -5.568  -1.366  -6.484  1.00 12.57 ? 53  TYR A N   1 
ATOM   403  C CA  . TYR A 1 53  ? -4.923  -2.674  -6.581  1.00 11.97 ? 53  TYR A CA  1 
ATOM   404  C C   . TYR A 1 53  ? -3.948  -3.077  -5.494  1.00 11.82 ? 53  TYR A C   1 
ATOM   405  O O   . TYR A 1 53  ? -3.019  -2.319  -5.151  1.00 11.98 ? 53  TYR A O   1 
ATOM   406  C CB  . TYR A 1 53  ? -4.121  -2.714  -7.916  1.00 10.65 ? 53  TYR A CB  1 
ATOM   407  C CG  . TYR A 1 53  ? -4.965  -2.626  -9.162  1.00 11.49 ? 53  TYR A CG  1 
ATOM   408  C CD1 . TYR A 1 53  ? -5.321  -1.415  -9.766  1.00 10.36 ? 53  TYR A CD1 1 
ATOM   409  C CD2 . TYR A 1 53  ? -5.442  -3.810  -9.753  1.00 12.29 ? 53  TYR A CD2 1 
ATOM   410  C CE1 . TYR A 1 53  ? -6.115  -1.372  -10.906 1.00 9.78  ? 53  TYR A CE1 1 
ATOM   411  C CE2 . TYR A 1 53  ? -6.245  -3.773  -10.901 1.00 11.24 ? 53  TYR A CE2 1 
ATOM   412  C CZ  . TYR A 1 53  ? -6.581  -2.543  -11.477 1.00 10.76 ? 53  TYR A CZ  1 
ATOM   413  O OH  . TYR A 1 53  ? -7.340  -2.497  -12.613 1.00 11.09 ? 53  TYR A OH  1 
ATOM   414  N N   . GLY A 1 54  ? -4.161  -4.294  -5.003  1.00 11.19 ? 54  GLY A N   1 
ATOM   415  C CA  . GLY A 1 54  ? -3.301  -4.894  -4.010  1.00 10.48 ? 54  GLY A CA  1 
ATOM   416  C C   . GLY A 1 54  ? -3.476  -4.545  -2.565  1.00 10.44 ? 54  GLY A C   1 
ATOM   417  O O   . GLY A 1 54  ? -4.456  -3.966  -2.116  1.00 9.67  ? 54  GLY A O   1 
ATOM   418  N N   . ILE A 1 55  ? -2.430  -4.924  -1.837  1.00 10.62 ? 55  ILE A N   1 
ATOM   419  C CA  . ILE A 1 55  ? -2.319  -4.765  -0.378  1.00 10.90 ? 55  ILE A CA  1 
ATOM   420  C C   . ILE A 1 55  ? -2.326  -3.295  0.022   1.00 11.35 ? 55  ILE A C   1 
ATOM   421  O O   . ILE A 1 55  ? -2.892  -2.970  1.076   1.00 11.67 ? 55  ILE A O   1 
ATOM   422  C CB  . ILE A 1 55  ? -1.081  -5.613  0.125   1.00 10.32 ? 55  ILE A CB  1 
ATOM   423  C CG1 . ILE A 1 55  ? -1.341  -6.054  1.590   1.00 10.40 ? 55  ILE A CG1 1 
ATOM   424  C CG2 . ILE A 1 55  ? 0.283   -4.893  -0.023  1.00 9.62  ? 55  ILE A CG2 1 
ATOM   425  C CD1 . ILE A 1 55  ? -0.398  -7.185  2.122   1.00 10.70 ? 55  ILE A CD1 1 
ATOM   426  N N   . PHE A 1 56  ? -1.761  -2.429  -0.796  1.00 11.50 ? 56  PHE A N   1 
ATOM   427  C CA  . PHE A 1 56  ? -1.713  -0.986  -0.503  1.00 11.77 ? 56  PHE A CA  1 
ATOM   428  C C   . PHE A 1 56  ? -2.812  -0.249  -1.281  1.00 12.37 ? 56  PHE A C   1 
ATOM   429  O O   . PHE A 1 56  ? -2.938  0.989   -1.165  1.00 12.80 ? 56  PHE A O   1 
ATOM   430  C CB  . PHE A 1 56  ? -0.341  -0.381  -0.791  1.00 11.49 ? 56  PHE A CB  1 
ATOM   431  C CG  . PHE A 1 56  ? 0.837   -1.053  -0.136  1.00 11.95 ? 56  PHE A CG  1 
ATOM   432  C CD1 . PHE A 1 56  ? 0.912   -1.155  1.260   1.00 13.11 ? 56  PHE A CD1 1 
ATOM   433  C CD2 . PHE A 1 56  ? 1.851   -1.588  -0.917  1.00 11.68 ? 56  PHE A CD2 1 
ATOM   434  C CE1 . PHE A 1 56  ? 1.996   -1.794  1.888   1.00 12.82 ? 56  PHE A CE1 1 
ATOM   435  C CE2 . PHE A 1 56  ? 2.939   -2.217  -0.320  1.00 12.22 ? 56  PHE A CE2 1 
ATOM   436  C CZ  . PHE A 1 56  ? 3.009   -2.320  1.064   1.00 12.29 ? 56  PHE A CZ  1 
ATOM   437  N N   . GLN A 1 57  ? -3.587  -0.973  -2.067  1.00 11.96 ? 57  GLN A N   1 
ATOM   438  C CA  . GLN A 1 57  ? -4.682  -0.389  -2.844  1.00 12.48 ? 57  GLN A CA  1 
ATOM   439  C C   . GLN A 1 57  ? -4.251  0.868   -3.603  1.00 12.60 ? 57  GLN A C   1 
ATOM   440  O O   . GLN A 1 57  ? -4.822  1.973   -3.454  1.00 13.29 ? 57  GLN A O   1 
ATOM   441  C CB  . GLN A 1 57  ? -5.895  -0.076  -1.942  1.00 11.85 ? 57  GLN A CB  1 
ATOM   442  C CG  . GLN A 1 57  ? -6.586  -1.299  -1.361  1.00 12.12 ? 57  GLN A CG  1 
ATOM   443  C CD  . GLN A 1 57  ? -7.425  -2.005  -2.399  1.00 14.04 ? 57  GLN A CD  1 
ATOM   444  O OE1 . GLN A 1 57  ? -8.488  -1.533  -2.798  1.00 13.74 ? 57  GLN A OE1 1 
ATOM   445  N NE2 . GLN A 1 57  ? -6.916  -3.131  -2.881  1.00 14.09 ? 57  GLN A NE2 1 
ATOM   446  N N   . ILE A 1 58  ? -3.287  0.687   -4.457  1.00 11.85 ? 58  ILE A N   1 
ATOM   447  C CA  . ILE A 1 58  ? -2.745  1.741   -5.331  1.00 11.70 ? 58  ILE A CA  1 
ATOM   448  C C   . ILE A 1 58  ? -3.713  1.954   -6.490  1.00 11.48 ? 58  ILE A C   1 
ATOM   449  O O   . ILE A 1 58  ? -4.170  1.056   -7.192  1.00 11.05 ? 58  ILE A O   1 
ATOM   450  C CB  . ILE A 1 58  ? -1.268  1.379   -5.713  1.00 11.21 ? 58  ILE A CB  1 
ATOM   451  C CG1 . ILE A 1 58  ? -0.409  1.504   -4.419  1.00 11.77 ? 58  ILE A CG1 1 
ATOM   452  C CG2 . ILE A 1 58  ? -0.733  2.222   -6.880  1.00 10.22 ? 58  ILE A CG2 1 
ATOM   453  C CD1 . ILE A 1 58  ? 1.008   0.914   -4.595  1.00 12.51 ? 58  ILE A CD1 1 
ATOM   454  N N   . ASN A 1 59  ? -4.039  3.217   -6.718  1.00 11.83 ? 59  ASN A N   1 
ATOM   455  C CA  . ASN A 1 59  ? -4.992  3.677   -7.725  1.00 11.91 ? 59  ASN A CA  1 
ATOM   456  C C   . ASN A 1 59  ? -4.405  3.774   -9.120  1.00 12.53 ? 59  ASN A C   1 
ATOM   457  O O   . ASN A 1 59  ? -3.316  4.303   -9.336  1.00 12.64 ? 59  ASN A O   1 
ATOM   458  C CB  . ASN A 1 59  ? -5.576  5.016   -7.222  1.00 12.31 ? 59  ASN A CB  1 
ATOM   459  C CG  . ASN A 1 59  ? -6.754  5.465   -8.075  1.00 12.60 ? 59  ASN A CG  1 
ATOM   460  O OD1 . ASN A 1 59  ? -6.562  6.243   -9.033  1.00 13.08 ? 59  ASN A OD1 1 
ATOM   461  N ND2 . ASN A 1 59  ? -7.921  4.944   -7.701  1.00 10.94 ? 59  ASN A ND2 1 
ATOM   462  N N   . SER A 1 60  ? -5.229  3.298   -10.047 1.00 13.31 ? 60  SER A N   1 
ATOM   463  C CA  . SER A 1 60  ? -4.897  3.239   -11.477 1.00 14.40 ? 60  SER A CA  1 
ATOM   464  C C   . SER A 1 60  ? -5.014  4.558   -12.223 1.00 15.82 ? 60  SER A C   1 
ATOM   465  O O   . SER A 1 60  ? -4.587  4.566   -13.404 1.00 15.92 ? 60  SER A O   1 
ATOM   466  C CB  . SER A 1 60  ? -5.772  2.198   -12.191 1.00 13.79 ? 60  SER A CB  1 
ATOM   467  O OG  . SER A 1 60  ? -7.126  2.587   -12.202 1.00 14.60 ? 60  SER A OG  1 
ATOM   468  N N   . ARG A 1 61  ? -5.542  5.613   -11.617 1.00 17.15 ? 61  ARG A N   1 
ATOM   469  C CA  . ARG A 1 61  ? -5.571  6.877   -12.353 1.00 18.65 ? 61  ARG A CA  1 
ATOM   470  C C   . ARG A 1 61  ? -4.167  7.502   -12.410 1.00 18.39 ? 61  ARG A C   1 
ATOM   471  O O   . ARG A 1 61  ? -3.768  8.209   -13.355 1.00 18.36 ? 61  ARG A O   1 
ATOM   472  C CB  . ARG A 1 61  ? -6.526  7.904   -11.756 1.00 23.30 ? 61  ARG A CB  1 
ATOM   473  C CG  . ARG A 1 61  ? -6.682  9.011   -12.812 1.00 29.21 ? 61  ARG A CG  1 
ATOM   474  C CD  . ARG A 1 61  ? -8.033  9.629   -12.736 1.00 34.57 ? 61  ARG A CD  1 
ATOM   475  N NE  . ARG A 1 61  ? -7.989  10.939  -12.107 1.00 39.87 ? 61  ARG A NE  1 
ATOM   476  C CZ  . ARG A 1 61  ? -7.406  12.002  -12.681 1.00 42.31 ? 61  ARG A CZ  1 
ATOM   477  N NH1 . ARG A 1 61  ? -6.806  11.949  -13.870 1.00 43.89 ? 61  ARG A NH1 1 
ATOM   478  N NH2 . ARG A 1 61  ? -7.444  13.169  -12.027 1.00 44.29 ? 61  ARG A NH2 1 
ATOM   479  N N   . TYR A 1 62  ? -3.402  7.266   -11.345 1.00 17.90 ? 62  TYR A N   1 
ATOM   480  C CA  . TYR A 1 62  ? -2.069  7.820   -11.226 1.00 17.51 ? 62  TYR A CA  1 
ATOM   481  C C   . TYR A 1 62  ? -0.841  6.940   -11.284 1.00 16.78 ? 62  TYR A C   1 
ATOM   482  O O   . TYR A 1 62  ? 0.166   7.374   -11.885 1.00 16.85 ? 62  TYR A O   1 
ATOM   483  C CB  . TYR A 1 62  ? -1.960  8.492   -9.801  1.00 19.77 ? 62  TYR A CB  1 
ATOM   484  C CG  . TYR A 1 62  ? -3.072  9.505   -9.620  1.00 22.06 ? 62  TYR A CG  1 
ATOM   485  C CD1 . TYR A 1 62  ? -2.965  10.773  -10.185 1.00 22.55 ? 62  TYR A CD1 1 
ATOM   486  C CD2 . TYR A 1 62  ? -4.234  9.152   -8.931  1.00 22.44 ? 62  TYR A CD2 1 
ATOM   487  C CE1 . TYR A 1 62  ? -4.004  11.698  -10.046 1.00 23.72 ? 62  TYR A CE1 1 
ATOM   488  C CE2 . TYR A 1 62  ? -5.278  10.058  -8.785  1.00 24.27 ? 62  TYR A CE2 1 
ATOM   489  C CZ  . TYR A 1 62  ? -5.142  11.331  -9.348  1.00 24.95 ? 62  TYR A CZ  1 
ATOM   490  O OH  . TYR A 1 62  ? -6.162  12.244  -9.206  1.00 27.43 ? 62  TYR A OH  1 
ATOM   491  N N   . TRP A 1 63  ? -0.899  5.781   -10.630 1.00 15.51 ? 63  TRP A N   1 
ATOM   492  C CA  . TRP A 1 63  ? 0.319   4.964   -10.528 1.00 14.42 ? 63  TRP A CA  1 
ATOM   493  C C   . TRP A 1 63  ? 0.536   3.759   -11.395 1.00 13.99 ? 63  TRP A C   1 
ATOM   494  O O   . TRP A 1 63  ? 1.736   3.438   -11.466 1.00 13.38 ? 63  TRP A O   1 
ATOM   495  C CB  . TRP A 1 63  ? 0.361   4.498   -9.023  1.00 12.38 ? 63  TRP A CB  1 
ATOM   496  C CG  . TRP A 1 63  ? 0.091   5.675   -8.137  1.00 13.54 ? 63  TRP A CG  1 
ATOM   497  C CD1 . TRP A 1 63  ? -1.090  6.012   -7.527  1.00 13.12 ? 63  TRP A CD1 1 
ATOM   498  C CD2 . TRP A 1 63  ? 1.022   6.732   -7.840  1.00 13.49 ? 63  TRP A CD2 1 
ATOM   499  N NE1 . TRP A 1 63  ? -0.960  7.190   -6.827  1.00 13.72 ? 63  TRP A NE1 1 
ATOM   500  C CE2 . TRP A 1 63  ? 0.323   7.649   -7.012  1.00 14.03 ? 63  TRP A CE2 1 
ATOM   501  C CE3 . TRP A 1 63  ? 2.349   6.961   -8.180  1.00 13.65 ? 63  TRP A CE3 1 
ATOM   502  C CZ2 . TRP A 1 63  ? 0.945   8.788   -6.510  1.00 13.53 ? 63  TRP A CZ2 1 
ATOM   503  C CZ3 . TRP A 1 63  ? 2.957   8.102   -7.681  1.00 13.99 ? 63  TRP A CZ3 1 
ATOM   504  C CH2 . TRP A 1 63  ? 2.266   8.996   -6.866  1.00 13.04 ? 63  TRP A CH2 1 
ATOM   505  N N   . CYS A 1 64  ? -0.460  3.123   -11.949 1.00 14.23 ? 64  CYS A N   1 
ATOM   506  C CA  . CYS A 1 64  ? -0.234  1.914   -12.756 1.00 13.72 ? 64  CYS A CA  1 
ATOM   507  C C   . CYS A 1 64  ? -1.159  1.902   -13.967 1.00 13.82 ? 64  CYS A C   1 
ATOM   508  O O   . CYS A 1 64  ? -2.172  2.609   -13.983 1.00 13.21 ? 64  CYS A O   1 
ATOM   509  C CB  . CYS A 1 64  ? -0.387  0.700   -11.841 1.00 13.30 ? 64  CYS A CB  1 
ATOM   510  S SG  . CYS A 1 64  ? -2.020  0.410   -11.086 1.00 12.93 ? 64  CYS A SG  1 
ATOM   511  N N   . ASP A 1 65  ? -0.777  1.049   -14.914 1.00 14.14 ? 65  ASP A N   1 
ATOM   512  C CA  . ASP A 1 65  ? -1.574  0.895   -16.146 1.00 15.22 ? 65  ASP A CA  1 
ATOM   513  C C   . ASP A 1 65  ? -2.498  -0.320  -16.077 1.00 15.11 ? 65  ASP A C   1 
ATOM   514  O O   . ASP A 1 65  ? -1.985  -1.441  -15.925 1.00 14.58 ? 65  ASP A O   1 
ATOM   515  C CB  . ASP A 1 65  ? -0.634  0.802   -17.336 1.00 18.71 ? 65  ASP A CB  1 
ATOM   516  C CG  . ASP A 1 65  ? -1.360  0.537   -18.644 1.00 21.30 ? 65  ASP A CG  1 
ATOM   517  O OD1 . ASP A 1 65  ? -2.511  0.994   -18.742 1.00 21.90 ? 65  ASP A OD1 1 
ATOM   518  O OD2 . ASP A 1 65  ? -0.782  -0.091  -19.552 1.00 24.44 ? 65  ASP A OD2 1 
ATOM   519  N N   . ASP A 1 66  ? -3.802  -0.104  -16.158 1.00 15.04 ? 66  ASP A N   1 
ATOM   520  C CA  . ASP A 1 66  ? -4.721  -1.282  -16.121 1.00 16.03 ? 66  ASP A CA  1 
ATOM   521  C C   . ASP A 1 66  ? -5.476  -1.311  -17.468 1.00 16.64 ? 66  ASP A C   1 
ATOM   522  O O   . ASP A 1 66  ? -6.356  -2.166  -17.637 1.00 17.15 ? 66  ASP A O   1 
ATOM   523  C CB  . ASP A 1 66  ? -5.635  -1.341  -14.911 1.00 13.89 ? 66  ASP A CB  1 
ATOM   524  C CG  . ASP A 1 66  ? -6.789  -0.386  -14.858 1.00 13.69 ? 66  ASP A CG  1 
ATOM   525  O OD1 . ASP A 1 66  ? -6.957  0.440   -15.766 1.00 14.75 ? 66  ASP A OD1 1 
ATOM   526  O OD2 . ASP A 1 66  ? -7.581  -0.428  -13.896 1.00 12.82 ? 66  ASP A OD2 1 
ATOM   527  N N   . GLY A 1 67  ? -5.167  -0.426  -18.382 1.00 17.00 ? 67  GLY A N   1 
ATOM   528  C CA  . GLY A 1 67  ? -5.739  -0.308  -19.699 1.00 18.01 ? 67  GLY A CA  1 
ATOM   529  C C   . GLY A 1 67  ? -7.174  0.122   -19.869 1.00 18.48 ? 67  GLY A C   1 
ATOM   530  O O   . GLY A 1 67  ? -7.656  0.181   -21.022 1.00 18.40 ? 67  GLY A O   1 
ATOM   531  N N   . ARG A 1 68  ? -7.873  0.438   -18.800 1.00 19.14 ? 68  ARG A N   1 
ATOM   532  C CA  . ARG A 1 68  ? -9.285  0.860   -18.837 1.00 20.13 ? 68  ARG A CA  1 
ATOM   533  C C   . ARG A 1 68  ? -9.570  2.086   -17.982 1.00 20.57 ? 68  ARG A C   1 
ATOM   534  O O   . ARG A 1 68  ? -10.743 2.356   -17.659 1.00 21.23 ? 68  ARG A O   1 
ATOM   535  C CB  . ARG A 1 68  ? -10.202 -0.279  -18.369 1.00 19.63 ? 68  ARG A CB  1 
ATOM   536  C CG  . ARG A 1 68  ? -9.964  -0.628  -16.903 1.00 19.99 ? 68  ARG A CG  1 
ATOM   537  C CD  . ARG A 1 68  ? -11.012 -1.584  -16.464 1.00 19.63 ? 68  ARG A CD  1 
ATOM   538  N NE  . ARG A 1 68  ? -11.123 -1.599  -15.011 1.00 20.10 ? 68  ARG A NE  1 
ATOM   539  C CZ  . ARG A 1 68  ? -11.760 -2.609  -14.392 1.00 21.92 ? 68  ARG A CZ  1 
ATOM   540  N NH1 . ARG A 1 68  ? -12.273 -3.609  -15.127 1.00 21.88 ? 68  ARG A NH1 1 
ATOM   541  N NH2 . ARG A 1 68  ? -11.954 -2.616  -13.066 1.00 21.34 ? 68  ARG A NH2 1 
ATOM   542  N N   . THR A 1 69  ? -8.512  2.787   -17.602 1.00 20.88 ? 69  THR A N   1 
ATOM   543  C CA  . THR A 1 69  ? -8.682  3.983   -16.786 1.00 22.02 ? 69  THR A CA  1 
ATOM   544  C C   . THR A 1 69  ? -8.399  5.192   -17.686 1.00 23.77 ? 69  THR A C   1 
ATOM   545  O O   . THR A 1 69  ? -7.317  5.313   -18.250 1.00 24.29 ? 69  THR A O   1 
ATOM   546  C CB  . THR A 1 69  ? -7.830  4.079   -15.470 1.00 20.57 ? 69  THR A CB  1 
ATOM   547  O OG1 . THR A 1 69  ? -8.041  2.828   -14.769 1.00 18.14 ? 69  THR A OG1 1 
ATOM   548  C CG2 . THR A 1 69  ? -8.200  5.274   -14.566 1.00 18.87 ? 69  THR A CG2 1 
ATOM   549  N N   . PRO A 1 70  ? -9.424  6.017   -17.775 1.00 25.41 ? 70  PRO A N   1 
ATOM   550  C CA  . PRO A 1 70  ? -9.375  7.265   -18.549 1.00 26.34 ? 70  PRO A CA  1 
ATOM   551  C C   . PRO A 1 70  ? -8.536  8.304   -17.809 1.00 26.88 ? 70  PRO A C   1 
ATOM   552  O O   . PRO A 1 70  ? -8.592  8.479   -16.574 1.00 26.99 ? 70  PRO A O   1 
ATOM   553  C CB  . PRO A 1 70  ? -10.834 7.611   -18.794 1.00 26.40 ? 70  PRO A CB  1 
ATOM   554  C CG  . PRO A 1 70  ? -11.672 6.827   -17.834 1.00 26.29 ? 70  PRO A CG  1 
ATOM   555  C CD  . PRO A 1 70  ? -10.735 5.875   -17.104 1.00 25.90 ? 70  PRO A CD  1 
ATOM   556  N N   . GLY A 1 71  ? -7.692  8.993   -18.560 1.00 27.66 ? 71  GLY A N   1 
ATOM   557  C CA  . GLY A 1 71  ? -6.765  10.027  -18.090 1.00 28.25 ? 71  GLY A CA  1 
ATOM   558  C C   . GLY A 1 71  ? -5.717  9.498   -17.112 1.00 28.61 ? 71  GLY A C   1 
ATOM   559  O O   . GLY A 1 71  ? -5.355  10.226  -16.156 1.00 29.35 ? 71  GLY A O   1 
ATOM   560  N N   . ALA A 1 72  ? -5.230  8.290   -17.327 1.00 28.15 ? 72  ALA A N   1 
ATOM   561  C CA  . ALA A 1 72  ? -4.253  7.662   -16.448 1.00 28.09 ? 72  ALA A CA  1 
ATOM   562  C C   . ALA A 1 72  ? -2.838  8.101   -16.801 1.00 27.82 ? 72  ALA A C   1 
ATOM   563  O O   . ALA A 1 72  ? -2.562  8.353   -17.980 1.00 27.88 ? 72  ALA A O   1 
ATOM   564  C CB  . ALA A 1 72  ? -4.362  6.140   -16.513 1.00 28.29 ? 72  ALA A CB  1 
ATOM   565  N N   . LYS A 1 73  ? -1.999  8.118   -15.775 1.00 27.51 ? 73  LYS A N   1 
ATOM   566  C CA  . LYS A 1 73  ? -0.587  8.528   -15.903 1.00 26.96 ? 73  LYS A CA  1 
ATOM   567  C C   . LYS A 1 73  ? 0.517   7.491   -15.726 1.00 25.53 ? 73  LYS A C   1 
ATOM   568  O O   . LYS A 1 73  ? 1.654   7.698   -16.249 1.00 26.09 ? 73  LYS A O   1 
ATOM   569  C CB  . LYS A 1 73  ? -0.355  9.644   -14.856 1.00 29.47 ? 73  LYS A CB  1 
ATOM   570  C CG  . LYS A 1 73  ? -1.062  10.964  -15.215 1.00 32.60 ? 73  LYS A CG  1 
ATOM   571  C CD  . LYS A 1 73  ? -0.526  11.472  -16.551 1.00 35.83 ? 73  LYS A CD  1 
ATOM   572  C CE  . LYS A 1 73  ? -1.072  12.818  -16.969 1.00 38.01 ? 73  LYS A CE  1 
ATOM   573  N NZ  . LYS A 1 73  ? -2.563  12.778  -17.043 1.00 39.96 ? 73  LYS A NZ  1 
ATOM   574  N N   . ASN A 1 74  ? 0.264   6.431   -14.996 1.00 22.69 ? 74  ASN A N   1 
ATOM   575  C CA  . ASN A 1 74  ? 1.234   5.351   -14.747 1.00 20.19 ? 74  ASN A CA  1 
ATOM   576  C C   . ASN A 1 74  ? 2.627   5.830   -14.316 1.00 18.68 ? 74  ASN A C   1 
ATOM   577  O O   . ASN A 1 74  ? 3.657   5.569   -14.960 1.00 17.73 ? 74  ASN A O   1 
ATOM   578  C CB  . ASN A 1 74  ? 1.317   4.455   -15.999 1.00 18.98 ? 74  ASN A CB  1 
ATOM   579  C CG  . ASN A 1 74  ? 2.103   3.183   -15.731 1.00 18.26 ? 74  ASN A CG  1 
ATOM   580  O OD1 . ASN A 1 74  ? 2.468   2.840   -14.590 1.00 17.22 ? 74  ASN A OD1 1 
ATOM   581  N ND2 . ASN A 1 74  ? 2.421   2.425   -16.782 1.00 19.11 ? 74  ASN A ND2 1 
ATOM   582  N N   . VAL A 1 75  ? 2.674   6.473   -13.167 1.00 17.31 ? 75  VAL A N   1 
ATOM   583  C CA  . VAL A 1 75  ? 3.943   6.994   -12.614 1.00 16.63 ? 75  VAL A CA  1 
ATOM   584  C C   . VAL A 1 75  ? 4.850   5.868   -12.149 1.00 15.61 ? 75  VAL A C   1 
ATOM   585  O O   . VAL A 1 75  ? 6.069   6.015   -12.371 1.00 15.73 ? 75  VAL A O   1 
ATOM   586  C CB  . VAL A 1 75  ? 3.572   8.048   -11.560 1.00 17.36 ? 75  VAL A CB  1 
ATOM   587  C CG1 . VAL A 1 75  ? 4.643   8.377   -10.556 1.00 18.57 ? 75  VAL A CG1 1 
ATOM   588  C CG2 . VAL A 1 75  ? 3.130   9.299   -12.319 1.00 17.05 ? 75  VAL A CG2 1 
ATOM   589  N N   . CYS A 1 76  ? 4.354   4.784   -11.589 1.00 14.60 ? 76  CYS A N   1 
ATOM   590  C CA  . CYS A 1 76  ? 5.235   3.676   -11.182 1.00 13.70 ? 76  CYS A CA  1 
ATOM   591  C C   . CYS A 1 76  ? 5.796   2.905   -12.389 1.00 13.50 ? 76  CYS A C   1 
ATOM   592  O O   . CYS A 1 76  ? 6.739   2.106   -12.198 1.00 12.96 ? 76  CYS A O   1 
ATOM   593  C CB  . CYS A 1 76  ? 4.515   2.743   -10.224 1.00 13.01 ? 76  CYS A CB  1 
ATOM   594  S SG  . CYS A 1 76  ? 4.315   3.499   -8.588  1.00 14.18 ? 76  CYS A SG  1 
ATOM   595  N N   . GLY A 1 77  ? 5.254   3.099   -13.569 1.00 12.81 ? 77  GLY A N   1 
ATOM   596  C CA  . GLY A 1 77  ? 5.687   2.479   -14.817 1.00 13.50 ? 77  GLY A CA  1 
ATOM   597  C C   . GLY A 1 77  ? 5.486   0.986   -14.848 1.00 13.85 ? 77  GLY A C   1 
ATOM   598  O O   . GLY A 1 77  ? 6.375   0.216   -15.260 1.00 13.96 ? 77  GLY A O   1 
ATOM   599  N N   . ILE A 1 78  ? 4.320   0.552   -14.392 1.00 13.97 ? 78  ILE A N   1 
ATOM   600  C CA  . ILE A 1 78  ? 3.975   -0.854  -14.314 1.00 13.42 ? 78  ILE A CA  1 
ATOM   601  C C   . ILE A 1 78  ? 2.542   -1.140  -14.730 1.00 13.61 ? 78  ILE A C   1 
ATOM   602  O O   . ILE A 1 78  ? 1.734   -0.205  -14.845 1.00 14.00 ? 78  ILE A O   1 
ATOM   603  C CB  . ILE A 1 78  ? 4.169   -1.376  -12.837 1.00 12.22 ? 78  ILE A CB  1 
ATOM   604  C CG1 . ILE A 1 78  ? 3.304   -0.431  -11.935 1.00 11.22 ? 78  ILE A CG1 1 
ATOM   605  C CG2 . ILE A 1 78  ? 5.628   -1.503  -12.351 1.00 12.66 ? 78  ILE A CG2 1 
ATOM   606  C CD1 . ILE A 1 78  ? 3.155   -0.874  -10.468 1.00 10.69 ? 78  ILE A CD1 1 
ATOM   607  N N   . ARG A 1 79  ? 2.284   -2.423  -14.879 1.00 13.49 ? 79  ARG A N   1 
ATOM   608  C CA  . ARG A 1 79  ? 0.942   -2.925  -15.171 1.00 13.26 ? 79  ARG A CA  1 
ATOM   609  C C   . ARG A 1 79  ? 0.347   -3.089  -13.766 1.00 12.74 ? 79  ARG A C   1 
ATOM   610  O O   . ARG A 1 79  ? 1.098   -3.611  -12.915 1.00 11.25 ? 79  ARG A O   1 
ATOM   611  C CB  . ARG A 1 79  ? 0.815   -4.243  -15.868 1.00 16.27 ? 79  ARG A CB  1 
ATOM   612  C CG  . ARG A 1 79  ? 1.446   -4.429  -17.225 1.00 20.34 ? 79  ARG A CG  1 
ATOM   613  C CD  . ARG A 1 79  ? 0.673   -3.804  -18.332 1.00 23.64 ? 79  ARG A CD  1 
ATOM   614  N NE  . ARG A 1 79  ? 1.186   -4.298  -19.615 1.00 27.77 ? 79  ARG A NE  1 
ATOM   615  C CZ  . ARG A 1 79  ? 0.854   -3.718  -20.779 1.00 30.32 ? 79  ARG A CZ  1 
ATOM   616  N NH1 . ARG A 1 79  ? 0.019   -2.669  -20.828 1.00 31.80 ? 79  ARG A NH1 1 
ATOM   617  N NH2 . ARG A 1 79  ? 1.398   -4.202  -21.904 1.00 30.94 ? 79  ARG A NH2 1 
ATOM   618  N N   . CYS A 1 80  ? -0.918  -2.739  -13.560 1.00 12.35 ? 80  CYS A N   1 
ATOM   619  C CA  . CYS A 1 80  ? -1.539  -2.880  -12.228 1.00 12.03 ? 80  CYS A CA  1 
ATOM   620  C C   . CYS A 1 80  ? -1.586  -4.326  -11.766 1.00 11.61 ? 80  CYS A C   1 
ATOM   621  O O   . CYS A 1 80  ? -1.551  -4.581  -10.559 1.00 11.32 ? 80  CYS A O   1 
ATOM   622  C CB  . CYS A 1 80  ? -2.931  -2.284  -12.238 1.00 12.54 ? 80  CYS A CB  1 
ATOM   623  S SG  . CYS A 1 80  ? -3.042  -0.521  -12.586 1.00 12.72 ? 80  CYS A SG  1 
ATOM   624  N N   . SER A 1 81  ? -1.612  -5.280  -12.665 1.00 12.21 ? 81  SER A N   1 
ATOM   625  C CA  . SER A 1 81  ? -1.594  -6.732  -12.415 1.00 12.85 ? 81  SER A CA  1 
ATOM   626  C C   . SER A 1 81  ? -0.397  -7.178  -11.557 1.00 12.78 ? 81  SER A C   1 
ATOM   627  O O   . SER A 1 81  ? -0.475  -8.122  -10.743 1.00 12.28 ? 81  SER A O   1 
ATOM   628  C CB  . SER A 1 81  ? -1.637  -7.466  -13.757 1.00 12.97 ? 81  SER A CB  1 
ATOM   629  O OG  . SER A 1 81  ? -0.572  -7.132  -14.628 1.00 13.11 ? 81  SER A OG  1 
ATOM   630  N N   . GLN A 1 82  ? 0.723   -6.473  -11.655 1.00 12.75 ? 82  GLN A N   1 
ATOM   631  C CA  . GLN A 1 82  ? 1.964   -6.684  -10.927 1.00 13.18 ? 82  GLN A CA  1 
ATOM   632  C C   . GLN A 1 82  ? 1.814   -6.337  -9.446  1.00 13.05 ? 82  GLN A C   1 
ATOM   633  O O   . GLN A 1 82  ? 2.689   -6.743  -8.656  1.00 13.78 ? 82  GLN A O   1 
ATOM   634  C CB  . GLN A 1 82  ? 3.118   -5.871  -11.510 1.00 15.04 ? 82  GLN A CB  1 
ATOM   635  C CG  . GLN A 1 82  ? 3.461   -6.267  -12.946 1.00 18.92 ? 82  GLN A CG  1 
ATOM   636  C CD  . GLN A 1 82  ? 4.570   -5.439  -13.562 1.00 20.76 ? 82  GLN A CD  1 
ATOM   637  O OE1 . GLN A 1 82  ? 4.365   -4.549  -14.392 1.00 22.90 ? 82  GLN A OE1 1 
ATOM   638  N NE2 . GLN A 1 82  ? 5.811   -5.716  -13.165 1.00 21.45 ? 82  GLN A NE2 1 
ATOM   639  N N   . LEU A 1 83  ? 0.758   -5.632  -9.077  1.00 12.31 ? 83  LEU A N   1 
ATOM   640  C CA  . LEU A 1 83  ? 0.474   -5.239  -7.720  1.00 12.47 ? 83  LEU A CA  1 
ATOM   641  C C   . LEU A 1 83  ? -0.382  -6.282  -7.018  1.00 13.46 ? 83  LEU A C   1 
ATOM   642  O O   . LEU A 1 83  ? -0.696  -6.068  -5.834  1.00 14.04 ? 83  LEU A O   1 
ATOM   643  C CB  . LEU A 1 83  ? -0.226  -3.864  -7.715  1.00 10.55 ? 83  LEU A CB  1 
ATOM   644  C CG  . LEU A 1 83  ? 0.606   -2.711  -8.238  1.00 10.49 ? 83  LEU A CG  1 
ATOM   645  C CD1 . LEU A 1 83  ? -0.241  -1.449  -8.304  1.00 10.47 ? 83  LEU A CD1 1 
ATOM   646  C CD2 . LEU A 1 83  ? 1.790   -2.488  -7.310  1.00 9.56  ? 83  LEU A CD2 1 
ATOM   647  N N   . LEU A 1 84  ? -0.774  -7.331  -7.709  1.00 14.26 ? 84  LEU A N   1 
ATOM   648  C CA  . LEU A 1 84  ? -1.627  -8.375  -7.112  1.00 15.03 ? 84  LEU A CA  1 
ATOM   649  C C   . LEU A 1 84  ? -0.901  -9.665  -6.763  1.00 15.45 ? 84  LEU A C   1 
ATOM   650  O O   . LEU A 1 84  ? -1.533  -10.587 -6.208  1.00 15.43 ? 84  LEU A O   1 
ATOM   651  C CB  . LEU A 1 84  ? -2.783  -8.571  -8.122  1.00 15.07 ? 84  LEU A CB  1 
ATOM   652  C CG  . LEU A 1 84  ? -3.639  -7.353  -8.447  1.00 15.32 ? 84  LEU A CG  1 
ATOM   653  C CD1 . LEU A 1 84  ? -4.787  -7.743  -9.371  1.00 16.40 ? 84  LEU A CD1 1 
ATOM   654  C CD2 . LEU A 1 84  ? -4.260  -6.740  -7.201  1.00 14.31 ? 84  LEU A CD2 1 
ATOM   655  N N   . THR A 1 85  ? 0.376   -9.754  -7.049  1.00 15.65 ? 85  THR A N   1 
ATOM   656  C CA  . THR A 1 85  ? 1.157   -10.971 -6.779  1.00 15.76 ? 85  THR A CA  1 
ATOM   657  C C   . THR A 1 85  ? 1.432   -11.159 -5.303  1.00 16.84 ? 85  THR A C   1 
ATOM   658  O O   . THR A 1 85  ? 1.415   -10.241 -4.459  1.00 16.86 ? 85  THR A O   1 
ATOM   659  C CB  . THR A 1 85  ? 2.444   -10.919 -7.681  1.00 15.25 ? 85  THR A CB  1 
ATOM   660  O OG1 . THR A 1 85  ? 3.293   -9.850  -7.165  1.00 16.46 ? 85  THR A OG1 1 
ATOM   661  C CG2 . THR A 1 85  ? 2.099   -10.704 -9.155  1.00 14.48 ? 85  THR A CG2 1 
ATOM   662  N N   . ASP A 1 86  ? 1.727   -12.405 -4.958  1.00 17.44 ? 86  ASP A N   1 
ATOM   663  C CA  . ASP A 1 86  ? 2.034   -12.850 -3.582  1.00 18.24 ? 86  ASP A CA  1 
ATOM   664  C C   . ASP A 1 86  ? 3.345   -12.163 -3.179  1.00 17.70 ? 86  ASP A C   1 
ATOM   665  O O   . ASP A 1 86  ? 3.531   -11.789 -2.015  1.00 17.77 ? 86  ASP A O   1 
ATOM   666  C CB  . ASP A 1 86  ? 2.026   -14.366 -3.494  1.00 22.78 ? 86  ASP A CB  1 
ATOM   667  C CG  . ASP A 1 86  ? 0.802   -15.087 -4.032  1.00 26.86 ? 86  ASP A CG  1 
ATOM   668  O OD1 . ASP A 1 86  ? -0.302  -14.503 -4.176  1.00 28.68 ? 86  ASP A OD1 1 
ATOM   669  O OD2 . ASP A 1 86  ? 0.870   -16.301 -4.341  1.00 29.63 ? 86  ASP A OD2 1 
ATOM   670  N N   . ASP A 1 87  ? 4.217   -12.030 -4.144  1.00 17.28 ? 87  ASP A N   1 
ATOM   671  C CA  . ASP A 1 87  ? 5.513   -11.363 -4.018  1.00 17.98 ? 87  ASP A CA  1 
ATOM   672  C C   . ASP A 1 87  ? 5.231   -9.853  -3.956  1.00 17.09 ? 87  ASP A C   1 
ATOM   673  O O   . ASP A 1 87  ? 4.626   -9.294  -4.885  1.00 17.38 ? 87  ASP A O   1 
ATOM   674  C CB  . ASP A 1 87  ? 6.442   -11.754 -5.159  1.00 20.44 ? 87  ASP A CB  1 
ATOM   675  C CG  . ASP A 1 87  ? 7.791   -11.096 -4.951  1.00 23.50 ? 87  ASP A CG  1 
ATOM   676  O OD1 . ASP A 1 87  ? 8.584   -11.660 -4.188  1.00 27.03 ? 87  ASP A OD1 1 
ATOM   677  O OD2 . ASP A 1 87  ? 8.032   -10.015 -5.504  1.00 25.16 ? 87  ASP A OD2 1 
ATOM   678  N N   . LEU A 1 88  ? 5.663   -9.211  -2.898  1.00 16.86 ? 88  LEU A N   1 
ATOM   679  C CA  . LEU A 1 88  ? 5.459   -7.776  -2.636  1.00 16.67 ? 88  LEU A CA  1 
ATOM   680  C C   . LEU A 1 88  ? 6.453   -6.819  -3.286  1.00 16.55 ? 88  LEU A C   1 
ATOM   681  O O   . LEU A 1 88  ? 6.187   -5.599  -3.239  1.00 16.26 ? 88  LEU A O   1 
ATOM   682  C CB  . LEU A 1 88  ? 5.454   -7.633  -1.101  1.00 17.19 ? 88  LEU A CB  1 
ATOM   683  C CG  . LEU A 1 88  ? 4.257   -7.440  -0.216  1.00 18.97 ? 88  LEU A CG  1 
ATOM   684  C CD1 . LEU A 1 88  ? 2.976   -8.056  -0.761  1.00 18.24 ? 88  LEU A CD1 1 
ATOM   685  C CD2 . LEU A 1 88  ? 4.548   -8.091  1.158   1.00 18.41 ? 88  LEU A CD2 1 
ATOM   686  N N   . THR A 1 89  ? 7.536   -7.301  -3.860  1.00 15.94 ? 89  THR A N   1 
ATOM   687  C CA  . THR A 1 89  ? 8.566   -6.480  -4.478  1.00 15.50 ? 89  THR A CA  1 
ATOM   688  C C   . THR A 1 89  ? 8.097   -5.311  -5.330  1.00 14.92 ? 89  THR A C   1 
ATOM   689  O O   . THR A 1 89  ? 8.570   -4.190  -5.064  1.00 14.76 ? 89  THR A O   1 
ATOM   690  C CB  . THR A 1 89  ? 9.504   -7.406  -5.353  1.00 15.82 ? 89  THR A CB  1 
ATOM   691  O OG1 . THR A 1 89  ? 10.018  -8.357  -4.379  1.00 15.44 ? 89  THR A OG1 1 
ATOM   692  C CG2 . THR A 1 89  ? 10.531  -6.576  -6.108  1.00 17.12 ? 89  THR A CG2 1 
ATOM   693  N N   . VAL A 1 90  ? 7.272   -5.542  -6.334  1.00 14.14 ? 90  VAL A N   1 
ATOM   694  C CA  . VAL A 1 90  ? 6.806   -4.412  -7.171  1.00 12.95 ? 90  VAL A CA  1 
ATOM   695  C C   . VAL A 1 90  ? 5.895   -3.470  -6.372  1.00 12.89 ? 90  VAL A C   1 
ATOM   696  O O   . VAL A 1 90  ? 6.034   -2.236  -6.545  1.00 12.96 ? 90  VAL A O   1 
ATOM   697  C CB  . VAL A 1 90  ? 6.144   -4.918  -8.461  1.00 12.21 ? 90  VAL A CB  1 
ATOM   698  C CG1 . VAL A 1 90  ? 5.540   -3.818  -9.310  1.00 11.29 ? 90  VAL A CG1 1 
ATOM   699  C CG2 . VAL A 1 90  ? 7.165   -5.736  -9.248  1.00 12.24 ? 90  VAL A CG2 1 
ATOM   700  N N   . ALA A 1 91  ? 5.003   -3.987  -5.561  1.00 12.17 ? 91  ALA A N   1 
ATOM   701  C CA  . ALA A 1 91  ? 4.081   -3.200  -4.743  1.00 11.71 ? 91  ALA A CA  1 
ATOM   702  C C   . ALA A 1 91  ? 4.842   -2.266  -3.809  1.00 12.09 ? 91  ALA A C   1 
ATOM   703  O O   . ALA A 1 91  ? 4.494   -1.082  -3.708  1.00 12.24 ? 91  ALA A O   1 
ATOM   704  C CB  . ALA A 1 91  ? 3.170   -4.106  -3.929  1.00 10.28 ? 91  ALA A CB  1 
ATOM   705  N N   . ILE A 1 92  ? 5.838   -2.812  -3.120  1.00 12.12 ? 92  ILE A N   1 
ATOM   706  C CA  . ILE A 1 92  ? 6.667   -2.049  -2.179  1.00 12.23 ? 92  ILE A CA  1 
ATOM   707  C C   . ILE A 1 92  ? 7.384   -0.920  -2.924  1.00 12.40 ? 92  ILE A C   1 
ATOM   708  O O   . ILE A 1 92  ? 7.404   0.240   -2.480  1.00 12.23 ? 92  ILE A O   1 
ATOM   709  C CB  . ILE A 1 92  ? 7.642   -2.991  -1.388  1.00 11.98 ? 92  ILE A CB  1 
ATOM   710  C CG1 . ILE A 1 92  ? 6.816   -3.820  -0.373  1.00 11.77 ? 92  ILE A CG1 1 
ATOM   711  C CG2 . ILE A 1 92  ? 8.810   -2.210  -0.718  1.00 10.77 ? 92  ILE A CG2 1 
ATOM   712  C CD1 . ILE A 1 92  ? 7.639   -4.895  0.388   1.00 11.39 ? 92  ILE A CD1 1 
ATOM   713  N N   . ARG A 1 93  ? 7.984   -1.252  -4.052  1.00 12.83 ? 93  ARG A N   1 
ATOM   714  C CA  . ARG A 1 93  ? 8.695   -0.286  -4.899  1.00 13.72 ? 93  ARG A CA  1 
ATOM   715  C C   . ARG A 1 93  ? 7.745   0.831   -5.334  1.00 13.12 ? 93  ARG A C   1 
ATOM   716  O O   . ARG A 1 93  ? 8.105   2.031   -5.299  1.00 12.42 ? 93  ARG A O   1 
ATOM   717  C CB  . ARG A 1 93  ? 9.311   -1.022  -6.069  1.00 17.94 ? 93  ARG A CB  1 
ATOM   718  C CG  . ARG A 1 93  ? 9.945   -0.109  -7.109  1.00 23.61 ? 93  ARG A CG  1 
ATOM   719  C CD  . ARG A 1 93  ? 10.574  -0.996  -8.154  1.00 29.76 ? 93  ARG A CD  1 
ATOM   720  N NE  . ARG A 1 93  ? 11.522  -1.920  -7.540  1.00 33.59 ? 93  ARG A NE  1 
ATOM   721  C CZ  . ARG A 1 93  ? 11.727  -3.170  -7.970  1.00 36.22 ? 93  ARG A CZ  1 
ATOM   722  N NH1 . ARG A 1 93  ? 11.033  -3.662  -9.004  1.00 36.67 ? 93  ARG A NH1 1 
ATOM   723  N NH2 . ARG A 1 93  ? 12.645  -3.924  -7.341  1.00 37.20 ? 93  ARG A NH2 1 
ATOM   724  N N   . CYS A 1 94  ? 6.532   0.487   -5.732  1.00 12.24 ? 94  CYS A N   1 
ATOM   725  C CA  . CYS A 1 94  ? 5.558   1.515   -6.159  1.00 12.46 ? 94  CYS A CA  1 
ATOM   726  C C   . CYS A 1 94  ? 5.088   2.297   -4.931  1.00 12.34 ? 94  CYS A C   1 
ATOM   727  O O   . CYS A 1 94  ? 4.991   3.543   -5.041  1.00 12.89 ? 94  CYS A O   1 
ATOM   728  C CB  . CYS A 1 94  ? 4.424   0.894   -6.968  1.00 13.02 ? 94  CYS A CB  1 
ATOM   729  S SG  . CYS A 1 94  ? 3.227   2.123   -7.573  1.00 12.71 ? 94  CYS A SG  1 
ATOM   730  N N   . ALA A 1 95  ? 4.850   1.659   -3.796  1.00 11.99 ? 95  ALA A N   1 
ATOM   731  C CA  . ALA A 1 95  ? 4.423   2.379   -2.574  1.00 12.50 ? 95  ALA A CA  1 
ATOM   732  C C   . ALA A 1 95  ? 5.494   3.396   -2.154  1.00 12.43 ? 95  ALA A C   1 
ATOM   733  O O   . ALA A 1 95  ? 5.162   4.492   -1.662  1.00 11.71 ? 95  ALA A O   1 
ATOM   734  C CB  . ALA A 1 95  ? 4.097   1.445   -1.421  1.00 12.09 ? 95  ALA A CB  1 
ATOM   735  N N   . LYS A 1 96  ? 6.765   3.042   -2.310  1.00 12.09 ? 96  LYS A N   1 
ATOM   736  C CA  . LYS A 1 96  ? 7.892   3.935   -2.004  1.00 12.62 ? 96  LYS A CA  1 
ATOM   737  C C   . LYS A 1 96  ? 7.844   5.185   -2.890  1.00 12.80 ? 96  LYS A C   1 
ATOM   738  O O   . LYS A 1 96  ? 8.154   6.289   -2.431  1.00 13.81 ? 96  LYS A O   1 
ATOM   739  C CB  . LYS A 1 96  ? 9.253   3.264   -2.175  1.00 10.93 ? 96  LYS A CB  1 
ATOM   740  C CG  . LYS A 1 96  ? 9.479   2.309   -1.002  1.00 12.99 ? 96  LYS A CG  1 
ATOM   741  C CD  . LYS A 1 96  ? 10.810  1.582   -1.198  1.00 13.60 ? 96  LYS A CD  1 
ATOM   742  C CE  . LYS A 1 96  ? 11.104  0.705   0.013   1.00 13.90 ? 96  LYS A CE  1 
ATOM   743  N NZ  . LYS A 1 96  ? 12.381  -0.030  -0.237  1.00 15.04 ? 96  LYS A NZ  1 
ATOM   744  N N   . ARG A 1 97  ? 7.490   5.042   -4.146  1.00 12.56 ? 97  ARG A N   1 
ATOM   745  C CA  . ARG A 1 97  ? 7.371   6.124   -5.100  1.00 12.74 ? 97  ARG A CA  1 
ATOM   746  C C   . ARG A 1 97  ? 6.176   7.020   -4.722  1.00 13.18 ? 97  ARG A C   1 
ATOM   747  O O   . ARG A 1 97  ? 6.284   8.259   -4.805  1.00 12.85 ? 97  ARG A O   1 
ATOM   748  C CB  . ARG A 1 97  ? 7.202   5.630   -6.533  1.00 12.49 ? 97  ARG A CB  1 
ATOM   749  C CG  . ARG A 1 97  ? 6.861   6.717   -7.543  1.00 12.81 ? 97  ARG A CG  1 
ATOM   750  C CD  . ARG A 1 97  ? 7.911   7.771   -7.598  1.00 13.35 ? 97  ARG A CD  1 
ATOM   751  N NE  . ARG A 1 97  ? 7.524   8.907   -8.436  1.00 12.39 ? 97  ARG A NE  1 
ATOM   752  C CZ  . ARG A 1 97  ? 6.788   9.905   -7.960  1.00 12.02 ? 97  ARG A CZ  1 
ATOM   753  N NH1 . ARG A 1 97  ? 6.301   9.995   -6.733  1.00 10.38 ? 97  ARG A NH1 1 
ATOM   754  N NH2 . ARG A 1 97  ? 6.588   10.879  -8.847  1.00 13.08 ? 97  ARG A NH2 1 
ATOM   755  N N   . VAL A 1 98  ? 5.052   6.408   -4.337  1.00 12.89 ? 98  VAL A N   1 
ATOM   756  C CA  . VAL A 1 98  ? 3.857   7.178   -3.951  1.00 12.61 ? 98  VAL A CA  1 
ATOM   757  C C   . VAL A 1 98  ? 4.154   8.106   -2.761  1.00 12.27 ? 98  VAL A C   1 
ATOM   758  O O   . VAL A 1 98  ? 3.738   9.283   -2.889  1.00 11.42 ? 98  VAL A O   1 
ATOM   759  C CB  . VAL A 1 98  ? 2.641   6.269   -3.646  1.00 12.94 ? 98  VAL A CB  1 
ATOM   760  C CG1 . VAL A 1 98  ? 1.457   7.018   -2.998  1.00 12.25 ? 98  VAL A CG1 1 
ATOM   761  C CG2 . VAL A 1 98  ? 2.181   5.486   -4.874  1.00 11.35 ? 98  VAL A CG2 1 
ATOM   762  N N   . VAL A 1 99  ? 4.807   7.619   -1.700  1.00 11.97 ? 99  VAL A N   1 
ATOM   763  C CA  . VAL A 1 99  ? 5.074   8.452   -0.527  1.00 13.04 ? 99  VAL A CA  1 
ATOM   764  C C   . VAL A 1 99  ? 6.113   9.569   -0.758  1.00 13.19 ? 99  VAL A C   1 
ATOM   765  O O   . VAL A 1 99  ? 6.153   10.401  0.174   1.00 12.94 ? 99  VAL A O   1 
ATOM   766  C CB  . VAL A 1 99  ? 5.572   7.751   0.772   1.00 13.72 ? 99  VAL A CB  1 
ATOM   767  C CG1 . VAL A 1 99  ? 4.369   7.233   1.541   1.00 16.39 ? 99  VAL A CG1 1 
ATOM   768  C CG2 . VAL A 1 99  ? 6.686   6.748   0.492   1.00 12.06 ? 99  VAL A CG2 1 
ATOM   769  N N   . LEU A 1 100 ? 6.830   9.576   -1.852  1.00 13.82 ? 100 LEU A N   1 
ATOM   770  C CA  . LEU A 1 100 ? 7.780   10.645  -2.143  1.00 14.66 ? 100 LEU A CA  1 
ATOM   771  C C   . LEU A 1 100 ? 6.997   11.881  -2.626  1.00 15.49 ? 100 LEU A C   1 
ATOM   772  O O   . LEU A 1 100 ? 7.641   12.942  -2.559  1.00 16.33 ? 100 LEU A O   1 
ATOM   773  C CB  . LEU A 1 100 ? 8.877   10.209  -3.141  1.00 13.62 ? 100 LEU A CB  1 
ATOM   774  C CG  . LEU A 1 100 ? 9.715   9.040   -2.667  1.00 13.37 ? 100 LEU A CG  1 
ATOM   775  C CD1 . LEU A 1 100 ? 10.700  8.633   -3.749  1.00 13.98 ? 100 LEU A CD1 1 
ATOM   776  C CD2 . LEU A 1 100 ? 10.453  9.448   -1.391  1.00 13.49 ? 100 LEU A CD2 1 
ATOM   777  N N   . ASP A 1 101 ? 5.766   11.767  -3.082  1.00 15.65 ? 101 ASP A N   1 
ATOM   778  C CA  . ASP A 1 101 ? 5.027   12.953  -3.522  1.00 16.27 ? 101 ASP A CA  1 
ATOM   779  C C   . ASP A 1 101 ? 4.685   13.791  -2.281  1.00 16.78 ? 101 ASP A C   1 
ATOM   780  O O   . ASP A 1 101 ? 4.723   13.357  -1.124  1.00 17.35 ? 101 ASP A O   1 
ATOM   781  C CB  . ASP A 1 101 ? 3.787   12.633  -4.352  1.00 15.83 ? 101 ASP A CB  1 
ATOM   782  C CG  . ASP A 1 101 ? 4.076   12.617  -5.835  1.00 16.44 ? 101 ASP A CG  1 
ATOM   783  O OD1 . ASP A 1 101 ? 5.239   12.548  -6.281  1.00 18.58 ? 101 ASP A OD1 1 
ATOM   784  O OD2 . ASP A 1 101 ? 3.127   12.667  -6.632  1.00 15.92 ? 101 ASP A OD2 1 
ATOM   785  N N   . PRO A 1 102 ? 4.346   15.038  -2.564  1.00 17.12 ? 102 PRO A N   1 
ATOM   786  C CA  . PRO A 1 102 ? 4.017   16.035  -1.529  1.00 17.07 ? 102 PRO A CA  1 
ATOM   787  C C   . PRO A 1 102 ? 3.089   15.571  -0.434  1.00 16.96 ? 102 PRO A C   1 
ATOM   788  O O   . PRO A 1 102 ? 3.466   15.850  0.730   1.00 17.04 ? 102 PRO A O   1 
ATOM   789  C CB  . PRO A 1 102 ? 3.469   17.186  -2.370  1.00 17.73 ? 102 PRO A CB  1 
ATOM   790  C CG  . PRO A 1 102 ? 4.325   17.122  -3.632  1.00 17.39 ? 102 PRO A CG  1 
ATOM   791  C CD  . PRO A 1 102 ? 4.295   15.628  -3.921  1.00 17.24 ? 102 PRO A CD  1 
ATOM   792  N N   . ASN A 1 103 ? 2.005   14.862  -0.707  1.00 16.93 ? 103 ASN A N   1 
ATOM   793  C CA  . ASN A 1 103 ? 1.101   14.390  0.357   1.00 16.42 ? 103 ASN A CA  1 
ATOM   794  C C   . ASN A 1 103 ? 1.644   13.263  1.238   1.00 16.17 ? 103 ASN A C   1 
ATOM   795  O O   . ASN A 1 103 ? 0.990   12.963  2.267   1.00 16.46 ? 103 ASN A O   1 
ATOM   796  C CB  . ASN A 1 103 ? -0.231  13.989  -0.301  1.00 17.96 ? 103 ASN A CB  1 
ATOM   797  C CG  . ASN A 1 103 ? -0.978  15.230  -0.752  1.00 19.27 ? 103 ASN A CG  1 
ATOM   798  O OD1 . ASN A 1 103 ? -0.544  16.352  -0.424  1.00 21.62 ? 103 ASN A OD1 1 
ATOM   799  N ND2 . ASN A 1 103 ? -2.061  15.036  -1.479  1.00 19.42 ? 103 ASN A ND2 1 
ATOM   800  N N   . GLY A 1 104 ? 2.755   12.642  0.927   1.00 15.45 ? 104 GLY A N   1 
ATOM   801  C CA  . GLY A 1 104 ? 3.322   11.568  1.743   1.00 14.64 ? 104 GLY A CA  1 
ATOM   802  C C   . GLY A 1 104 ? 2.320   10.433  1.910   1.00 14.45 ? 104 GLY A C   1 
ATOM   803  O O   . GLY A 1 104 ? 1.547   10.086  1.000   1.00 13.98 ? 104 GLY A O   1 
ATOM   804  N N   . ILE A 1 105 ? 2.290   9.902   3.127   1.00 13.98 ? 105 ILE A N   1 
ATOM   805  C CA  . ILE A 1 105 ? 1.406   8.766   3.471   1.00 13.80 ? 105 ILE A CA  1 
ATOM   806  C C   . ILE A 1 105 ? -0.067  9.170   3.490   1.00 13.87 ? 105 ILE A C   1 
ATOM   807  O O   . ILE A 1 105 ? -0.921  8.262   3.435   1.00 13.10 ? 105 ILE A O   1 
ATOM   808  C CB  . ILE A 1 105 ? 1.942   8.084   4.783   1.00 14.16 ? 105 ILE A CB  1 
ATOM   809  C CG1 . ILE A 1 105 ? 1.380   6.644   4.858   1.00 13.52 ? 105 ILE A CG1 1 
ATOM   810  C CG2 . ILE A 1 105 ? 1.637   8.944   6.028   1.00 14.13 ? 105 ILE A CG2 1 
ATOM   811  C CD1 . ILE A 1 105 ? 2.245   5.690   5.723   1.00 14.63 ? 105 ILE A CD1 1 
ATOM   812  N N   . GLY A 1 106 ? -0.348  10.458  3.436   1.00 13.61 ? 106 GLY A N   1 
ATOM   813  C CA  . GLY A 1 106 ? -1.683  11.050  3.365   1.00 13.90 ? 106 GLY A CA  1 
ATOM   814  C C   . GLY A 1 106 ? -2.294  10.725  2.007   1.00 14.29 ? 106 GLY A C   1 
ATOM   815  O O   . GLY A 1 106 ? -3.483  11.037  1.802   1.00 15.34 ? 106 GLY A O   1 
ATOM   816  N N   . ALA A 1 107 ? -1.597  10.102  1.062   1.00 13.68 ? 107 ALA A N   1 
ATOM   817  C CA  . ALA A 1 107 ? -2.125  9.679   -0.226  1.00 13.62 ? 107 ALA A CA  1 
ATOM   818  C C   . ALA A 1 107 ? -3.140  8.538   -0.024  1.00 13.38 ? 107 ALA A C   1 
ATOM   819  O O   . ALA A 1 107 ? -4.025  8.335   -0.879  1.00 13.25 ? 107 ALA A O   1 
ATOM   820  C CB  . ALA A 1 107 ? -1.014  9.238   -1.175  1.00 13.42 ? 107 ALA A CB  1 
ATOM   821  N N   . TRP A 1 108 ? -3.054  7.798   1.068   1.00 12.95 ? 108 TRP A N   1 
ATOM   822  C CA  . TRP A 1 108 ? -3.949  6.689   1.392   1.00 13.22 ? 108 TRP A CA  1 
ATOM   823  C C   . TRP A 1 108 ? -5.128  7.133   2.261   1.00 13.50 ? 108 TRP A C   1 
ATOM   824  O O   . TRP A 1 108 ? -4.914  7.587   3.393   1.00 13.54 ? 108 TRP A O   1 
ATOM   825  C CB  . TRP A 1 108 ? -3.130  5.570   2.060   1.00 13.48 ? 108 TRP A CB  1 
ATOM   826  C CG  . TRP A 1 108 ? -2.305  4.768   1.103   1.00 14.59 ? 108 TRP A CG  1 
ATOM   827  C CD1 . TRP A 1 108 ? -2.699  3.669   0.377   1.00 14.59 ? 108 TRP A CD1 1 
ATOM   828  C CD2 . TRP A 1 108 ? -0.939  4.999   0.723   1.00 14.57 ? 108 TRP A CD2 1 
ATOM   829  N NE1 . TRP A 1 108 ? -1.669  3.213   -0.419  1.00 14.45 ? 108 TRP A NE1 1 
ATOM   830  C CE2 . TRP A 1 108 ? -0.565  3.991   -0.214  1.00 14.55 ? 108 TRP A CE2 1 
ATOM   831  C CE3 . TRP A 1 108 ? 0.023   5.929   1.106   1.00 14.33 ? 108 TRP A CE3 1 
ATOM   832  C CZ2 . TRP A 1 108 ? 0.700   3.917   -0.783  1.00 14.24 ? 108 TRP A CZ2 1 
ATOM   833  C CZ3 . TRP A 1 108 ? 1.283   5.862   0.551   1.00 14.34 ? 108 TRP A CZ3 1 
ATOM   834  C CH2 . TRP A 1 108 ? 1.627   4.869   -0.376  1.00 14.57 ? 108 TRP A CH2 1 
ATOM   835  N N   . VAL A 1 109 ? -6.345  6.960   1.763   1.00 13.79 ? 109 VAL A N   1 
ATOM   836  C CA  . VAL A 1 109 ? -7.544  7.356   2.510   1.00 14.34 ? 109 VAL A CA  1 
ATOM   837  C C   . VAL A 1 109 ? -7.640  6.562   3.812   1.00 14.39 ? 109 VAL A C   1 
ATOM   838  O O   . VAL A 1 109 ? -7.982  7.206   4.826   1.00 14.74 ? 109 VAL A O   1 
ATOM   839  C CB  . VAL A 1 109 ? -8.836  7.212   1.699   1.00 15.20 ? 109 VAL A CB  1 
ATOM   840  C CG1 . VAL A 1 109 ? -10.100 7.587   2.497   1.00 16.77 ? 109 VAL A CG1 1 
ATOM   841  C CG2 . VAL A 1 109 ? -8.805  8.027   0.433   1.00 17.51 ? 109 VAL A CG2 1 
ATOM   842  N N   . ALA A 1 110 ? -7.368  5.272   3.758   1.00 14.22 ? 110 ALA A N   1 
ATOM   843  C CA  . ALA A 1 110 ? -7.449  4.431   4.965   1.00 14.47 ? 110 ALA A CA  1 
ATOM   844  C C   . ALA A 1 110 ? -6.423  4.891   5.996   1.00 14.08 ? 110 ALA A C   1 
ATOM   845  O O   . ALA A 1 110 ? -6.818  4.786   7.176   1.00 14.86 ? 110 ALA A O   1 
ATOM   846  C CB  . ALA A 1 110 ? -7.274  2.942   4.687   1.00 14.12 ? 110 ALA A CB  1 
ATOM   847  N N   . TRP A 1 111 ? -5.251  5.346   5.601   1.00 14.20 ? 111 TRP A N   1 
ATOM   848  C CA  . TRP A 1 111 ? -4.284  5.831   6.606   1.00 14.09 ? 111 TRP A CA  1 
ATOM   849  C C   . TRP A 1 111 ? -4.855  7.071   7.329   1.00 14.67 ? 111 TRP A C   1 
ATOM   850  O O   . TRP A 1 111 ? -4.878  7.195   8.581   1.00 13.92 ? 111 TRP A O   1 
ATOM   851  C CB  . TRP A 1 111 ? -2.907  6.088   5.976   1.00 13.42 ? 111 TRP A CB  1 
ATOM   852  C CG  . TRP A 1 111 ? -1.946  6.577   7.019   1.00 13.09 ? 111 TRP A CG  1 
ATOM   853  C CD1 . TRP A 1 111 ? -1.174  5.833   7.873   1.00 13.33 ? 111 TRP A CD1 1 
ATOM   854  C CD2 . TRP A 1 111 ? -1.682  7.947   7.338   1.00 13.34 ? 111 TRP A CD2 1 
ATOM   855  N NE1 . TRP A 1 111 ? -0.419  6.639   8.690   1.00 13.13 ? 111 TRP A NE1 1 
ATOM   856  C CE2 . TRP A 1 111 ? -0.729  7.946   8.383   1.00 14.48 ? 111 TRP A CE2 1 
ATOM   857  C CE3 . TRP A 1 111 ? -2.138  9.150   6.810   1.00 13.55 ? 111 TRP A CE3 1 
ATOM   858  C CZ2 . TRP A 1 111 ? -0.233  9.128   8.940   1.00 14.48 ? 111 TRP A CZ2 1 
ATOM   859  C CZ3 . TRP A 1 111 ? -1.637  10.316  7.361   1.00 13.87 ? 111 TRP A CZ3 1 
ATOM   860  C CH2 . TRP A 1 111 ? -0.703  10.314  8.393   1.00 13.93 ? 111 TRP A CH2 1 
ATOM   861  N N   . ARG A 1 112 ? -5.337  8.030   6.544   1.00 15.13 ? 112 ARG A N   1 
ATOM   862  C CA  . ARG A 1 112 ? -5.901  9.299   7.048   1.00 15.48 ? 112 ARG A CA  1 
ATOM   863  C C   . ARG A 1 112 ? -7.043  9.076   8.034   1.00 15.94 ? 112 ARG A C   1 
ATOM   864  O O   . ARG A 1 112 ? -7.087  9.792   9.053   1.00 15.55 ? 112 ARG A O   1 
ATOM   865  C CB  . ARG A 1 112 ? -6.383  10.219  5.920   1.00 14.36 ? 112 ARG A CB  1 
ATOM   866  C CG  . ARG A 1 112 ? -5.259  10.735  5.025   1.00 15.77 ? 112 ARG A CG  1 
ATOM   867  C CD  . ARG A 1 112 ? -5.605  12.082  4.482   1.00 17.28 ? 112 ARG A CD  1 
ATOM   868  N NE  . ARG A 1 112 ? -6.921  12.170  3.877   1.00 19.40 ? 112 ARG A NE  1 
ATOM   869  C CZ  . ARG A 1 112 ? -7.254  11.681  2.679   1.00 20.43 ? 112 ARG A CZ  1 
ATOM   870  N NH1 . ARG A 1 112 ? -6.362  11.062  1.901   1.00 20.26 ? 112 ARG A NH1 1 
ATOM   871  N NH2 . ARG A 1 112 ? -8.490  11.782  2.211   1.00 19.53 ? 112 ARG A NH2 1 
ATOM   872  N N   . LEU A 1 113 ? -7.900  8.128   7.723   1.00 16.31 ? 113 LEU A N   1 
ATOM   873  C CA  . LEU A 1 113 ? -9.068  7.808   8.558   1.00 17.53 ? 113 LEU A CA  1 
ATOM   874  C C   . LEU A 1 113 ? -8.847  6.963   9.797   1.00 17.64 ? 113 LEU A C   1 
ATOM   875  O O   . LEU A 1 113 ? -9.255  7.285   10.927  1.00 17.05 ? 113 LEU A O   1 
ATOM   876  C CB  . LEU A 1 113 ? -10.034 7.161   7.521   1.00 20.44 ? 113 LEU A CB  1 
ATOM   877  C CG  . LEU A 1 113 ? -11.464 7.017   8.009   1.00 23.46 ? 113 LEU A CG  1 
ATOM   878  C CD1 . LEU A 1 113 ? -12.088 8.378   8.319   1.00 24.94 ? 113 LEU A CD1 1 
ATOM   879  C CD2 . LEU A 1 113 ? -12.272 6.318   6.923   1.00 25.24 ? 113 LEU A CD2 1 
ATOM   880  N N   . HIS A 1 114 ? -8.145  5.842   9.631   1.00 18.08 ? 114 HIS A N   1 
ATOM   881  C CA  . HIS A 1 114 ? -7.869  4.884   10.701  1.00 18.00 ? 114 HIS A CA  1 
ATOM   882  C C   . HIS A 1 114 ? -6.519  4.834   11.376  1.00 17.98 ? 114 HIS A C   1 
ATOM   883  O O   . HIS A 1 114 ? -6.442  4.219   12.465  1.00 19.02 ? 114 HIS A O   1 
ATOM   884  C CB  . HIS A 1 114 ? -8.046  3.447   10.102  1.00 18.30 ? 114 HIS A CB  1 
ATOM   885  C CG  . HIS A 1 114 ? -9.451  3.259   9.623   1.00 18.95 ? 114 HIS A CG  1 
ATOM   886  N ND1 . HIS A 1 114 ? -9.769  3.189   8.292   1.00 20.82 ? 114 HIS A ND1 1 
ATOM   887  C CD2 . HIS A 1 114 ? -10.601 3.125   10.318  1.00 18.95 ? 114 HIS A CD2 1 
ATOM   888  C CE1 . HIS A 1 114 ? -11.072 3.006   8.170   1.00 20.48 ? 114 HIS A CE1 1 
ATOM   889  N NE2 . HIS A 1 114 ? -11.579 2.968   9.387   1.00 20.39 ? 114 HIS A NE2 1 
ATOM   890  N N   . CYS A 1 115 ? -5.492  5.403   10.806  1.00 17.49 ? 115 CYS A N   1 
ATOM   891  C CA  . CYS A 1 115 ? -4.156  5.348   11.370  1.00 17.73 ? 115 CYS A CA  1 
ATOM   892  C C   . CYS A 1 115 ? -3.636  6.688   11.848  1.00 18.83 ? 115 CYS A C   1 
ATOM   893  O O   . CYS A 1 115 ? -2.950  6.668   12.887  1.00 19.51 ? 115 CYS A O   1 
ATOM   894  C CB  . CYS A 1 115 ? -3.189  4.804   10.304  1.00 14.96 ? 115 CYS A CB  1 
ATOM   895  S SG  . CYS A 1 115 ? -3.792  3.279   9.543   1.00 13.50 ? 115 CYS A SG  1 
ATOM   896  N N   . GLN A 1 116 ? -3.936  7.724   11.097  1.00 19.79 ? 116 GLN A N   1 
ATOM   897  C CA  . GLN A 1 116 ? -3.469  9.072   11.444  1.00 21.51 ? 116 GLN A CA  1 
ATOM   898  C C   . GLN A 1 116 ? -3.935  9.473   12.851  1.00 23.63 ? 116 GLN A C   1 
ATOM   899  O O   . GLN A 1 116 ? -5.104  9.411   13.223  1.00 23.64 ? 116 GLN A O   1 
ATOM   900  C CB  . GLN A 1 116 ? -3.945  10.131  10.466  1.00 18.35 ? 116 GLN A CB  1 
ATOM   901  C CG  . GLN A 1 116 ? -3.460  11.532  10.790  1.00 16.75 ? 116 GLN A CG  1 
ATOM   902  C CD  . GLN A 1 116 ? -3.722  12.477  9.643   1.00 15.87 ? 116 GLN A CD  1 
ATOM   903  O OE1 . GLN A 1 116 ? -2.968  13.409  9.371   1.00 17.98 ? 116 GLN A OE1 1 
ATOM   904  N NE2 . GLN A 1 116 ? -4.793  12.268  8.900   1.00 14.21 ? 116 GLN A NE2 1 
ATOM   905  N N   . ASN A 1 117 ? -2.927  9.871   13.608  1.00 25.97 ? 117 ASN A N   1 
ATOM   906  C CA  . ASN A 1 117 ? -3.065  10.332  15.001  1.00 28.95 ? 117 ASN A CA  1 
ATOM   907  C C   . ASN A 1 117 ? -3.408  9.247   16.019  1.00 30.27 ? 117 ASN A C   1 
ATOM   908  O O   . ASN A 1 117 ? -3.655  9.581   17.201  1.00 31.15 ? 117 ASN A O   1 
ATOM   909  C CB  . ASN A 1 117 ? -4.122  11.465  15.025  1.00 30.66 ? 117 ASN A CB  1 
ATOM   910  C CG  . ASN A 1 117 ? -3.697  12.737  14.288  1.00 31.44 ? 117 ASN A CG  1 
ATOM   911  O OD1 . ASN A 1 117 ? -2.492  13.075  14.242  1.00 31.49 ? 117 ASN A OD1 1 
ATOM   912  N ND2 . ASN A 1 117 ? -4.701  13.419  13.724  1.00 31.30 ? 117 ASN A ND2 1 
ATOM   913  N N   . GLN A 1 118 ? -3.443  7.990   15.640  1.00 31.18 ? 118 GLN A N   1 
ATOM   914  C CA  . GLN A 1 118 ? -3.776  6.861   16.496  1.00 32.13 ? 118 GLN A CA  1 
ATOM   915  C C   . GLN A 1 118 ? -2.537  6.205   17.108  1.00 31.53 ? 118 GLN A C   1 
ATOM   916  O O   . GLN A 1 118 ? -1.402  6.442   16.702  1.00 31.42 ? 118 GLN A O   1 
ATOM   917  C CB  . GLN A 1 118 ? -4.515  5.730   15.769  1.00 34.94 ? 118 GLN A CB  1 
ATOM   918  C CG  . GLN A 1 118 ? -5.573  6.152   14.785  1.00 38.67 ? 118 GLN A CG  1 
ATOM   919  C CD  . GLN A 1 118 ? -6.743  6.826   15.455  1.00 40.90 ? 118 GLN A CD  1 
ATOM   920  O OE1 . GLN A 1 118 ? -6.684  6.951   16.679  1.00 42.90 ? 118 GLN A OE1 1 
ATOM   921  N NE2 . GLN A 1 118 ? -7.723  7.218   14.640  1.00 41.78 ? 118 GLN A NE2 1 
ATOM   922  N N   . ASP A 1 119 ? -2.861  5.355   18.055  1.00 31.39 ? 119 ASP A N   1 
ATOM   923  C CA  . ASP A 1 119 ? -1.827  4.552   18.768  1.00 31.29 ? 119 ASP A CA  1 
ATOM   924  C C   . ASP A 1 119 ? -1.659  3.305   17.891  1.00 29.83 ? 119 ASP A C   1 
ATOM   925  O O   . ASP A 1 119 ? -2.603  2.487   17.833  1.00 29.54 ? 119 ASP A O   1 
ATOM   926  C CB  . ASP A 1 119 ? -2.285  4.419   20.198  1.00 35.10 ? 119 ASP A CB  1 
ATOM   927  C CG  . ASP A 1 119 ? -1.354  3.621   21.089  1.00 38.42 ? 119 ASP A CG  1 
ATOM   928  O OD1 . ASP A 1 119 ? -0.181  4.053   21.220  1.00 40.39 ? 119 ASP A OD1 1 
ATOM   929  O OD2 . ASP A 1 119 ? -1.800  2.592   21.634  1.00 40.66 ? 119 ASP A OD2 1 
ATOM   930  N N   . LEU A 1 120 ? -0.518  3.202   17.211  1.00 28.69 ? 120 LEU A N   1 
ATOM   931  C CA  . LEU A 1 120 ? -0.266  2.077   16.286  1.00 27.49 ? 120 LEU A CA  1 
ATOM   932  C C   . LEU A 1 120 ? 0.618   0.956   16.811  1.00 27.79 ? 120 LEU A C   1 
ATOM   933  O O   . LEU A 1 120 ? 0.923   0.008   16.060  1.00 26.79 ? 120 LEU A O   1 
ATOM   934  C CB  . LEU A 1 120 ? 0.292   2.721   15.004  1.00 24.34 ? 120 LEU A CB  1 
ATOM   935  C CG  . LEU A 1 120 ? -0.499  3.784   14.287  1.00 22.22 ? 120 LEU A CG  1 
ATOM   936  C CD1 . LEU A 1 120 ? 0.072   4.044   12.900  1.00 22.34 ? 120 LEU A CD1 1 
ATOM   937  C CD2 . LEU A 1 120 ? -1.951  3.367   14.081  1.00 21.75 ? 120 LEU A CD2 1 
ATOM   938  N N   . ARG A 1 121 ? 1.000   0.990   18.069  1.00 28.67 ? 121 ARG A N   1 
ATOM   939  C CA  . ARG A 1 121 ? 1.825   -0.037  18.709  1.00 30.06 ? 121 ARG A CA  1 
ATOM   940  C C   . ARG A 1 121 ? 1.248   -1.431  18.494  1.00 29.20 ? 121 ARG A C   1 
ATOM   941  O O   . ARG A 1 121 ? 2.013   -2.356  18.162  1.00 29.32 ? 121 ARG A O   1 
ATOM   942  C CB  . ARG A 1 121 ? 2.004   0.160   20.223  1.00 35.19 ? 121 ARG A CB  1 
ATOM   943  C CG  . ARG A 1 121 ? 3.339   0.788   20.614  1.00 41.67 ? 121 ARG A CG  1 
ATOM   944  C CD  . ARG A 1 121 ? 4.517   -0.101  20.317  1.00 46.97 ? 121 ARG A CD  1 
ATOM   945  N NE  . ARG A 1 121 ? 5.818   0.349   20.787  1.00 50.52 ? 121 ARG A NE  1 
ATOM   946  C CZ  . ARG A 1 121 ? 6.418   0.181   21.962  1.00 52.09 ? 121 ARG A CZ  1 
ATOM   947  N NH1 . ARG A 1 121 ? 5.892   -0.530  22.963  1.00 52.79 ? 121 ARG A NH1 1 
ATOM   948  N NH2 . ARG A 1 121 ? 7.588   0.807   22.171  1.00 53.49 ? 121 ARG A NH2 1 
ATOM   949  N N   . SER A 1 122 ? -0.053  -1.585  18.647  1.00 27.92 ? 122 SER A N   1 
ATOM   950  C CA  . SER A 1 122 ? -0.701  -2.892  18.476  1.00 27.20 ? 122 SER A CA  1 
ATOM   951  C C   . SER A 1 122 ? -0.526  -3.512  17.090  1.00 25.94 ? 122 SER A C   1 
ATOM   952  O O   . SER A 1 122 ? -0.666  -4.758  17.008  1.00 25.40 ? 122 SER A O   1 
ATOM   953  C CB  . SER A 1 122 ? -2.189  -2.787  18.818  1.00 28.86 ? 122 SER A CB  1 
ATOM   954  O OG  . SER A 1 122 ? -2.930  -2.057  17.863  1.00 31.88 ? 122 SER A OG  1 
ATOM   955  N N   . TYR A 1 123 ? -0.240  -2.750  16.050  1.00 24.52 ? 123 TYR A N   1 
ATOM   956  C CA  . TYR A 1 123 ? -0.075  -3.324  14.707  1.00 22.85 ? 123 TYR A CA  1 
ATOM   957  C C   . TYR A 1 123 ? 1.207   -4.147  14.581  1.00 22.11 ? 123 TYR A C   1 
ATOM   958  O O   . TYR A 1 123 ? 1.207   -5.026  13.704  1.00 21.61 ? 123 TYR A O   1 
ATOM   959  C CB  . TYR A 1 123 ? -0.143  -2.227  13.612  1.00 20.58 ? 123 TYR A CB  1 
ATOM   960  C CG  . TYR A 1 123 ? -1.567  -1.753  13.449  1.00 19.25 ? 123 TYR A CG  1 
ATOM   961  C CD1 . TYR A 1 123 ? -2.481  -2.442  12.655  1.00 18.09 ? 123 TYR A CD1 1 
ATOM   962  C CD2 . TYR A 1 123 ? -1.989  -0.620  14.156  1.00 18.58 ? 123 TYR A CD2 1 
ATOM   963  C CE1 . TYR A 1 123 ? -3.799  -2.008  12.545  1.00 17.90 ? 123 TYR A CE1 1 
ATOM   964  C CE2 . TYR A 1 123 ? -3.302  -0.178  14.037  1.00 18.50 ? 123 TYR A CE2 1 
ATOM   965  C CZ  . TYR A 1 123 ? -4.214  -0.870  13.232  1.00 18.36 ? 123 TYR A CZ  1 
ATOM   966  O OH  . TYR A 1 123 ? -5.496  -0.407  13.129  1.00 17.86 ? 123 TYR A OH  1 
ATOM   967  N N   . VAL A 1 124 ? 2.206   -3.904  15.394  1.00 22.00 ? 124 VAL A N   1 
ATOM   968  C CA  . VAL A 1 124 ? 3.472   -4.663  15.312  1.00 22.27 ? 124 VAL A CA  1 
ATOM   969  C C   . VAL A 1 124 ? 3.754   -5.457  16.581  1.00 22.33 ? 124 VAL A C   1 
ATOM   970  O O   . VAL A 1 124 ? 4.780   -6.122  16.732  1.00 22.23 ? 124 VAL A O   1 
ATOM   971  C CB  . VAL A 1 124 ? 4.598   -3.674  14.953  1.00 22.31 ? 124 VAL A CB  1 
ATOM   972  C CG1 . VAL A 1 124 ? 4.539   -3.231  13.501  1.00 21.69 ? 124 VAL A CG1 1 
ATOM   973  C CG2 . VAL A 1 124 ? 4.580   -2.511  15.951  1.00 22.71 ? 124 VAL A CG2 1 
ATOM   974  N N   . ALA A 1 125 ? 2.809   -5.390  17.498  1.00 22.81 ? 125 ALA A N   1 
ATOM   975  C CA  . ALA A 1 125 ? 2.890   -6.095  18.786  1.00 23.20 ? 125 ALA A CA  1 
ATOM   976  C C   . ALA A 1 125 ? 2.976   -7.598  18.531  1.00 22.78 ? 125 ALA A C   1 
ATOM   977  O O   . ALA A 1 125 ? 2.241   -8.180  17.715  1.00 23.52 ? 125 ALA A O   1 
ATOM   978  C CB  . ALA A 1 125 ? 1.714   -5.746  19.679  1.00 23.72 ? 125 ALA A CB  1 
ATOM   979  N N   . GLY A 1 126 ? 3.914   -8.226  19.220  1.00 22.56 ? 126 GLY A N   1 
ATOM   980  C CA  . GLY A 1 126 ? 4.174   -9.658  19.136  1.00 21.19 ? 126 GLY A CA  1 
ATOM   981  C C   . GLY A 1 126 ? 4.915   -10.107 17.888  1.00 20.67 ? 126 GLY A C   1 
ATOM   982  O O   . GLY A 1 126 ? 5.095   -11.328 17.724  1.00 21.06 ? 126 GLY A O   1 
ATOM   983  N N   . CYS A 1 127 ? 5.362   -9.206  17.035  1.00 19.96 ? 127 CYS A N   1 
ATOM   984  C CA  . CYS A 1 127 ? 6.041   -9.598  15.796  1.00 19.23 ? 127 CYS A CA  1 
ATOM   985  C C   . CYS A 1 127 ? 7.538   -9.794  15.959  1.00 19.36 ? 127 CYS A C   1 
ATOM   986  O O   . CYS A 1 127 ? 8.033   -10.475 15.065  1.00 19.47 ? 127 CYS A O   1 
ATOM   987  C CB  . CYS A 1 127 ? 5.719   -8.558  14.721  1.00 17.16 ? 127 CYS A CB  1 
ATOM   988  S SG  . CYS A 1 127 ? 3.947   -8.468  14.343  1.00 17.40 ? 127 CYS A SG  1 
ATOM   989  N N   . GLY A 1 128 ? 8.168   -9.257  16.966  1.00 20.12 ? 128 GLY A N   1 
ATOM   990  C CA  . GLY A 1 128 ? 9.588   -9.360  17.255  1.00 20.80 ? 128 GLY A CA  1 
ATOM   991  C C   . GLY A 1 128 ? 10.466  -8.541  16.327  1.00 21.81 ? 128 GLY A C   1 
ATOM   992  O O   . GLY A 1 128 ? 11.649  -8.883  16.154  1.00 22.35 ? 128 GLY A O   1 
ATOM   993  N N   . VAL A 1 129 ? 9.947   -7.491  15.721  1.00 22.52 ? 129 VAL A N   1 
ATOM   994  C CA  . VAL A 1 129 ? 10.668  -6.610  14.803  1.00 23.46 ? 129 VAL A CA  1 
ATOM   995  C C   . VAL A 1 129 ? 10.645  -5.172  15.402  1.00 24.20 ? 129 VAL A C   1 
ATOM   996  O O   . VAL A 1 129 ? 11.810  -4.669  15.287  1.00 25.36 ? 129 VAL A O   1 
ATOM   997  C CB  . VAL A 1 129 ? 10.134  -6.647  13.365  1.00 23.54 ? 129 VAL A CB  1 
ATOM   998  C CG1 . VAL A 1 129 ? 10.325  -7.967  12.628  1.00 24.51 ? 129 VAL A CG1 1 
ATOM   999  C CG2 . VAL A 1 129 ? 8.656   -6.275  13.309  1.00 24.15 ? 129 VAL A CG2 1 
HETATM 1000 O O1  . GUM B 2 .   ? -10.895 8.826   -2.065  1.00 45.90 ? 130 GUM A O1  1 
HETATM 1001 C C2  . GUM B 2 .   ? -9.971  5.134   -3.290  1.00 40.58 ? 130 GUM A C2  1 
HETATM 1002 O O2  . GUM B 2 .   ? -12.848 9.516   -1.049  1.00 50.24 ? 130 GUM A O2  1 
HETATM 1003 C C3  . GUM B 2 .   ? -8.684  5.513   -3.789  1.00 39.32 ? 130 GUM A C3  1 
HETATM 1004 C C4  . GUM B 2 .   ? -8.013  6.755   -3.821  1.00 36.05 ? 130 GUM A C4  1 
HETATM 1005 C C5  . GUM B 2 .   ? -8.522  8.005   -3.317  1.00 39.58 ? 130 GUM A C5  1 
HETATM 1006 C C6  . GUM B 2 .   ? -9.876  7.855   -2.744  1.00 41.99 ? 130 GUM A C6  1 
HETATM 1007 C C7  . GUM B 2 .   ? -12.598 7.254   -1.650  1.00 45.80 ? 130 GUM A C7  1 
HETATM 1008 C C8  . GUM B 2 .   ? -11.980 6.104   -2.184  1.00 43.53 ? 130 GUM A C8  1 
HETATM 1009 C C1  . GUM B 2 .   ? -10.639 6.344   -2.731  1.00 41.39 ? 130 GUM A C1  1 
HETATM 1010 C C9  . GUM B 2 .   ? -12.222 8.618   -1.514  1.00 45.98 ? 130 GUM A C9  1 
HETATM 1011 C C10 . GUM B 2 .   ? -12.563 4.713   -2.217  1.00 44.43 ? 130 GUM A C10 1 
HETATM 1012 O O3  . GUM B 2 .   ? -6.741  6.877   -4.335  1.00 28.63 ? 130 GUM A O3  1 
HETATM 1013 C C11 . GUM B 2 .   ? -5.940  7.943   -4.507  1.00 26.87 ? 130 GUM A C11 1 
HETATM 1014 C C12 . GUM B 2 .   ? -4.331  8.007   -4.581  1.00 24.76 ? 130 GUM A C12 1 
HETATM 1015 C C13 . GUM B 2 .   ? -3.679  9.468   -4.365  1.00 24.45 ? 130 GUM A C13 1 
HETATM 1016 C C14 . GUM B 2 .   ? -4.561  10.417  -5.283  1.00 24.88 ? 130 GUM A C14 1 
HETATM 1017 C C15 . GUM B 2 .   ? -6.019  10.364  -4.772  1.00 26.16 ? 130 GUM A C15 1 
HETATM 1018 O O4  . GUM B 2 .   ? -6.598  9.091   -5.023  1.00 25.92 ? 130 GUM A O4  1 
HETATM 1019 N N1  . GUM B 2 .   ? -3.710  7.049   -3.675  1.00 21.44 ? 130 GUM A N1  1 
HETATM 1020 C C16 . GUM B 2 .   ? -7.030  11.386  -5.295  1.00 28.63 ? 130 GUM A C16 1 
HETATM 1021 O O5  . GUM B 2 .   ? -6.699  12.300  -6.340  1.00 32.47 ? 130 GUM A O5  1 
HETATM 1022 C C17 . GUM B 2 .   ? -3.288  5.911   -4.230  1.00 19.62 ? 130 GUM A C17 1 
HETATM 1023 O O6  . GUM B 2 .   ? -3.369  5.478   -5.317  1.00 20.82 ? 130 GUM A O6  1 
HETATM 1024 C C18 . GUM B 2 .   ? -2.604  5.400   -2.948  1.00 19.61 ? 130 GUM A C18 1 
HETATM 1025 O O7  . GUM B 2 .   ? -3.928  11.629  -4.841  1.00 24.02 ? 130 GUM A O7  1 
HETATM 1026 O O8  . GUM B 2 .   ? -2.473  9.353   -5.127  1.00 19.58 ? 130 GUM A O8  1 
HETATM 1027 C C19 . GUM B 2 .   ? -3.629  12.490  -5.914  1.00 24.17 ? 130 GUM A C19 1 
HETATM 1028 C C20 . GUM B 2 .   ? -3.358  13.921  -5.481  1.00 25.13 ? 130 GUM A C20 1 
HETATM 1029 C C21 . GUM B 2 .   ? -2.590  14.761  -6.490  1.00 25.27 ? 130 GUM A C21 1 
HETATM 1030 C C22 . GUM B 2 .   ? -1.258  14.143  -6.896  1.00 24.55 ? 130 GUM A C22 1 
HETATM 1031 C C23 . GUM B 2 .   ? -1.263  12.643  -7.216  1.00 23.68 ? 130 GUM A C23 1 
HETATM 1032 O O9  . GUM B 2 .   ? -2.392  12.022  -6.496  1.00 23.65 ? 130 GUM A O9  1 
HETATM 1033 N N2  . GUM B 2 .   ? -4.691  14.533  -5.300  1.00 25.81 ? 130 GUM A N2  1 
HETATM 1034 O O10 . GUM B 2 .   ? -0.598  14.837  -7.981  1.00 25.41 ? 130 GUM A O10 1 
HETATM 1035 C C24 . GUM B 2 .   ? 0.023   11.968  -6.920  1.00 22.60 ? 130 GUM A C24 1 
HETATM 1036 O O11 . GUM B 2 .   ? 0.933   12.474  -5.961  1.00 22.02 ? 130 GUM A O11 1 
HETATM 1037 C C25 . GUM B 2 .   ? -5.126  15.024  -4.129  1.00 27.30 ? 130 GUM A C25 1 
HETATM 1038 O O12 . GUM B 2 .   ? -4.680  14.619  -3.046  1.00 27.99 ? 130 GUM A O12 1 
HETATM 1039 C C26 . GUM B 2 .   ? -6.226  16.086  -4.221  1.00 28.66 ? 130 GUM A C26 1 
HETATM 1040 O O13 . GUM B 2 .   ? -2.300  16.066  -5.954  1.00 28.34 ? 130 GUM A O13 1 
HETATM 1041 O O   . HOH C 3 .   ? 11.689  -6.200  -1.813  1.00 39.72 ? 134 HOH A O   1 
HETATM 1042 O O   . HOH C 3 .   ? 6.431   7.827   11.406  1.00 24.10 ? 135 HOH A O   1 
HETATM 1043 O O   . HOH C 3 .   ? -4.367  -12.029 8.077   1.00 23.95 ? 136 HOH A O   1 
HETATM 1044 O O   . HOH C 3 .   ? -6.725  -10.665 7.014   1.00 34.94 ? 137 HOH A O   1 
HETATM 1045 O O   . HOH C 3 .   ? 1.724   -14.808 -7.494  1.00 31.47 ? 138 HOH A O   1 
HETATM 1046 O O   . HOH C 3 .   ? 4.491   -14.147 -6.443  1.00 21.89 ? 139 HOH A O   1 
HETATM 1047 O O   . HOH C 3 .   ? -0.008  -5.836  -3.498  1.00 15.30 ? 140 HOH A O   1 
HETATM 1048 O O   . HOH C 3 .   ? 2.003   -7.644  -4.269  1.00 13.42 ? 141 HOH A O   1 
HETATM 1049 O O   . HOH C 3 .   ? 3.921   -6.908  -6.181  1.00 10.55 ? 142 HOH A O   1 
HETATM 1050 O O   . HOH C 3 .   ? 6.792   -8.345  -7.119  1.00 18.86 ? 143 HOH A O   1 
HETATM 1051 O O   . HOH C 3 .   ? 4.892   -8.701  -9.333  1.00 24.73 ? 144 HOH A O   1 
HETATM 1052 O O   . HOH C 3 .   ? -15.583 5.091   -5.544  1.00 47.66 ? 145 HOH A O   1 
HETATM 1053 O O   . HOH C 3 .   ? -8.599  8.383   -8.782  1.00 24.71 ? 146 HOH A O   1 
HETATM 1054 O O   . HOH C 3 .   ? -2.541  12.386  -2.422  1.00 24.36 ? 147 HOH A O   1 
HETATM 1055 O O   . HOH C 3 .   ? 1.119   14.439  -3.431  1.00 16.35 ? 148 HOH A O   1 
HETATM 1056 O O   . HOH C 3 .   ? 0.011   11.856  -3.663  1.00 20.41 ? 149 HOH A O   1 
HETATM 1057 O O   . HOH C 3 .   ? -4.482  2.731   -15.942 1.00 20.98 ? 150 HOH A O   1 
HETATM 1058 O O   . HOH C 3 .   ? -15.373 -5.983  -18.722 1.00 43.61 ? 151 HOH A O   1 
HETATM 1059 O O   . HOH C 3 .   ? -9.224  -4.376  -13.337 1.00 14.42 ? 152 HOH A O   1 
HETATM 1060 O O   . HOH C 3 .   ? -9.964  0.463   -13.672 1.00 11.77 ? 153 HOH A O   1 
HETATM 1061 O O   . HOH C 3 .   ? -17.605 10.131  -11.751 1.00 54.88 ? 154 HOH A O   1 
HETATM 1062 O O   . HOH C 3 .   ? -0.560  -2.693  -3.600  1.00 9.74  ? 155 HOH A O   1 
HETATM 1063 O O   . HOH C 3 .   ? -3.941  -3.982  -19.625 1.00 14.93 ? 156 HOH A O   1 
HETATM 1064 O O   . HOH C 3 .   ? -3.627  1.584   -21.173 1.00 54.39 ? 157 HOH A O   1 
HETATM 1065 O O   . HOH C 3 .   ? -11.003 1.209   -28.262 1.00 50.07 ? 158 HOH A O   1 
HETATM 1066 O O   . HOH C 3 .   ? -0.962  -7.455  -17.155 1.00 20.76 ? 159 HOH A O   1 
HETATM 1067 O O   . HOH C 3 .   ? 3.753   -0.502  -17.930 1.00 45.49 ? 160 HOH A O   1 
HETATM 1068 O O   . HOH C 3 .   ? 10.746  3.194   -5.636  1.00 30.03 ? 161 HOH A O   1 
HETATM 1069 O O   . HOH C 3 .   ? 11.477  5.355   -4.458  1.00 41.92 ? 162 HOH A O   1 
HETATM 1070 O O   . HOH C 3 .   ? -1.775  -2.761  -23.842 1.00 30.97 ? 163 HOH A O   1 
HETATM 1071 O O   . HOH C 3 .   ? -2.715  -1.734  -20.861 1.00 28.19 ? 164 HOH A O   1 
HETATM 1072 O O   . HOH C 3 .   ? 10.932  -3.771  -3.484  1.00 19.86 ? 165 HOH A O   1 
HETATM 1073 O O   . HOH C 3 .   ? 4.544   10.856  4.848   1.00 24.17 ? 166 HOH A O   1 
HETATM 1074 O O   . HOH C 3 .   ? 9.183   16.927  -1.796  1.00 24.97 ? 167 HOH A O   1 
HETATM 1075 O O   . HOH C 3 .   ? 6.790   12.582  1.235   1.00 24.12 ? 168 HOH A O   1 
HETATM 1076 O O   . HOH C 3 .   ? -0.156  10.495  12.503  1.00 39.96 ? 169 HOH A O   1 
HETATM 1077 O O   . HOH C 3 .   ? -11.370 8.599   13.290  1.00 44.83 ? 170 HOH A O   1 
HETATM 1078 O O   . HOH C 3 .   ? -4.741  6.537   20.037  1.00 59.30 ? 171 HOH A O   1 
HETATM 1079 O O   . HOH C 3 .   ? 7.294   -7.838  19.902  1.00 36.52 ? 172 HOH A O   1 
HETATM 1080 O O   . HOH C 3 .   ? 1.264   12.698  10.036  1.00 63.24 ? 173 HOH A O   1 
HETATM 1081 O O   . HOH C 3 .   ? -2.199  -6.489  18.167  1.00 52.23 ? 174 HOH A O   1 
HETATM 1082 O O   . HOH C 3 .   ? 1.273   -19.138 4.660   1.00 68.43 ? 175 HOH A O   1 
HETATM 1083 O O   . HOH C 3 .   ? -9.115  -14.932 3.982   1.00 45.02 ? 176 HOH A O   1 
HETATM 1084 O O   . HOH C 3 .   ? -14.941 -3.306  -6.754  1.00 32.49 ? 177 HOH A O   1 
HETATM 1085 O O   . HOH C 3 .   ? -13.744 -1.283  -23.226 1.00 57.01 ? 178 HOH A O   1 
HETATM 1086 O O   . HOH C 3 .   ? -19.815 8.714   -12.614 1.00 55.97 ? 179 HOH A O   1 
HETATM 1087 O O   . HOH C 3 .   ? 5.939   16.015  -13.558 1.00 47.26 ? 180 HOH A O   1 
HETATM 1088 O O   . HOH C 3 .   ? -9.987  2.745   13.319  1.00 47.66 ? 181 HOH A O   1 
HETATM 1089 O O   . HOH C 3 .   ? 2.939   -10.307 -12.593 1.00 45.72 ? 182 HOH A O   1 
HETATM 1090 O O   . HOH C 3 .   ? -6.564  5.110   18.741  1.00 47.94 ? 183 HOH A O   1 
HETATM 1091 O O   . HOH C 3 .   ? -11.518 -2.493  6.050   1.00 53.49 ? 184 HOH A O   1 
HETATM 1092 O O   . HOH C 3 .   ? -5.712  3.193   -18.582 1.00 25.59 ? 185 HOH A O   1 
HETATM 1093 O O   . HOH C 3 .   ? 1.735   -0.106  -19.723 1.00 44.49 ? 186 HOH A O   1 
HETATM 1094 O O   . HOH C 3 .   ? 2.982   -16.830 9.005   1.00 49.97 ? 187 HOH A O   1 
HETATM 1095 O O   . HOH C 3 .   ? -1.979  5.337   -14.481 1.00 37.35 ? 188 HOH A O   1 
HETATM 1096 O O   . HOH C 3 .   ? 1.223   10.085  -19.245 1.00 62.04 ? 189 HOH A O   1 
HETATM 1097 O O   . HOH C 3 .   ? 15.976  -0.554  -6.535  1.00 62.33 ? 190 HOH A O   1 
HETATM 1098 O O   . HOH C 3 .   ? -10.696 -4.866  3.450   1.00 53.03 ? 191 HOH A O   1 
HETATM 1099 O O   . HOH C 3 .   ? -1.957  -18.827 1.002   1.00 56.29 ? 192 HOH A O   1 
HETATM 1100 O O   . HOH C 3 .   ? -3.332  -11.460 10.803  1.00 30.62 ? 193 HOH A O   1 
HETATM 1101 O O   . HOH C 3 .   ? 1.119   -13.081 14.680  1.00 65.70 ? 194 HOH A O   1 
HETATM 1102 O O   . HOH C 3 .   ? 12.801  -1.367  7.341   1.00 14.63 ? 195 HOH A O   1 
HETATM 1103 O O   . HOH C 3 .   ? -0.863  -10.478 -12.757 1.00 39.89 ? 196 HOH A O   1 
HETATM 1104 O O   . HOH C 3 .   ? 8.167   15.277  -3.995  1.00 26.46 ? 197 HOH A O   1 
HETATM 1105 O O   . HOH C 3 .   ? 7.988   1.988   16.355  1.00 59.44 ? 198 HOH A O   1 
HETATM 1106 O O   . HOH C 3 .   ? 11.358  -10.751 2.587   1.00 39.84 ? 199 HOH A O   1 
HETATM 1107 O O   . HOH C 3 .   ? -0.492  -16.827 4.404   1.00 52.86 ? 200 HOH A O   1 
HETATM 1108 O O   . HOH C 3 .   ? -12.803 -10.082 2.664   1.00 49.40 ? 201 HOH A O   1 
HETATM 1109 O O   . HOH C 3 .   ? 16.312  -0.065  2.164   1.00 47.34 ? 202 HOH A O   1 
HETATM 1110 O O   . HOH C 3 .   ? 0.893   13.276  6.415   1.00 64.68 ? 203 HOH A O   1 
HETATM 1111 O O   . HOH C 3 .   ? 16.653  3.380   0.792   1.00 38.59 ? 204 HOH A O   1 
HETATM 1112 O O   . HOH C 3 .   ? 9.001   -9.452  -8.511  1.00 48.25 ? 205 HOH A O   1 
HETATM 1113 O O   . HOH C 3 .   ? -13.652 -3.170  -2.712  1.00 36.64 ? 206 HOH A O   1 
HETATM 1114 O O   . HOH C 3 .   ? 20.324  -0.796  10.755  1.00 68.87 ? 207 HOH A O   1 
HETATM 1115 O O   . HOH C 3 .   ? 7.398   -13.004 17.661  1.00 39.79 ? 208 HOH A O   1 
HETATM 1116 O O   . HOH C 3 .   ? -7.203  3.507   -21.258 1.00 46.70 ? 209 HOH A O   1 
HETATM 1117 O O   . HOH C 3 .   ? -13.846 5.992   3.063   1.00 52.34 ? 210 HOH A O   1 
HETATM 1118 O O   . HOH C 3 .   ? 16.773  -0.315  4.771   1.00 47.57 ? 211 HOH A O   1 
HETATM 1119 O O   . HOH C 3 .   ? 7.924   19.143  -2.880  1.00 48.09 ? 212 HOH A O   1 
HETATM 1120 O O   . HOH C 3 .   ? -13.000 -2.171  3.129   1.00 63.96 ? 213 HOH A O   1 
HETATM 1121 O O   . HOH C 3 .   ? 12.046  9.544   11.271  1.00 66.68 ? 214 HOH A O   1 
HETATM 1122 O O   . HOH C 3 .   ? -9.614  -10.645 2.100   1.00 38.17 ? 215 HOH A O   1 
HETATM 1123 O O   . HOH C 3 .   ? -6.148  10.331  -1.104  1.00 25.01 ? 216 HOH A O   1 
HETATM 1124 O O   . HOH C 3 .   ? 6.464   18.383  -0.075  1.00 52.86 ? 217 HOH A O   1 
HETATM 1125 O O   . HOH C 3 .   ? 5.236   14.916  3.112   1.00 59.91 ? 218 HOH A O   1 
HETATM 1126 O O   . HOH C 3 .   ? 17.567  2.407   -7.080  1.00 59.30 ? 219 HOH A O   1 
HETATM 1127 O O   . HOH C 3 .   ? -9.705  -1.819  -24.780 1.00 52.77 ? 220 HOH A O   1 
HETATM 1128 O O   . HOH C 3 .   ? -13.523 -7.869  1.173   1.00 49.51 ? 221 HOH A O   1 
HETATM 1129 O O   . HOH C 3 .   ? -16.622 -0.055  -4.966  1.00 50.38 ? 222 HOH A O   1 
HETATM 1130 O O   . HOH C 3 .   ? 15.363  -6.388  -5.522  1.00 70.34 ? 223 HOH A O   1 
HETATM 1131 O O   . HOH C 3 .   ? 8.482   -4.086  -12.707 1.00 38.23 ? 224 HOH A O   1 
HETATM 1132 O O   . HOH C 3 .   ? -6.197  5.033   -0.676  1.00 20.00 ? 225 HOH A O   1 
HETATM 1133 O O   . HOH C 3 .   ? 15.667  0.561   -20.069 1.00 62.15 ? 226 HOH A O   1 
HETATM 1134 O O   . HOH C 3 .   ? 7.454   -12.517 13.602  1.00 26.39 ? 227 HOH A O   1 
HETATM 1135 O O   . HOH C 3 .   ? -10.733 15.402  -3.050  1.00 70.12 ? 228 HOH A O   1 
HETATM 1136 O O   . HOH C 3 .   ? 16.642  5.054   14.234  1.00 65.47 ? 229 HOH A O   1 
HETATM 1137 O O   . HOH C 3 .   ? 8.507   -1.937  -14.825 1.00 49.17 ? 230 HOH A O   1 
HETATM 1138 O O   . HOH C 3 .   ? 3.237   11.896  -16.550 1.00 55.24 ? 231 HOH A O   1 
HETATM 1139 O O   . HOH C 3 .   ? 14.416  4.625   4.782   1.00 58.40 ? 232 HOH A O   1 
HETATM 1140 O O   . HOH C 3 .   ? 10.698  5.063   11.992  1.00 55.56 ? 233 HOH A O   1 
HETATM 1141 O O   . HOH C 3 .   ? 1.684   -0.520  -22.264 1.00 59.62 ? 234 HOH A O   1 
HETATM 1142 O O   . HOH C 3 .   ? 3.605   -14.935 11.735  1.00 46.80 ? 235 HOH A O   1 
HETATM 1143 O O   . HOH C 3 .   ? 7.694   14.904  -0.327  1.00 52.69 ? 236 HOH A O   1 
HETATM 1144 O O   . HOH C 3 .   ? 13.556  7.547   8.862   1.00 45.23 ? 237 HOH A O   1 
HETATM 1145 O O   . HOH C 3 .   ? 1.750   11.110  -1.904  1.00 17.37 ? 238 HOH A O   1 
HETATM 1146 O O   . HOH C 3 .   ? 7.442   -1.299  -8.609  1.00 35.88 ? 239 HOH A O   1 
HETATM 1147 O O   . HOH C 3 .   ? -13.498 7.770   -5.553  1.00 48.77 ? 240 HOH A O   1 
HETATM 1148 O O   . HOH C 3 .   ? 5.099   -5.625  22.120  1.00 52.95 ? 241 HOH A O   1 
HETATM 1149 O O   . HOH C 3 .   ? 14.766  2.115   -1.868  1.00 47.11 ? 242 HOH A O   1 
HETATM 1150 O O   . HOH C 3 .   ? -9.525  4.991   -21.393 1.00 59.45 ? 243 HOH A O   1 
HETATM 1151 O O   . HOH C 3 .   ? 7.495   11.430  10.688  1.00 54.35 ? 244 HOH A O   1 
HETATM 1152 O O   . HOH C 3 .   ? 8.489   19.812  -8.034  1.00 33.86 ? 245 HOH A O   1 
HETATM 1153 O O   . HOH C 3 .   ? 2.296   15.615  -7.584  1.00 47.27 ? 246 HOH A O   1 
HETATM 1154 O O   . HOH C 3 .   ? 4.112   20.754  -0.011  1.00 57.73 ? 247 HOH A O   1 
HETATM 1155 O O   . HOH C 3 .   ? -8.023  -8.882  -7.845  1.00 67.50 ? 248 HOH A O   1 
HETATM 1156 O O   . HOH C 3 .   ? -11.048 -2.908  -2.112  1.00 52.65 ? 249 HOH A O   1 
HETATM 1157 O O   . HOH C 3 .   ? 13.854  -3.375  -1.112  1.00 50.72 ? 250 HOH A O   1 
HETATM 1158 O O   . HOH C 3 .   ? 5.241   5.181   -17.529 1.00 55.71 ? 251 HOH A O   1 
HETATM 1159 O O   . HOH C 3 .   ? 9.600   7.952   11.554  1.00 55.70 ? 252 HOH A O   1 
HETATM 1160 O O   . HOH C 3 .   ? 7.843   1.890   -21.579 1.00 57.16 ? 253 HOH A O   1 
HETATM 1161 O O   . HOH C 3 .   ? 0.077   0.315   -24.214 1.00 65.47 ? 254 HOH A O   1 
HETATM 1162 O O   . HOH C 3 .   ? 8.784   2.424   -16.920 1.00 52.75 ? 255 HOH A O   1 
HETATM 1163 O O   . HOH C 3 .   ? 10.281  -4.299  -18.057 1.00 58.52 ? 256 HOH A O   1 
HETATM 1164 O O   . HOH C 3 .   ? -11.312 -6.589  -0.535  1.00 40.70 ? 257 HOH A O   1 
HETATM 1165 O O   . HOH C 3 .   ? 8.009   1.274   -9.512  1.00 34.80 ? 258 HOH A O   1 
HETATM 1166 O O   . HOH C 3 .   ? 14.703  1.289   0.617   1.00 46.69 ? 259 HOH A O   1 
HETATM 1167 O O   . HOH C 3 .   ? 10.065  0.281   -19.291 1.00 67.40 ? 260 HOH A O   1 
HETATM 1168 O O   . HOH C 3 .   ? -9.262  -8.536  0.761   1.00 36.53 ? 261 HOH A O   1 
HETATM 1169 O O   . HOH C 3 .   ? -13.146 -4.484  -10.324 1.00 29.98 ? 262 HOH A O   1 
HETATM 1170 O O   . HOH C 3 .   ? -4.371  15.723  11.596  1.00 46.79 ? 263 HOH A O   1 
HETATM 1171 O O   . HOH C 3 .   ? -12.915 26.274  -33.759 1.00 68.14 ? 264 HOH A O   1 
HETATM 1172 O O   . HOH C 3 .   ? -14.808 2.923   -3.947  1.00 59.05 ? 265 HOH A O   1 
HETATM 1173 O O   . HOH C 3 .   ? -14.261 9.764   1.252   1.00 55.75 ? 266 HOH A O   1 
# 
